data_9PQG
#
_entry.id   9PQG
#
_cell.length_a   80.656
_cell.length_b   97.754
_cell.length_c   204.563
_cell.angle_alpha   90.000
_cell.angle_beta   90.000
_cell.angle_gamma   90.000
#
_symmetry.space_group_name_H-M   'P 21 21 21'
#
loop_
_entity.id
_entity.type
_entity.pdbx_description
1 polymer 'Peptidase C30'
2 non-polymer N-(methoxycarbonyl)-3-methyl-L-valyl-(4R)-N-{(1Z,2S)-1-imino-3-[(3S)-2-oxopyrrolidin-3-yl]propan-2-yl}-4-(trifluoromethyl)-L-prolinamide
3 water water
#
_entity_poly.entity_id   1
_entity_poly.type   'polypeptide(L)'
_entity_poly.pdbx_seq_one_letter_code
;SGLRKMAQPSGIVEPCIVRVAYGSNVLNGLWIGDEVICPRHVIASDTSRVINYDNELSSVRLHNFSIAKNNVFLGVVSAK
YKGVNLVLKVNQVNPNTPAHKFKSVKPGESFNILACYEGCPGSVYGVNMRSQGTIKGSFIAGTCGSVGYVLENGILYFVY
MHHLELGNGSHVGSNLEGEMYGGYEDQPSMQLEGTNVMSSDNVVAFLYAALINGERWFVTNASMSLESYNAWAKTNSFTE
IVSTDAFNMLAAKTGYSVEKLLECIVRLNKGFGGRTILSYGSLCDEFTPTEVIRQMYGVNLQ
;
_entity_poly.pdbx_strand_id   A,B,C,D
#
loop_
_chem_comp.id
_chem_comp.type
_chem_comp.name
_chem_comp.formula
YDL non-polymer N-(methoxycarbonyl)-3-methyl-L-valyl-(4R)-N-{(1Z,2S)-1-imino-3-[(3S)-2-oxopyrrolidin-3-yl]propan-2-yl}-4-(trifluoromethyl)-L-prolinamide 'C21 H32 F3 N5 O5'
#
# COMPACT_ATOMS: atom_id res chain seq x y z
N SER A 1 -17.20 1.53 1.20
CA SER A 1 -16.83 2.67 0.37
C SER A 1 -15.84 2.25 -0.71
N GLY A 2 -15.69 3.09 -1.72
CA GLY A 2 -14.70 2.89 -2.76
C GLY A 2 -15.30 2.41 -4.07
N LEU A 3 -14.73 2.90 -5.18
CA LEU A 3 -15.12 2.48 -6.51
C LEU A 3 -13.89 2.03 -7.27
N ARG A 4 -13.93 0.81 -7.81
CA ARG A 4 -12.82 0.26 -8.57
C ARG A 4 -13.39 -0.51 -9.74
N LYS A 5 -12.78 -0.34 -10.92
CA LYS A 5 -13.16 -1.15 -12.07
C LYS A 5 -12.85 -2.62 -11.78
N MET A 6 -13.87 -3.46 -11.87
CA MET A 6 -13.73 -4.85 -11.48
C MET A 6 -14.16 -5.78 -12.62
N ALA A 7 -13.81 -7.05 -12.46
CA ALA A 7 -14.21 -8.11 -13.37
C ALA A 7 -14.94 -9.19 -12.58
N GLN A 8 -15.90 -9.83 -13.22
CA GLN A 8 -16.57 -10.97 -12.59
C GLN A 8 -15.61 -12.16 -12.56
N PRO A 9 -15.77 -13.06 -11.59
CA PRO A 9 -14.82 -14.16 -11.45
C PRO A 9 -14.68 -14.96 -12.74
N SER A 10 -13.45 -15.40 -13.02
CA SER A 10 -13.10 -16.01 -14.29
C SER A 10 -12.97 -17.54 -14.23
N GLY A 11 -13.15 -18.14 -13.06
CA GLY A 11 -12.90 -19.56 -12.93
C GLY A 11 -13.68 -20.40 -13.93
N ILE A 12 -14.90 -19.99 -14.27
CA ILE A 12 -15.73 -20.76 -15.19
C ILE A 12 -15.20 -20.70 -16.62
N VAL A 13 -14.40 -19.69 -16.95
CA VAL A 13 -13.93 -19.51 -18.32
C VAL A 13 -12.54 -20.11 -18.50
N GLU A 14 -11.71 -20.02 -17.46
CA GLU A 14 -10.33 -20.45 -17.57
C GLU A 14 -10.15 -21.83 -18.19
N PRO A 15 -10.96 -22.84 -17.85
CA PRO A 15 -10.71 -24.19 -18.39
C PRO A 15 -10.97 -24.32 -19.89
N CYS A 16 -11.47 -23.29 -20.56
CA CYS A 16 -11.77 -23.35 -21.98
C CYS A 16 -10.65 -22.77 -22.86
N ILE A 17 -9.60 -22.24 -22.26
CA ILE A 17 -8.54 -21.57 -23.02
C ILE A 17 -7.51 -22.61 -23.48
N VAL A 18 -7.14 -22.53 -24.75
CA VAL A 18 -6.14 -23.41 -25.33
C VAL A 18 -5.16 -22.57 -26.14
N ARG A 19 -3.96 -23.13 -26.33
CA ARG A 19 -2.95 -22.53 -27.21
C ARG A 19 -3.21 -23.00 -28.63
N VAL A 20 -3.30 -22.05 -29.56
CA VAL A 20 -3.52 -22.35 -30.97
C VAL A 20 -2.35 -21.77 -31.76
N ALA A 21 -1.64 -22.63 -32.48
CA ALA A 21 -0.50 -22.22 -33.29
C ALA A 21 -0.64 -22.78 -34.69
N TYR A 22 -0.34 -21.95 -35.68
CA TYR A 22 -0.32 -22.36 -37.08
C TYR A 22 0.86 -21.68 -37.74
N GLY A 23 1.81 -22.48 -38.22
CA GLY A 23 3.01 -21.93 -38.81
C GLY A 23 3.84 -21.18 -37.80
N SER A 24 3.94 -19.86 -37.96
CA SER A 24 4.65 -19.01 -37.02
C SER A 24 3.71 -18.19 -36.15
N ASN A 25 2.40 -18.26 -36.38
CA ASN A 25 1.43 -17.53 -35.58
C ASN A 25 1.05 -18.36 -34.37
N VAL A 26 0.98 -17.71 -33.21
CA VAL A 26 0.62 -18.35 -31.96
C VAL A 26 -0.32 -17.43 -31.21
N LEU A 27 -1.49 -17.96 -30.84
CA LEU A 27 -2.47 -17.18 -30.11
C LEU A 27 -3.34 -18.12 -29.30
N ASN A 28 -4.52 -17.66 -28.89
CA ASN A 28 -5.40 -18.40 -28.02
C ASN A 28 -6.66 -18.84 -28.74
N GLY A 29 -7.25 -19.94 -28.27
CA GLY A 29 -8.51 -20.41 -28.76
C GLY A 29 -9.44 -20.77 -27.62
N LEU A 30 -10.74 -20.76 -27.91
CA LEU A 30 -11.77 -21.11 -26.96
C LEU A 30 -12.25 -22.54 -27.26
N TRP A 31 -11.94 -23.46 -26.35
CA TRP A 31 -12.28 -24.88 -26.51
C TRP A 31 -13.57 -25.14 -25.74
N ILE A 32 -14.68 -25.22 -26.49
CA ILE A 32 -15.99 -25.54 -25.92
C ILE A 32 -16.58 -26.68 -26.72
N GLY A 33 -17.06 -27.71 -26.04
CA GLY A 33 -17.51 -28.89 -26.74
C GLY A 33 -16.38 -29.50 -27.54
N ASP A 34 -16.71 -29.96 -28.75
CA ASP A 34 -15.72 -30.52 -29.66
C ASP A 34 -15.25 -29.50 -30.70
N GLU A 35 -15.16 -28.23 -30.30
CA GLU A 35 -14.86 -27.15 -31.22
C GLU A 35 -13.95 -26.14 -30.55
N VAL A 36 -13.02 -25.59 -31.34
CA VAL A 36 -12.08 -24.57 -30.88
C VAL A 36 -12.25 -23.36 -31.79
N ILE A 37 -12.54 -22.21 -31.19
CA ILE A 37 -12.75 -20.96 -31.92
C ILE A 37 -11.57 -20.02 -31.67
N CYS A 38 -11.09 -19.40 -32.73
CA CYS A 38 -9.97 -18.46 -32.64
C CYS A 38 -10.06 -17.49 -33.81
N PRO A 39 -9.36 -16.37 -33.75
CA PRO A 39 -9.35 -15.44 -34.89
C PRO A 39 -8.77 -16.12 -36.12
N ARG A 40 -9.43 -15.93 -37.26
CA ARG A 40 -9.02 -16.65 -38.47
C ARG A 40 -7.70 -16.16 -39.02
N HIS A 41 -7.24 -14.97 -38.61
CA HIS A 41 -5.96 -14.50 -39.12
C HIS A 41 -4.79 -15.33 -38.62
N VAL A 42 -5.04 -16.34 -37.79
CA VAL A 42 -3.97 -17.21 -37.34
C VAL A 42 -3.40 -18.04 -38.48
N ILE A 43 -4.18 -18.26 -39.55
CA ILE A 43 -3.67 -18.99 -40.71
C ILE A 43 -3.11 -18.06 -41.79
N ALA A 44 -3.19 -16.75 -41.59
CA ALA A 44 -2.63 -15.82 -42.56
C ALA A 44 -1.12 -15.97 -42.62
N SER A 45 -0.57 -15.93 -43.83
CA SER A 45 0.85 -16.12 -44.03
C SER A 45 1.64 -14.82 -43.87
N ASP A 46 1.02 -13.68 -44.15
CA ASP A 46 1.69 -12.39 -44.02
C ASP A 46 0.65 -11.38 -43.55
N THR A 47 0.75 -10.97 -42.29
CA THR A 47 -0.20 -10.04 -41.70
C THR A 47 0.20 -8.59 -41.90
N SER A 48 1.16 -8.33 -42.79
CA SER A 48 1.55 -6.96 -43.14
C SER A 48 0.96 -6.53 -44.47
N ARG A 49 0.37 -7.45 -45.23
CA ARG A 49 -0.25 -7.16 -46.51
C ARG A 49 -1.68 -7.69 -46.49
N VAL A 50 -2.47 -7.27 -47.47
CA VAL A 50 -3.86 -7.70 -47.56
C VAL A 50 -3.91 -9.22 -47.54
N ILE A 51 -4.97 -9.77 -46.95
CA ILE A 51 -5.11 -11.20 -46.75
C ILE A 51 -6.29 -11.68 -47.59
N ASN A 52 -6.09 -12.78 -48.32
CA ASN A 52 -7.17 -13.42 -49.06
C ASN A 52 -7.58 -14.64 -48.25
N TYR A 53 -8.57 -14.44 -47.37
CA TYR A 53 -8.97 -15.51 -46.47
C TYR A 53 -9.56 -16.71 -47.20
N ASP A 54 -10.24 -16.48 -48.33
CA ASP A 54 -10.71 -17.60 -49.13
C ASP A 54 -9.55 -18.49 -49.57
N ASN A 55 -8.47 -17.89 -50.06
CA ASN A 55 -7.34 -18.68 -50.53
C ASN A 55 -6.49 -19.21 -49.39
N GLU A 56 -6.66 -18.70 -48.18
CA GLU A 56 -5.96 -19.24 -47.01
C GLU A 56 -6.66 -20.48 -46.46
N LEU A 57 -8.00 -20.44 -46.36
CA LEU A 57 -8.73 -21.62 -45.91
C LEU A 57 -8.59 -22.77 -46.89
N SER A 58 -8.47 -22.47 -48.19
CA SER A 58 -8.35 -23.52 -49.19
C SER A 58 -6.97 -24.17 -49.15
N SER A 59 -5.94 -23.41 -48.77
CA SER A 59 -4.59 -23.92 -48.68
C SER A 59 -4.24 -24.44 -47.29
N VAL A 60 -5.21 -24.47 -46.37
CA VAL A 60 -4.90 -24.78 -44.98
C VAL A 60 -4.55 -26.26 -44.85
N ARG A 61 -3.53 -26.54 -44.04
N ARG A 61 -3.52 -26.54 -44.04
CA ARG A 61 -3.13 -27.91 -43.70
CA ARG A 61 -3.13 -27.89 -43.69
C ARG A 61 -3.53 -28.15 -42.25
C ARG A 61 -3.55 -28.13 -42.25
N LEU A 62 -4.63 -28.89 -42.07
CA LEU A 62 -5.16 -29.12 -40.72
C LEU A 62 -4.11 -29.71 -39.78
N HIS A 63 -3.23 -30.55 -40.30
CA HIS A 63 -2.19 -31.17 -39.48
C HIS A 63 -1.12 -30.18 -39.04
N ASN A 64 -1.05 -29.01 -39.67
CA ASN A 64 -0.11 -27.99 -39.24
C ASN A 64 -0.61 -27.19 -38.04
N PHE A 65 -1.86 -27.40 -37.62
CA PHE A 65 -2.34 -26.79 -36.39
C PHE A 65 -1.71 -27.47 -35.19
N SER A 66 -1.39 -26.67 -34.17
CA SER A 66 -0.92 -27.18 -32.87
C SER A 66 -1.84 -26.58 -31.81
N ILE A 67 -2.77 -27.37 -31.30
CA ILE A 67 -3.71 -26.96 -30.27
C ILE A 67 -3.42 -27.76 -29.01
N ALA A 68 -3.21 -27.06 -27.90
CA ALA A 68 -2.81 -27.74 -26.68
C ALA A 68 -3.37 -27.06 -25.44
N LYS A 69 -3.68 -27.87 -24.44
CA LYS A 69 -4.05 -27.43 -23.10
C LYS A 69 -3.25 -28.31 -22.13
N ASN A 70 -2.13 -27.79 -21.63
CA ASN A 70 -1.24 -28.54 -20.75
C ASN A 70 -0.71 -29.74 -21.51
N ASN A 71 -0.91 -30.97 -21.03
CA ASN A 71 -0.46 -32.18 -21.70
C ASN A 71 -1.51 -32.77 -22.63
N VAL A 72 -2.53 -31.99 -23.00
CA VAL A 72 -3.59 -32.46 -23.88
C VAL A 72 -3.47 -31.72 -25.22
N PHE A 73 -3.09 -32.46 -26.25
CA PHE A 73 -2.99 -31.93 -27.61
C PHE A 73 -4.23 -32.39 -28.40
N LEU A 74 -4.84 -31.46 -29.11
CA LEU A 74 -6.08 -31.72 -29.83
C LEU A 74 -5.82 -31.79 -31.34
N GLY A 75 -6.46 -32.75 -32.00
CA GLY A 75 -6.36 -32.88 -33.44
C GLY A 75 -7.54 -32.18 -34.12
N VAL A 76 -7.23 -31.46 -35.20
CA VAL A 76 -8.22 -30.72 -35.96
C VAL A 76 -8.83 -31.64 -37.01
N VAL A 77 -10.16 -31.73 -37.01
CA VAL A 77 -10.88 -32.57 -37.97
C VAL A 77 -11.36 -31.76 -39.18
N SER A 78 -11.80 -30.53 -38.95
CA SER A 78 -12.33 -29.71 -40.03
C SER A 78 -12.21 -28.25 -39.61
N ALA A 79 -12.34 -27.36 -40.59
CA ALA A 79 -12.18 -25.93 -40.37
C ALA A 79 -13.17 -25.17 -41.25
N LYS A 80 -13.77 -24.14 -40.67
CA LYS A 80 -14.72 -23.30 -41.39
C LYS A 80 -14.67 -21.91 -40.79
N TYR A 81 -15.07 -20.92 -41.59
CA TYR A 81 -15.17 -19.55 -41.13
C TYR A 81 -16.57 -19.30 -40.59
N LYS A 82 -16.64 -18.73 -39.39
CA LYS A 82 -17.86 -18.14 -38.86
C LYS A 82 -17.55 -16.64 -38.75
N GLY A 83 -17.91 -15.89 -39.78
CA GLY A 83 -17.52 -14.50 -39.81
C GLY A 83 -16.02 -14.37 -39.88
N VAL A 84 -15.45 -13.62 -38.94
CA VAL A 84 -14.00 -13.41 -38.89
C VAL A 84 -13.33 -14.43 -37.99
N ASN A 85 -14.09 -15.43 -37.51
CA ASN A 85 -13.56 -16.43 -36.61
C ASN A 85 -13.41 -17.77 -37.34
N LEU A 86 -12.33 -18.47 -37.03
CA LEU A 86 -12.14 -19.85 -37.46
C LEU A 86 -12.81 -20.78 -36.46
N VAL A 87 -13.60 -21.72 -36.95
CA VAL A 87 -14.24 -22.74 -36.14
C VAL A 87 -13.59 -24.07 -36.48
N LEU A 88 -12.85 -24.63 -35.54
CA LEU A 88 -12.10 -25.86 -35.75
C LEU A 88 -12.76 -26.99 -34.97
N LYS A 89 -13.36 -27.94 -35.70
CA LYS A 89 -13.83 -29.17 -35.07
C LYS A 89 -12.63 -30.01 -34.65
N VAL A 90 -12.62 -30.44 -33.39
CA VAL A 90 -11.50 -31.18 -32.83
C VAL A 90 -11.98 -32.58 -32.43
N ASN A 91 -11.01 -33.45 -32.17
CA ASN A 91 -11.27 -34.86 -31.90
C ASN A 91 -11.56 -35.15 -30.43
N GLN A 92 -11.76 -34.12 -29.61
N GLN A 92 -11.75 -34.12 -29.61
CA GLN A 92 -12.01 -34.32 -28.19
CA GLN A 92 -12.03 -34.34 -28.19
C GLN A 92 -12.98 -33.25 -27.69
C GLN A 92 -12.98 -33.26 -27.69
N VAL A 93 -13.90 -33.65 -26.82
CA VAL A 93 -14.82 -32.72 -26.18
C VAL A 93 -14.13 -32.17 -24.93
N ASN A 94 -14.23 -30.87 -24.73
CA ASN A 94 -13.67 -30.29 -23.52
C ASN A 94 -14.44 -30.80 -22.32
N PRO A 95 -13.83 -31.62 -21.45
CA PRO A 95 -14.59 -32.14 -20.31
C PRO A 95 -15.07 -31.07 -19.35
N ASN A 96 -14.51 -29.86 -19.43
CA ASN A 96 -14.87 -28.77 -18.53
C ASN A 96 -15.65 -27.66 -19.25
N THR A 97 -16.40 -28.04 -20.28
CA THR A 97 -17.24 -27.09 -20.99
C THR A 97 -18.36 -26.61 -20.06
N PRO A 98 -18.47 -25.32 -19.78
CA PRO A 98 -19.57 -24.84 -18.93
C PRO A 98 -20.83 -24.56 -19.75
N ALA A 99 -21.97 -24.62 -19.05
CA ALA A 99 -23.20 -24.12 -19.65
C ALA A 99 -23.00 -22.68 -20.10
N HIS A 100 -23.41 -22.37 -21.32
CA HIS A 100 -23.09 -21.05 -21.87
C HIS A 100 -24.04 -20.68 -22.99
N LYS A 101 -24.07 -19.37 -23.28
CA LYS A 101 -24.76 -18.83 -24.44
C LYS A 101 -23.85 -17.81 -25.10
N PHE A 102 -24.27 -17.31 -26.25
CA PHE A 102 -23.53 -16.29 -26.99
C PHE A 102 -24.42 -15.08 -27.24
N LYS A 103 -23.84 -13.89 -27.10
CA LYS A 103 -24.54 -12.65 -27.42
C LYS A 103 -23.51 -11.56 -27.62
N SER A 104 -23.97 -10.45 -28.19
CA SER A 104 -23.14 -9.28 -28.42
C SER A 104 -23.44 -8.22 -27.36
N VAL A 105 -22.40 -7.53 -26.91
CA VAL A 105 -22.57 -6.40 -26.01
C VAL A 105 -22.90 -5.16 -26.85
N LYS A 106 -23.59 -4.21 -26.24
CA LYS A 106 -23.93 -2.97 -26.91
C LYS A 106 -23.07 -1.83 -26.41
N PRO A 107 -23.00 -0.72 -27.14
CA PRO A 107 -22.23 0.43 -26.66
C PRO A 107 -22.64 0.82 -25.24
N GLY A 108 -21.65 1.12 -24.40
CA GLY A 108 -21.89 1.48 -23.03
C GLY A 108 -21.95 0.32 -22.06
N GLU A 109 -22.06 -0.91 -22.55
CA GLU A 109 -22.15 -2.08 -21.69
C GLU A 109 -20.76 -2.56 -21.32
N SER A 110 -20.62 -3.03 -20.08
CA SER A 110 -19.35 -3.53 -19.56
C SER A 110 -19.30 -5.04 -19.67
N PHE A 111 -18.08 -5.57 -19.76
CA PHE A 111 -17.87 -7.01 -19.75
C PHE A 111 -16.45 -7.26 -19.27
N ASN A 112 -16.12 -8.54 -19.10
CA ASN A 112 -14.84 -8.96 -18.53
C ASN A 112 -13.95 -9.52 -19.62
N ILE A 113 -12.67 -9.20 -19.55
CA ILE A 113 -11.66 -9.74 -20.45
C ILE A 113 -10.78 -10.70 -19.68
N LEU A 114 -10.68 -11.94 -20.16
CA LEU A 114 -9.69 -12.91 -19.68
C LEU A 114 -8.50 -12.83 -20.62
N ALA A 115 -7.50 -12.04 -20.25
CA ALA A 115 -6.33 -11.85 -21.09
C ALA A 115 -5.45 -13.09 -21.06
N CYS A 116 -5.28 -13.73 -22.20
CA CYS A 116 -4.50 -14.95 -22.33
C CYS A 116 -3.32 -14.71 -23.25
N TYR A 117 -2.19 -15.34 -22.94
CA TYR A 117 -0.94 -15.14 -23.67
C TYR A 117 -0.48 -16.50 -24.19
N GLU A 118 -0.71 -16.74 -25.49
CA GLU A 118 -0.31 -17.98 -26.14
C GLU A 118 -0.79 -19.20 -25.35
N GLY A 119 -2.09 -19.17 -25.02
CA GLY A 119 -2.74 -20.28 -24.36
C GLY A 119 -2.71 -20.27 -22.85
N CYS A 120 -2.01 -19.31 -22.24
N CYS A 120 -2.03 -19.30 -22.23
CA CYS A 120 -1.93 -19.26 -20.78
CA CYS A 120 -1.93 -19.25 -20.79
C CYS A 120 -2.80 -18.13 -20.24
C CYS A 120 -2.80 -18.13 -20.24
N PRO A 121 -3.89 -18.43 -19.54
CA PRO A 121 -4.68 -17.36 -18.90
C PRO A 121 -3.79 -16.56 -17.96
N GLY A 122 -3.71 -15.25 -18.19
CA GLY A 122 -2.76 -14.42 -17.47
C GLY A 122 -3.36 -13.42 -16.51
N SER A 123 -4.48 -12.83 -16.86
CA SER A 123 -5.10 -11.81 -16.02
C SER A 123 -6.54 -11.62 -16.44
N VAL A 124 -7.29 -10.90 -15.61
CA VAL A 124 -8.70 -10.63 -15.85
C VAL A 124 -9.00 -9.20 -15.38
N TYR A 125 -9.74 -8.47 -16.21
CA TYR A 125 -10.05 -7.07 -15.90
C TYR A 125 -11.32 -6.70 -16.65
N GLY A 126 -11.99 -5.68 -16.14
CA GLY A 126 -13.21 -5.19 -16.75
C GLY A 126 -12.96 -4.10 -17.77
N VAL A 127 -13.82 -4.05 -18.78
CA VAL A 127 -13.76 -3.07 -19.85
C VAL A 127 -15.17 -2.57 -20.13
N ASN A 128 -15.27 -1.61 -21.05
CA ASN A 128 -16.55 -1.04 -21.44
C ASN A 128 -16.52 -0.82 -22.95
N MET A 129 -17.56 -1.27 -23.63
CA MET A 129 -17.64 -1.12 -25.08
C MET A 129 -17.93 0.34 -25.43
N ARG A 130 -17.12 0.91 -26.31
CA ARG A 130 -17.29 2.29 -26.73
C ARG A 130 -18.24 2.37 -27.93
N SER A 131 -18.67 3.59 -28.24
CA SER A 131 -19.68 3.79 -29.27
C SER A 131 -19.21 3.26 -30.63
N GLN A 132 -17.93 3.40 -30.94
CA GLN A 132 -17.41 2.99 -32.23
C GLN A 132 -17.04 1.50 -32.27
N GLY A 133 -17.48 0.72 -31.29
CA GLY A 133 -17.24 -0.70 -31.31
C GLY A 133 -15.87 -1.13 -30.85
N THR A 134 -15.13 -0.26 -30.18
CA THR A 134 -13.79 -0.58 -29.69
C THR A 134 -13.79 -0.61 -28.17
N ILE A 135 -12.72 -1.16 -27.61
CA ILE A 135 -12.46 -1.11 -26.18
C ILE A 135 -11.03 -0.60 -26.00
N LYS A 136 -10.80 0.04 -24.85
CA LYS A 136 -9.46 0.50 -24.47
C LYS A 136 -8.93 -0.46 -23.43
N GLY A 137 -8.32 -1.54 -23.90
CA GLY A 137 -7.76 -2.55 -23.02
C GLY A 137 -6.24 -2.56 -23.01
N SER A 138 -5.66 -3.74 -22.80
CA SER A 138 -4.20 -3.90 -22.79
C SER A 138 -3.90 -5.23 -23.48
N PHE A 139 -3.77 -5.19 -24.80
CA PHE A 139 -3.49 -6.37 -25.61
C PHE A 139 -2.16 -6.19 -26.32
N ILE A 140 -1.39 -7.27 -26.40
CA ILE A 140 -0.12 -7.25 -27.11
C ILE A 140 -0.04 -8.48 -28.02
N ALA A 141 1.12 -8.71 -28.62
CA ALA A 141 1.31 -9.90 -29.44
C ALA A 141 0.99 -11.15 -28.64
N GLY A 142 0.33 -12.11 -29.29
CA GLY A 142 0.02 -13.38 -28.68
C GLY A 142 -1.23 -13.40 -27.82
N THR A 143 -1.93 -12.28 -27.67
CA THR A 143 -3.14 -12.24 -26.85
C THR A 143 -4.41 -12.37 -27.67
N CYS A 144 -4.31 -12.40 -28.99
CA CYS A 144 -5.49 -12.64 -29.82
C CYS A 144 -6.14 -13.96 -29.43
N GLY A 145 -7.47 -13.99 -29.54
CA GLY A 145 -8.25 -15.10 -29.05
C GLY A 145 -8.68 -14.97 -27.60
N SER A 146 -8.08 -14.05 -26.85
CA SER A 146 -8.58 -13.72 -25.52
C SER A 146 -10.07 -13.44 -25.62
N VAL A 147 -10.83 -13.93 -24.64
CA VAL A 147 -12.28 -13.94 -24.71
C VAL A 147 -12.84 -12.97 -23.69
N GLY A 148 -13.89 -12.25 -24.10
CA GLY A 148 -14.68 -11.44 -23.20
C GLY A 148 -15.97 -12.15 -22.86
N TYR A 149 -16.44 -11.97 -21.62
CA TYR A 149 -17.60 -12.69 -21.14
C TYR A 149 -18.35 -11.82 -20.13
N VAL A 150 -19.59 -12.22 -19.86
CA VAL A 150 -20.40 -11.60 -18.82
C VAL A 150 -21.24 -12.68 -18.17
N LEU A 151 -21.46 -12.52 -16.86
CA LEU A 151 -22.36 -13.39 -16.11
C LEU A 151 -23.61 -12.58 -15.82
N GLU A 152 -24.74 -13.04 -16.35
CA GLU A 152 -26.03 -12.36 -16.19
C GLU A 152 -27.08 -13.39 -15.79
N ASN A 153 -27.73 -13.15 -14.64
CA ASN A 153 -28.76 -14.04 -14.13
C ASN A 153 -28.28 -15.48 -14.13
N GLY A 154 -27.03 -15.68 -13.70
CA GLY A 154 -26.48 -17.01 -13.62
C GLY A 154 -26.20 -17.67 -14.95
N ILE A 155 -26.14 -16.90 -16.02
CA ILE A 155 -25.86 -17.42 -17.36
C ILE A 155 -24.52 -16.84 -17.82
N LEU A 156 -23.63 -17.72 -18.24
CA LEU A 156 -22.36 -17.29 -18.82
C LEU A 156 -22.59 -16.96 -20.29
N TYR A 157 -22.23 -15.74 -20.69
CA TYR A 157 -22.31 -15.30 -22.08
C TYR A 157 -20.89 -15.02 -22.57
N PHE A 158 -20.51 -15.67 -23.67
CA PHE A 158 -19.31 -15.29 -24.41
C PHE A 158 -19.70 -14.18 -25.38
N VAL A 159 -18.99 -13.05 -25.32
CA VAL A 159 -19.39 -11.85 -26.04
C VAL A 159 -18.25 -11.20 -26.80
N TYR A 160 -17.01 -11.68 -26.67
CA TYR A 160 -15.89 -11.00 -27.28
C TYR A 160 -14.73 -11.96 -27.47
N MET A 161 -14.05 -11.82 -28.61
CA MET A 161 -12.79 -12.50 -28.90
C MET A 161 -11.89 -11.46 -29.55
N HIS A 162 -10.68 -11.30 -29.03
CA HIS A 162 -9.83 -10.19 -29.47
C HIS A 162 -9.13 -10.51 -30.78
N HIS A 163 -9.05 -9.51 -31.66
CA HIS A 163 -8.50 -9.69 -32.99
C HIS A 163 -7.35 -8.75 -33.32
N LEU A 164 -7.46 -7.46 -33.03
CA LEU A 164 -6.43 -6.54 -33.51
C LEU A 164 -6.49 -5.21 -32.76
N GLU A 165 -5.49 -4.37 -33.04
CA GLU A 165 -5.36 -3.05 -32.45
C GLU A 165 -5.20 -2.02 -33.55
N LEU A 166 -5.99 -0.95 -33.48
CA LEU A 166 -5.94 0.10 -34.48
C LEU A 166 -4.73 1.01 -34.25
N GLY A 167 -4.49 1.90 -35.22
CA GLY A 167 -3.34 2.80 -35.14
C GLY A 167 -3.41 3.75 -33.97
N ASN A 168 -4.62 4.09 -33.52
CA ASN A 168 -4.82 4.99 -32.40
C ASN A 168 -4.79 4.27 -31.05
N GLY A 169 -4.46 2.98 -31.04
CA GLY A 169 -4.42 2.21 -29.82
C GLY A 169 -5.70 1.50 -29.45
N SER A 170 -6.81 1.80 -30.12
CA SER A 170 -8.07 1.15 -29.81
C SER A 170 -8.00 -0.34 -30.18
N HIS A 171 -8.68 -1.16 -29.38
CA HIS A 171 -8.63 -2.61 -29.52
C HIS A 171 -9.94 -3.12 -30.12
N VAL A 172 -9.82 -3.98 -31.12
CA VAL A 172 -10.95 -4.47 -31.89
C VAL A 172 -11.07 -5.98 -31.73
N GLY A 173 -12.30 -6.45 -31.57
CA GLY A 173 -12.60 -7.87 -31.51
C GLY A 173 -13.97 -8.12 -32.09
N SER A 174 -14.41 -9.38 -32.01
CA SER A 174 -15.68 -9.82 -32.55
C SER A 174 -16.46 -10.53 -31.44
N ASN A 175 -17.75 -10.72 -31.67
CA ASN A 175 -18.51 -11.66 -30.86
C ASN A 175 -18.12 -13.08 -31.28
N LEU A 176 -18.72 -14.09 -30.63
CA LEU A 176 -18.33 -15.45 -30.93
C LEU A 176 -19.02 -16.00 -32.17
N GLU A 177 -19.99 -15.28 -32.72
CA GLU A 177 -20.55 -15.60 -34.02
C GLU A 177 -19.70 -15.10 -35.17
N GLY A 178 -18.68 -14.30 -34.88
CA GLY A 178 -17.78 -13.79 -35.90
C GLY A 178 -18.12 -12.44 -36.48
N GLU A 179 -18.99 -11.67 -35.85
CA GLU A 179 -19.28 -10.31 -36.31
C GLU A 179 -18.33 -9.37 -35.59
N MET A 180 -17.45 -8.73 -36.37
CA MET A 180 -16.52 -7.76 -35.79
C MET A 180 -17.30 -6.59 -35.20
N TYR A 181 -16.99 -6.25 -33.95
CA TYR A 181 -17.57 -5.06 -33.36
C TYR A 181 -17.14 -3.82 -34.16
N GLY A 182 -18.05 -2.86 -34.29
CA GLY A 182 -17.76 -1.65 -35.01
C GLY A 182 -17.64 -1.79 -36.51
N GLY A 183 -17.81 -2.98 -37.05
CA GLY A 183 -17.75 -3.18 -38.49
C GLY A 183 -16.36 -3.18 -39.07
N TYR A 184 -15.31 -3.19 -38.24
CA TYR A 184 -13.95 -3.24 -38.75
C TYR A 184 -13.70 -4.58 -39.45
N GLU A 185 -12.70 -4.57 -40.33
CA GLU A 185 -12.32 -5.74 -41.09
C GLU A 185 -11.04 -6.31 -40.52
N ASP A 186 -10.92 -7.64 -40.51
CA ASP A 186 -9.71 -8.30 -40.00
C ASP A 186 -8.63 -8.30 -41.07
N GLN A 187 -8.18 -7.09 -41.41
CA GLN A 187 -7.14 -6.84 -42.39
C GLN A 187 -6.16 -5.82 -41.82
N PRO A 188 -4.90 -5.84 -42.27
CA PRO A 188 -3.92 -4.88 -41.74
C PRO A 188 -4.10 -3.47 -42.31
N SER A 189 -5.29 -3.15 -42.82
CA SER A 189 -5.51 -1.83 -43.40
C SER A 189 -5.54 -0.76 -42.31
N MET A 190 -5.19 0.47 -42.72
CA MET A 190 -5.13 1.61 -41.81
C MET A 190 -6.54 2.17 -41.59
N GLN A 191 -7.33 1.41 -40.84
CA GLN A 191 -8.72 1.76 -40.60
C GLN A 191 -8.81 2.86 -39.54
N LEU A 192 -9.93 3.58 -39.58
CA LEU A 192 -10.13 4.78 -38.77
C LEU A 192 -11.29 4.57 -37.81
N GLU A 193 -11.15 5.11 -36.60
CA GLU A 193 -12.22 5.12 -35.61
C GLU A 193 -12.84 6.51 -35.59
N GLY A 194 -14.16 6.56 -35.59
CA GLY A 194 -14.87 7.82 -35.56
C GLY A 194 -14.84 8.46 -34.19
N THR A 195 -15.58 9.56 -34.07
CA THR A 195 -15.66 10.28 -32.80
C THR A 195 -16.29 9.38 -31.74
N ASN A 196 -15.63 9.29 -30.58
CA ASN A 196 -16.13 8.49 -29.48
C ASN A 196 -17.26 9.23 -28.78
N VAL A 197 -18.38 8.54 -28.56
CA VAL A 197 -19.56 9.13 -27.92
C VAL A 197 -19.62 8.63 -26.48
N MET A 198 -19.66 9.57 -25.54
N MET A 198 -19.66 9.57 -25.54
CA MET A 198 -19.70 9.21 -24.13
CA MET A 198 -19.69 9.21 -24.12
C MET A 198 -21.07 8.68 -23.74
C MET A 198 -21.06 8.69 -23.73
N SER A 199 -21.08 7.64 -22.92
CA SER A 199 -22.33 7.06 -22.41
C SER A 199 -22.82 7.93 -21.27
N SER A 200 -23.91 8.68 -21.50
CA SER A 200 -24.45 9.52 -20.44
C SER A 200 -24.96 8.71 -19.26
N ASP A 201 -25.56 7.55 -19.53
CA ASP A 201 -26.04 6.70 -18.45
C ASP A 201 -24.90 6.32 -17.50
N ASN A 202 -23.74 5.99 -18.05
CA ASN A 202 -22.62 5.57 -17.21
C ASN A 202 -22.01 6.75 -16.46
N VAL A 203 -22.00 7.94 -17.06
CA VAL A 203 -21.45 9.10 -16.36
C VAL A 203 -22.34 9.48 -15.19
N VAL A 204 -23.65 9.36 -15.35
CA VAL A 204 -24.57 9.60 -14.24
C VAL A 204 -24.26 8.63 -13.09
N ALA A 205 -24.13 7.34 -13.41
CA ALA A 205 -23.79 6.36 -12.38
C ALA A 205 -22.46 6.72 -11.72
N PHE A 206 -21.50 7.21 -12.50
CA PHE A 206 -20.21 7.63 -11.94
C PHE A 206 -20.40 8.73 -10.91
N LEU A 207 -21.24 9.72 -11.21
CA LEU A 207 -21.46 10.82 -10.28
C LEU A 207 -22.23 10.34 -9.05
N TYR A 208 -23.22 9.46 -9.24
CA TYR A 208 -23.90 8.87 -8.08
C TYR A 208 -22.90 8.17 -7.18
N ALA A 209 -21.99 7.39 -7.77
CA ALA A 209 -20.98 6.72 -6.97
C ALA A 209 -20.12 7.72 -6.21
N ALA A 210 -19.71 8.80 -6.88
CA ALA A 210 -18.92 9.82 -6.22
C ALA A 210 -19.66 10.41 -5.03
N LEU A 211 -20.95 10.72 -5.20
CA LEU A 211 -21.74 11.27 -4.10
C LEU A 211 -21.84 10.27 -2.95
N ILE A 212 -22.14 9.01 -3.27
CA ILE A 212 -22.24 7.98 -2.22
C ILE A 212 -20.95 7.90 -1.43
N ASN A 213 -19.80 8.01 -2.12
CA ASN A 213 -18.52 7.93 -1.44
C ASN A 213 -18.28 9.13 -0.53
N GLY A 214 -18.68 10.32 -0.96
CA GLY A 214 -18.53 11.48 -0.11
C GLY A 214 -18.12 12.76 -0.81
N GLU A 215 -17.93 12.70 -2.13
CA GLU A 215 -17.52 13.87 -2.89
C GLU A 215 -18.73 14.74 -3.19
N ARG A 216 -18.54 16.06 -3.10
CA ARG A 216 -19.63 16.98 -3.36
C ARG A 216 -19.19 18.33 -3.92
N TRP A 217 -17.90 18.56 -4.16
CA TRP A 217 -17.46 19.86 -4.62
C TRP A 217 -18.12 20.27 -5.93
N PHE A 218 -18.59 19.32 -6.73
CA PHE A 218 -19.14 19.60 -8.06
C PHE A 218 -20.63 19.89 -8.03
N VAL A 219 -21.25 19.90 -6.85
CA VAL A 219 -22.70 19.99 -6.74
C VAL A 219 -23.10 21.46 -6.62
N THR A 220 -24.13 21.85 -7.37
CA THR A 220 -24.74 23.17 -7.29
C THR A 220 -26.25 23.00 -7.13
N ASN A 221 -26.95 24.10 -6.87
N ASN A 221 -26.94 24.11 -6.88
CA ASN A 221 -28.40 24.01 -6.71
CA ASN A 221 -28.39 24.07 -6.72
C ASN A 221 -29.13 23.86 -8.05
C ASN A 221 -29.11 23.80 -8.04
N ALA A 222 -28.44 24.02 -9.16
CA ALA A 222 -29.08 23.90 -10.47
C ALA A 222 -29.30 22.44 -10.87
N SER A 223 -30.26 22.24 -11.76
CA SER A 223 -30.63 20.96 -12.34
C SER A 223 -31.01 21.21 -13.79
N MET A 224 -31.11 20.15 -14.59
CA MET A 224 -31.43 20.26 -16.03
C MET A 224 -32.35 19.11 -16.41
N SER A 225 -33.45 19.39 -17.10
CA SER A 225 -34.43 18.37 -17.54
C SER A 225 -33.78 17.43 -18.50
N LEU A 226 -34.44 16.32 -18.80
CA LEU A 226 -33.90 15.29 -19.71
C LEU A 226 -34.07 15.73 -21.15
N GLU A 227 -34.98 16.65 -21.43
CA GLU A 227 -35.16 17.19 -22.80
C GLU A 227 -34.05 18.18 -23.09
N SER A 228 -33.68 18.99 -22.12
CA SER A 228 -32.64 20.02 -22.31
C SER A 228 -31.27 19.34 -22.40
N TYR A 229 -31.00 18.35 -21.54
CA TYR A 229 -29.73 17.62 -21.59
C TYR A 229 -29.61 16.80 -22.87
N ASN A 230 -30.70 16.14 -23.26
CA ASN A 230 -30.67 15.33 -24.48
C ASN A 230 -30.35 16.20 -25.69
N ALA A 231 -30.90 17.43 -25.73
CA ALA A 231 -30.60 18.34 -26.82
C ALA A 231 -29.14 18.75 -26.78
N TRP A 232 -28.60 18.97 -25.58
CA TRP A 232 -27.19 19.30 -25.45
C TRP A 232 -26.30 18.12 -25.83
N ALA A 233 -26.78 16.90 -25.61
CA ALA A 233 -25.94 15.73 -25.85
C ALA A 233 -25.89 15.33 -27.31
N LYS A 234 -26.82 15.78 -28.14
CA LYS A 234 -26.72 15.44 -29.55
C LYS A 234 -25.57 16.18 -30.23
N THR A 235 -25.03 17.21 -29.59
CA THR A 235 -24.01 18.07 -30.18
C THR A 235 -22.71 18.11 -29.40
N ASN A 236 -22.60 17.31 -28.34
CA ASN A 236 -21.39 17.28 -27.52
C ASN A 236 -20.86 15.86 -27.36
N SER A 237 -21.28 14.95 -28.24
CA SER A 237 -20.77 13.58 -28.25
C SER A 237 -21.08 12.86 -26.95
N PHE A 238 -22.33 12.98 -26.51
CA PHE A 238 -22.86 12.22 -25.38
C PHE A 238 -24.13 11.52 -25.83
N THR A 239 -24.39 10.35 -25.27
CA THR A 239 -25.60 9.63 -25.62
C THR A 239 -26.81 10.33 -25.00
N GLU A 240 -27.99 9.99 -25.52
CA GLU A 240 -29.24 10.55 -25.02
C GLU A 240 -29.83 9.62 -23.96
N ILE A 241 -30.21 10.20 -22.83
CA ILE A 241 -30.86 9.44 -21.77
C ILE A 241 -32.31 9.19 -22.19
N VAL A 242 -32.70 7.91 -22.24
CA VAL A 242 -34.06 7.58 -22.66
C VAL A 242 -35.03 7.51 -21.48
N SER A 243 -34.54 7.30 -20.27
CA SER A 243 -35.39 7.17 -19.10
C SER A 243 -34.52 7.25 -17.85
N THR A 244 -35.09 7.80 -16.78
CA THR A 244 -34.41 7.84 -15.49
C THR A 244 -34.75 6.63 -14.62
N ASP A 245 -35.54 5.69 -15.12
CA ASP A 245 -35.95 4.58 -14.26
C ASP A 245 -34.82 3.59 -14.02
N ALA A 246 -33.61 3.86 -14.50
CA ALA A 246 -32.46 3.02 -14.19
C ALA A 246 -31.72 3.50 -12.95
N PHE A 247 -32.03 4.71 -12.48
CA PHE A 247 -31.38 5.30 -11.33
C PHE A 247 -32.32 5.52 -10.14
N ASN A 248 -33.52 4.94 -10.17
CA ASN A 248 -34.47 5.17 -9.09
C ASN A 248 -33.84 4.86 -7.74
N MET A 249 -33.16 3.72 -7.64
CA MET A 249 -32.54 3.34 -6.37
C MET A 249 -31.43 4.30 -5.99
N LEU A 250 -30.54 4.61 -6.94
CA LEU A 250 -29.44 5.51 -6.63
C LEU A 250 -29.95 6.89 -6.23
N ALA A 251 -30.95 7.40 -6.95
CA ALA A 251 -31.50 8.70 -6.61
C ALA A 251 -32.23 8.67 -5.28
N ALA A 252 -32.85 7.53 -4.93
CA ALA A 252 -33.68 7.47 -3.74
C ALA A 252 -32.83 7.55 -2.47
N LYS A 253 -31.71 6.83 -2.44
CA LYS A 253 -30.90 6.78 -1.23
C LYS A 253 -29.74 7.77 -1.21
N THR A 254 -29.38 8.34 -2.36
CA THR A 254 -28.43 9.44 -2.34
C THR A 254 -29.14 10.76 -2.05
N GLY A 255 -30.42 10.86 -2.43
CA GLY A 255 -31.14 12.10 -2.27
C GLY A 255 -30.88 13.12 -3.35
N TYR A 256 -30.34 12.69 -4.49
CA TYR A 256 -30.07 13.57 -5.62
C TYR A 256 -30.76 13.02 -6.86
N SER A 257 -31.42 13.90 -7.60
CA SER A 257 -32.13 13.52 -8.80
C SER A 257 -31.20 13.45 -9.99
N VAL A 258 -31.60 12.66 -10.99
CA VAL A 258 -30.82 12.56 -12.22
C VAL A 258 -30.66 13.95 -12.84
N GLU A 259 -31.71 14.78 -12.76
CA GLU A 259 -31.67 16.09 -13.40
C GLU A 259 -30.56 16.96 -12.82
N LYS A 260 -30.33 16.88 -11.51
CA LYS A 260 -29.20 17.60 -10.93
C LYS A 260 -27.89 17.11 -11.50
N LEU A 261 -27.74 15.79 -11.63
CA LEU A 261 -26.49 15.24 -12.14
C LEU A 261 -26.32 15.50 -13.64
N LEU A 262 -27.41 15.59 -14.38
CA LEU A 262 -27.32 15.97 -15.79
C LEU A 262 -26.73 17.36 -15.95
N GLU A 263 -27.09 18.28 -15.05
CA GLU A 263 -26.48 19.60 -15.08
C GLU A 263 -25.00 19.52 -14.70
N CYS A 264 -24.66 18.66 -13.74
CA CYS A 264 -23.26 18.50 -13.36
C CYS A 264 -22.42 18.00 -14.53
N ILE A 265 -23.04 17.23 -15.44
CA ILE A 265 -22.29 16.68 -16.57
C ILE A 265 -21.97 17.78 -17.57
N VAL A 266 -22.97 18.58 -17.94
CA VAL A 266 -22.76 19.63 -18.92
C VAL A 266 -21.70 20.61 -18.43
N ARG A 267 -21.72 20.93 -17.14
CA ARG A 267 -20.74 21.85 -16.58
C ARG A 267 -19.37 21.19 -16.44
N LEU A 268 -19.33 19.96 -15.96
CA LEU A 268 -18.05 19.28 -15.75
C LEU A 268 -17.41 18.81 -17.04
N ASN A 269 -18.16 18.75 -18.14
CA ASN A 269 -17.59 18.35 -19.42
C ASN A 269 -16.57 19.34 -19.94
N LYS A 270 -16.45 20.51 -19.31
CA LYS A 270 -15.50 21.53 -19.72
C LYS A 270 -14.22 21.50 -18.90
N GLY A 271 -14.05 20.50 -18.04
CA GLY A 271 -12.87 20.38 -17.22
C GLY A 271 -13.16 20.43 -15.74
N PHE A 272 -12.42 19.65 -14.95
CA PHE A 272 -12.57 19.66 -13.50
C PHE A 272 -11.83 20.82 -12.85
N GLY A 273 -11.07 21.60 -13.61
CA GLY A 273 -10.33 22.71 -13.05
C GLY A 273 -9.32 22.28 -12.01
N GLY A 274 -8.56 21.24 -12.31
CA GLY A 274 -7.58 20.71 -11.40
C GLY A 274 -8.12 19.77 -10.35
N ARG A 275 -9.42 19.73 -10.13
N ARG A 275 -9.42 19.74 -10.12
CA ARG A 275 -10.01 18.86 -9.14
CA ARG A 275 -10.00 18.87 -9.13
C ARG A 275 -10.11 17.43 -9.68
C ARG A 275 -10.10 17.44 -9.68
N THR A 276 -10.54 16.52 -8.82
CA THR A 276 -10.70 15.12 -9.18
C THR A 276 -11.96 14.57 -8.54
N ILE A 277 -12.67 13.72 -9.27
CA ILE A 277 -13.84 13.01 -8.76
C ILE A 277 -13.47 11.54 -8.67
N LEU A 278 -13.48 10.99 -7.45
CA LEU A 278 -13.06 9.61 -7.23
C LEU A 278 -11.72 9.35 -7.90
N SER A 279 -10.80 10.30 -7.76
CA SER A 279 -9.43 10.21 -8.25
C SER A 279 -9.32 10.37 -9.76
N TYR A 280 -10.44 10.43 -10.46
CA TYR A 280 -10.41 10.68 -11.89
C TYR A 280 -10.32 12.17 -12.16
N GLY A 281 -9.59 12.53 -13.22
CA GLY A 281 -9.42 13.91 -13.60
C GLY A 281 -10.42 14.43 -14.61
N SER A 282 -11.25 13.55 -15.16
CA SER A 282 -12.28 13.94 -16.10
C SER A 282 -13.45 12.98 -15.95
N LEU A 283 -14.57 13.31 -16.58
CA LEU A 283 -15.76 12.47 -16.48
C LEU A 283 -15.46 11.07 -16.97
N CYS A 284 -15.92 10.07 -16.22
CA CYS A 284 -15.67 8.67 -16.53
C CYS A 284 -16.99 8.02 -16.92
N ASP A 285 -17.00 7.34 -18.06
CA ASP A 285 -18.18 6.64 -18.56
C ASP A 285 -17.94 5.14 -18.66
N GLU A 286 -17.02 4.62 -17.85
CA GLU A 286 -16.66 3.21 -17.88
C GLU A 286 -17.46 2.36 -16.90
N PHE A 287 -18.22 2.97 -15.99
CA PHE A 287 -19.01 2.25 -15.00
C PHE A 287 -20.48 2.35 -15.36
N THR A 288 -21.14 1.21 -15.53
CA THR A 288 -22.57 1.20 -15.80
C THR A 288 -23.36 1.39 -14.51
N PRO A 289 -24.63 1.78 -14.60
CA PRO A 289 -25.45 1.83 -13.38
C PRO A 289 -25.45 0.53 -12.61
N THR A 290 -25.48 -0.60 -13.32
CA THR A 290 -25.45 -1.90 -12.65
C THR A 290 -24.13 -2.11 -11.92
N GLU A 291 -23.01 -1.77 -12.56
CA GLU A 291 -21.72 -1.93 -11.91
C GLU A 291 -21.67 -1.16 -10.60
N VAL A 292 -22.16 0.08 -10.61
CA VAL A 292 -22.12 0.90 -9.40
C VAL A 292 -22.97 0.27 -8.31
N ILE A 293 -24.21 -0.09 -8.64
CA ILE A 293 -25.09 -0.68 -7.64
C ILE A 293 -24.46 -1.94 -7.06
N ARG A 294 -23.77 -2.72 -7.90
CA ARG A 294 -23.13 -3.93 -7.42
C ARG A 294 -22.04 -3.63 -6.39
N GLN A 295 -21.33 -2.51 -6.55
CA GLN A 295 -20.24 -2.19 -5.64
C GLN A 295 -20.69 -1.46 -4.41
N MET A 296 -21.79 -0.69 -4.51
CA MET A 296 -22.23 0.13 -3.39
C MET A 296 -23.18 -0.62 -2.47
N TYR A 297 -23.98 -1.53 -2.99
CA TYR A 297 -24.94 -2.26 -2.17
C TYR A 297 -25.03 -3.71 -2.60
N GLY A 298 -23.88 -4.37 -2.74
CA GLY A 298 -23.79 -5.67 -3.38
C GLY A 298 -25.10 -6.35 -3.72
N VAL A 299 -25.65 -6.00 -4.88
CA VAL A 299 -26.90 -6.58 -5.37
C VAL A 299 -26.78 -6.76 -6.87
N ASN A 300 -27.46 -7.78 -7.39
CA ASN A 300 -27.37 -8.12 -8.82
C ASN A 300 -25.92 -8.35 -9.24
N LEU A 301 -25.20 -9.13 -8.42
CA LEU A 301 -23.80 -9.42 -8.72
C LEU A 301 -23.63 -10.10 -10.08
N GLN A 302 -24.68 -10.70 -10.62
CA GLN A 302 -24.62 -11.33 -11.93
C GLN A 302 -25.87 -10.99 -12.75
N SER B 1 -0.42 -2.55 -27.06
CA SER B 1 -0.32 -1.32 -26.27
C SER B 1 -1.44 -1.25 -25.23
N GLY B 2 -1.31 -0.29 -24.32
CA GLY B 2 -2.34 -0.05 -23.32
C GLY B 2 -1.91 -0.52 -21.95
N LEU B 3 -2.29 0.23 -20.92
CA LEU B 3 -2.01 -0.13 -19.53
C LEU B 3 -3.31 -0.11 -18.74
N ARG B 4 -3.61 -1.21 -18.07
CA ARG B 4 -4.81 -1.33 -17.25
C ARG B 4 -4.47 -2.11 -15.99
N LYS B 5 -5.00 -1.64 -14.86
CA LYS B 5 -4.86 -2.38 -13.61
C LYS B 5 -5.60 -3.71 -13.73
N MET B 6 -4.88 -4.80 -13.48
CA MET B 6 -5.41 -6.13 -13.71
C MET B 6 -5.31 -6.99 -12.45
N ALA B 7 -6.01 -8.12 -12.49
CA ALA B 7 -5.94 -9.15 -11.47
C ALA B 7 -5.58 -10.47 -12.11
N GLN B 8 -4.85 -11.31 -11.36
CA GLN B 8 -4.53 -12.64 -11.85
C GLN B 8 -5.79 -13.52 -11.79
N PRO B 9 -5.88 -14.54 -12.64
CA PRO B 9 -7.12 -15.34 -12.69
C PRO B 9 -7.48 -15.90 -11.32
N SER B 10 -8.77 -15.95 -11.04
CA SER B 10 -9.29 -16.28 -9.72
C SER B 10 -9.85 -17.69 -9.62
N GLY B 11 -9.87 -18.44 -10.71
CA GLY B 11 -10.52 -19.74 -10.70
C GLY B 11 -10.04 -20.66 -9.59
N ILE B 12 -8.74 -20.58 -9.26
CA ILE B 12 -8.19 -21.46 -8.25
C ILE B 12 -8.68 -21.13 -6.85
N VAL B 13 -9.14 -19.89 -6.63
CA VAL B 13 -9.52 -19.45 -5.30
C VAL B 13 -11.03 -19.58 -5.09
N GLU B 14 -11.80 -19.36 -6.15
CA GLU B 14 -13.25 -19.34 -6.03
C GLU B 14 -13.83 -20.53 -5.27
N PRO B 15 -13.42 -21.77 -5.50
CA PRO B 15 -14.06 -22.89 -4.81
C PRO B 15 -13.80 -22.95 -3.32
N CYS B 16 -12.97 -22.06 -2.77
CA CYS B 16 -12.65 -22.06 -1.35
C CYS B 16 -13.49 -21.08 -0.54
N ILE B 17 -14.37 -20.31 -1.18
CA ILE B 17 -15.15 -19.29 -0.51
C ILE B 17 -16.43 -19.90 0.04
N VAL B 18 -16.72 -19.59 1.30
CA VAL B 18 -17.94 -20.06 1.96
C VAL B 18 -18.62 -18.89 2.65
N ARG B 19 -19.92 -19.03 2.86
CA ARG B 19 -20.70 -18.09 3.66
C ARG B 19 -20.62 -18.48 5.12
N VAL B 20 -20.28 -17.52 5.98
CA VAL B 20 -20.17 -17.76 7.42
C VAL B 20 -21.16 -16.83 8.12
N ALA B 21 -22.08 -17.41 8.88
CA ALA B 21 -23.08 -16.66 9.61
C ALA B 21 -23.10 -17.07 11.07
N TYR B 22 -23.16 -16.08 11.95
CA TYR B 22 -23.29 -16.29 13.39
C TYR B 22 -24.20 -15.21 13.96
N GLY B 23 -25.29 -15.63 14.61
CA GLY B 23 -26.26 -14.69 15.14
C GLY B 23 -26.98 -13.95 14.04
N SER B 24 -26.73 -12.64 13.93
CA SER B 24 -27.25 -11.84 12.83
C SER B 24 -26.18 -11.44 11.83
N ASN B 25 -24.93 -11.80 12.07
CA ASN B 25 -23.81 -11.45 11.21
C ASN B 25 -23.62 -12.45 10.08
N VAL B 26 -23.31 -11.93 8.89
CA VAL B 26 -23.07 -12.74 7.71
C VAL B 26 -21.85 -12.20 6.98
N LEU B 27 -20.88 -13.07 6.71
CA LEU B 27 -19.69 -12.65 5.97
C LEU B 27 -19.11 -13.87 5.27
N ASN B 28 -17.83 -13.79 4.88
CA ASN B 28 -17.18 -14.84 4.11
C ASN B 28 -16.08 -15.53 4.91
N GLY B 29 -15.84 -16.79 4.55
CA GLY B 29 -14.75 -17.55 5.12
C GLY B 29 -13.97 -18.28 4.04
N LEU B 30 -12.73 -18.62 4.36
CA LEU B 30 -11.85 -19.36 3.48
C LEU B 30 -11.84 -20.82 3.93
N TRP B 31 -12.37 -21.70 3.09
CA TRP B 31 -12.48 -23.12 3.39
C TRP B 31 -11.33 -23.85 2.68
N ILE B 32 -10.30 -24.20 3.44
CA ILE B 32 -9.16 -24.95 2.93
C ILE B 32 -8.93 -26.13 3.86
N GLY B 33 -8.80 -27.32 3.29
CA GLY B 33 -8.73 -28.51 4.12
C GLY B 33 -9.99 -28.65 4.94
N ASP B 34 -9.83 -29.07 6.20
CA ASP B 34 -10.93 -29.21 7.15
C ASP B 34 -11.04 -27.99 8.05
N GLU B 35 -10.77 -26.80 7.52
CA GLU B 35 -10.72 -25.58 8.32
C GLU B 35 -11.32 -24.41 7.54
N VAL B 36 -12.02 -23.54 8.27
CA VAL B 36 -12.64 -22.36 7.70
C VAL B 36 -12.10 -21.16 8.47
N ILE B 37 -11.51 -20.21 7.75
CA ILE B 37 -10.93 -19.01 8.35
C ILE B 37 -11.79 -17.82 7.99
N CYS B 38 -12.08 -16.98 8.98
CA CYS B 38 -12.89 -15.79 8.77
C CYS B 38 -12.56 -14.76 9.83
N PRO B 39 -12.92 -13.50 9.63
CA PRO B 39 -12.68 -12.49 10.67
C PRO B 39 -13.41 -12.86 11.95
N ARG B 40 -12.72 -12.69 13.09
CA ARG B 40 -13.29 -13.11 14.35
C ARG B 40 -14.46 -12.25 14.79
N HIS B 41 -14.57 -11.03 14.28
CA HIS B 41 -15.65 -10.16 14.73
C HIS B 41 -17.02 -10.65 14.28
N VAL B 42 -17.10 -11.75 13.54
CA VAL B 42 -18.41 -12.28 13.16
C VAL B 42 -19.15 -12.81 14.37
N ILE B 43 -18.44 -13.22 15.43
CA ILE B 43 -19.10 -13.68 16.65
C ILE B 43 -19.27 -12.56 17.67
N ALA B 44 -18.78 -11.35 17.37
CA ALA B 44 -19.00 -10.23 18.27
C ALA B 44 -20.49 -9.92 18.33
N SER B 45 -20.96 -9.60 19.54
CA SER B 45 -22.39 -9.38 19.69
C SER B 45 -22.80 -7.96 19.30
N ASP B 46 -21.88 -7.00 19.45
CA ASP B 46 -22.19 -5.62 19.10
C ASP B 46 -20.90 -4.98 18.58
N THR B 47 -20.84 -4.73 17.28
CA THR B 47 -19.66 -4.16 16.64
C THR B 47 -19.68 -2.63 16.66
N SER B 48 -20.56 -2.03 17.47
CA SER B 48 -20.60 -0.58 17.62
C SER B 48 -19.89 -0.09 18.88
N ARG B 49 -19.62 -0.97 19.83
CA ARG B 49 -18.86 -0.64 21.03
C ARG B 49 -17.62 -1.52 21.07
N VAL B 50 -16.66 -1.15 21.93
CA VAL B 50 -15.43 -1.92 22.09
C VAL B 50 -15.81 -3.37 22.33
N ILE B 51 -14.97 -4.30 21.89
CA ILE B 51 -15.26 -5.72 21.92
C ILE B 51 -14.26 -6.42 22.84
N ASN B 52 -14.78 -7.31 23.69
CA ASN B 52 -13.95 -8.16 24.55
C ASN B 52 -13.92 -9.54 23.89
N TYR B 53 -12.92 -9.74 23.03
CA TYR B 53 -12.85 -10.97 22.25
C TYR B 53 -12.65 -12.20 23.13
N ASP B 54 -11.95 -12.05 24.25
CA ASP B 54 -11.86 -13.16 25.19
C ASP B 54 -13.26 -13.59 25.64
N ASN B 55 -14.11 -12.62 25.99
CA ASN B 55 -15.46 -12.91 26.45
C ASN B 55 -16.43 -13.24 25.32
N GLU B 56 -15.96 -13.22 24.07
CA GLU B 56 -16.76 -13.64 22.93
C GLU B 56 -16.48 -15.08 22.53
N LEU B 57 -15.21 -15.49 22.56
CA LEU B 57 -14.86 -16.88 22.26
C LEU B 57 -15.36 -17.81 23.35
N SER B 58 -15.36 -17.37 24.60
CA SER B 58 -15.77 -18.21 25.71
C SER B 58 -17.29 -18.41 25.76
N SER B 59 -18.06 -17.48 25.20
CA SER B 59 -19.50 -17.62 25.13
C SER B 59 -19.97 -18.15 23.77
N VAL B 60 -19.05 -18.51 22.89
CA VAL B 60 -19.42 -18.93 21.54
C VAL B 60 -20.13 -20.28 21.61
N ARG B 61 -21.13 -20.45 20.75
CA ARG B 61 -21.89 -21.69 20.61
C ARG B 61 -21.59 -22.25 19.22
N LEU B 62 -20.85 -23.35 19.17
CA LEU B 62 -20.39 -23.88 17.89
C LEU B 62 -21.56 -24.27 16.98
N HIS B 63 -22.67 -24.74 17.56
CA HIS B 63 -23.81 -25.14 16.76
C HIS B 63 -24.54 -23.96 16.13
N ASN B 64 -24.31 -22.74 16.63
CA ASN B 64 -24.96 -21.56 16.07
C ASN B 64 -24.27 -21.04 14.83
N PHE B 65 -23.11 -21.59 14.46
CA PHE B 65 -22.49 -21.24 13.19
C PHE B 65 -23.27 -21.84 12.03
N SER B 66 -23.36 -21.09 10.94
CA SER B 66 -23.91 -21.58 9.68
C SER B 66 -22.88 -21.31 8.58
N ILE B 67 -22.21 -22.36 8.12
CA ILE B 67 -21.20 -22.26 7.06
C ILE B 67 -21.73 -23.01 5.85
N ALA B 68 -21.75 -22.35 4.70
CA ALA B 68 -22.36 -22.99 3.54
C ALA B 68 -21.67 -22.60 2.24
N LYS B 69 -21.64 -23.57 1.31
CA LYS B 69 -21.20 -23.34 -0.06
C LYS B 69 -22.16 -24.05 -1.01
N ASN B 70 -23.11 -23.31 -1.57
CA ASN B 70 -24.06 -23.84 -2.55
C ASN B 70 -24.87 -25.01 -1.97
N ASN B 71 -25.62 -24.72 -0.91
CA ASN B 71 -26.49 -25.70 -0.27
C ASN B 71 -25.74 -26.87 0.36
N VAL B 72 -24.43 -26.72 0.55
CA VAL B 72 -23.61 -27.69 1.26
C VAL B 72 -23.21 -27.03 2.55
N PHE B 73 -23.76 -27.50 3.68
CA PHE B 73 -23.50 -26.91 4.97
C PHE B 73 -22.53 -27.75 5.79
N LEU B 74 -21.58 -27.07 6.42
CA LEU B 74 -20.51 -27.69 7.19
C LEU B 74 -20.74 -27.48 8.68
N GLY B 75 -20.47 -28.51 9.47
CA GLY B 75 -20.59 -28.42 10.91
C GLY B 75 -19.25 -28.06 11.55
N VAL B 76 -19.31 -27.17 12.54
CA VAL B 76 -18.13 -26.70 13.24
C VAL B 76 -17.80 -27.66 14.38
N VAL B 77 -16.57 -28.14 14.41
CA VAL B 77 -16.12 -29.07 15.46
C VAL B 77 -15.41 -28.34 16.58
N SER B 78 -14.65 -27.30 16.27
CA SER B 78 -13.89 -26.57 17.26
C SER B 78 -13.61 -25.18 16.73
N ALA B 79 -13.25 -24.27 17.62
CA ALA B 79 -13.01 -22.88 17.26
C ALA B 79 -11.89 -22.32 18.11
N LYS B 80 -11.00 -21.56 17.47
CA LYS B 80 -9.88 -20.93 18.15
C LYS B 80 -9.52 -19.66 17.41
N TYR B 81 -8.88 -18.74 18.13
CA TYR B 81 -8.38 -17.52 17.52
C TYR B 81 -6.97 -17.75 16.99
N LYS B 82 -6.74 -17.37 15.73
CA LYS B 82 -5.40 -17.25 15.18
C LYS B 82 -5.24 -15.75 14.90
N GLY B 83 -4.67 -15.02 15.85
CA GLY B 83 -4.60 -13.58 15.71
C GLY B 83 -5.99 -12.99 15.72
N VAL B 84 -6.31 -12.20 14.71
CA VAL B 84 -7.60 -11.55 14.61
C VAL B 84 -8.58 -12.41 13.82
N ASN B 85 -8.15 -13.62 13.47
CA ASN B 85 -8.97 -14.53 12.68
C ASN B 85 -9.47 -15.69 13.53
N LEU B 86 -10.71 -16.11 13.26
CA LEU B 86 -11.22 -17.36 13.81
C LEU B 86 -10.81 -18.51 12.91
N VAL B 87 -10.28 -19.57 13.51
CA VAL B 87 -9.93 -20.80 12.81
C VAL B 87 -10.92 -21.85 13.25
N LEU B 88 -11.79 -22.26 12.33
CA LEU B 88 -12.88 -23.19 12.64
C LEU B 88 -12.59 -24.54 12.00
N LYS B 89 -12.33 -25.54 12.83
CA LYS B 89 -12.27 -26.92 12.34
C LYS B 89 -13.67 -27.35 11.93
N VAL B 90 -13.80 -27.90 10.72
CA VAL B 90 -15.09 -28.28 10.18
C VAL B 90 -15.10 -29.79 9.95
N ASN B 91 -16.30 -30.33 9.76
CA ASN B 91 -16.52 -31.76 9.65
C ASN B 91 -16.35 -32.29 8.23
N GLN B 92 -15.83 -31.49 7.31
CA GLN B 92 -15.65 -31.94 5.94
C GLN B 92 -14.45 -31.25 5.33
N VAL B 93 -13.58 -32.01 4.70
CA VAL B 93 -12.46 -31.45 3.96
C VAL B 93 -12.98 -30.86 2.66
N ASN B 94 -12.51 -29.68 2.31
CA ASN B 94 -12.87 -29.06 1.05
C ASN B 94 -12.30 -29.90 -0.08
N PRO B 95 -13.14 -30.57 -0.89
CA PRO B 95 -12.58 -31.40 -1.97
C PRO B 95 -11.79 -30.63 -3.01
N ASN B 96 -11.94 -29.30 -3.06
CA ASN B 96 -11.26 -28.48 -4.06
C ASN B 96 -10.17 -27.60 -3.44
N THR B 97 -9.55 -28.07 -2.37
CA THR B 97 -8.44 -27.33 -1.77
C THR B 97 -7.25 -27.31 -2.72
N PRO B 98 -6.77 -26.15 -3.16
CA PRO B 98 -5.59 -26.10 -4.02
C PRO B 98 -4.30 -26.11 -3.22
N ALA B 99 -3.24 -26.56 -3.87
CA ALA B 99 -1.90 -26.38 -3.31
C ALA B 99 -1.69 -24.89 -3.05
N HIS B 100 -1.20 -24.56 -1.86
CA HIS B 100 -1.11 -23.16 -1.48
C HIS B 100 -0.10 -22.96 -0.37
N LYS B 101 0.34 -21.72 -0.23
CA LYS B 101 1.18 -21.27 0.87
C LYS B 101 0.64 -19.95 1.40
N PHE B 102 1.23 -19.48 2.50
CA PHE B 102 0.86 -18.21 3.11
C PHE B 102 2.06 -17.28 3.17
N LYS B 103 1.82 -16.01 2.91
CA LYS B 103 2.87 -15.00 3.05
C LYS B 103 2.20 -13.63 3.18
N SER B 104 2.99 -12.65 3.61
CA SER B 104 2.51 -11.29 3.78
C SER B 104 3.02 -10.42 2.63
N VAL B 105 2.17 -9.50 2.18
CA VAL B 105 2.57 -8.52 1.18
C VAL B 105 3.19 -7.33 1.91
N LYS B 106 4.14 -6.68 1.24
CA LYS B 106 4.84 -5.51 1.76
C LYS B 106 4.40 -4.25 1.03
N PRO B 107 4.70 -3.08 1.58
CA PRO B 107 4.32 -1.83 0.91
C PRO B 107 4.80 -1.80 -0.54
N GLY B 108 3.93 -1.32 -1.43
CA GLY B 108 4.24 -1.23 -2.84
C GLY B 108 3.96 -2.48 -3.65
N GLU B 109 3.73 -3.61 -3.00
CA GLU B 109 3.49 -4.86 -3.71
C GLU B 109 2.01 -4.98 -4.06
N SER B 110 1.74 -5.55 -5.24
CA SER B 110 0.39 -5.73 -5.72
C SER B 110 -0.07 -7.16 -5.45
N PHE B 111 -1.39 -7.32 -5.30
CA PHE B 111 -1.99 -8.63 -5.13
C PHE B 111 -3.43 -8.52 -5.58
N ASN B 112 -4.13 -9.65 -5.60
CA ASN B 112 -5.47 -9.75 -6.15
C ASN B 112 -6.48 -9.87 -5.01
N ILE B 113 -7.61 -9.17 -5.16
CA ILE B 113 -8.72 -9.26 -4.22
C ILE B 113 -9.86 -9.98 -4.91
N LEU B 114 -10.34 -11.07 -4.31
CA LEU B 114 -11.57 -11.72 -4.73
C LEU B 114 -12.69 -11.19 -3.85
N ALA B 115 -13.40 -10.19 -4.34
CA ALA B 115 -14.46 -9.56 -3.57
C ALA B 115 -15.65 -10.51 -3.45
N CYS B 116 -15.99 -10.90 -2.23
CA CYS B 116 -17.06 -11.84 -1.97
C CYS B 116 -18.14 -11.14 -1.15
N TYR B 117 -19.40 -11.45 -1.45
CA TYR B 117 -20.55 -10.80 -0.82
C TYR B 117 -21.41 -11.85 -0.17
N GLU B 118 -21.31 -11.96 1.15
CA GLU B 118 -22.09 -12.92 1.92
C GLU B 118 -21.94 -14.33 1.34
N GLY B 119 -20.67 -14.71 1.10
CA GLY B 119 -20.35 -16.03 0.64
C GLY B 119 -20.32 -16.21 -0.86
N CYS B 120 -20.72 -15.21 -1.63
N CYS B 120 -20.74 -15.21 -1.63
CA CYS B 120 -20.80 -15.34 -3.09
CA CYS B 120 -20.78 -15.33 -3.08
C CYS B 120 -19.65 -14.57 -3.73
C CYS B 120 -19.63 -14.57 -3.71
N PRO B 121 -18.70 -15.24 -4.38
CA PRO B 121 -17.65 -14.52 -5.12
C PRO B 121 -18.28 -13.62 -6.18
N GLY B 122 -17.98 -12.32 -6.10
CA GLY B 122 -18.66 -11.36 -6.93
C GLY B 122 -17.80 -10.69 -7.98
N SER B 123 -16.55 -10.42 -7.64
CA SER B 123 -15.66 -9.72 -8.55
C SER B 123 -14.23 -9.95 -8.11
N VAL B 124 -13.29 -9.59 -8.98
CA VAL B 124 -11.86 -9.73 -8.74
C VAL B 124 -11.16 -8.53 -9.34
N TYR B 125 -10.22 -7.97 -8.59
CA TYR B 125 -9.49 -6.79 -9.05
C TYR B 125 -8.15 -6.72 -8.36
N GLY B 126 -7.22 -6.02 -8.98
CA GLY B 126 -5.89 -5.86 -8.43
C GLY B 126 -5.79 -4.64 -7.53
N VAL B 127 -4.95 -4.75 -6.51
CA VAL B 127 -4.74 -3.70 -5.52
C VAL B 127 -3.24 -3.60 -5.24
N ASN B 128 -2.90 -2.63 -4.38
CA ASN B 128 -1.52 -2.38 -4.00
C ASN B 128 -1.48 -2.06 -2.52
N MET B 129 -0.57 -2.70 -1.79
CA MET B 129 -0.42 -2.42 -0.36
C MET B 129 0.26 -1.07 -0.18
N ARG B 130 -0.36 -0.20 0.61
CA ARG B 130 0.17 1.13 0.84
C ARG B 130 1.13 1.11 2.04
N SER B 131 1.87 2.22 2.20
CA SER B 131 2.92 2.27 3.21
C SER B 131 2.34 2.05 4.61
N GLN B 132 1.15 2.56 4.88
CA GLN B 132 0.54 2.45 6.20
C GLN B 132 -0.22 1.14 6.39
N GLY B 133 -0.02 0.17 5.50
CA GLY B 133 -0.65 -1.12 5.67
C GLY B 133 -2.09 -1.20 5.23
N THR B 134 -2.57 -0.22 4.47
CA THR B 134 -3.95 -0.20 4.00
C THR B 134 -3.99 -0.37 2.50
N ILE B 135 -5.19 -0.62 1.98
CA ILE B 135 -5.45 -0.63 0.55
C ILE B 135 -6.67 0.24 0.27
N LYS B 136 -6.74 0.78 -0.94
CA LYS B 136 -7.88 1.57 -1.39
C LYS B 136 -8.68 0.68 -2.35
N GLY B 137 -9.57 -0.13 -1.79
CA GLY B 137 -10.38 -1.04 -2.58
C GLY B 137 -11.84 -0.62 -2.65
N SER B 138 -12.73 -1.62 -2.70
CA SER B 138 -14.18 -1.37 -2.75
C SER B 138 -14.84 -2.44 -1.88
N PHE B 139 -14.95 -2.16 -0.59
CA PHE B 139 -15.54 -3.09 0.37
C PHE B 139 -16.75 -2.45 1.04
N ILE B 140 -17.79 -3.26 1.24
CA ILE B 140 -18.99 -2.81 1.94
C ILE B 140 -19.40 -3.86 2.96
N ALA B 141 -20.57 -3.68 3.57
CA ALA B 141 -21.08 -4.68 4.50
C ALA B 141 -21.18 -6.04 3.83
N GLY B 142 -20.83 -7.08 4.58
CA GLY B 142 -20.91 -8.44 4.10
C GLY B 142 -19.74 -8.92 3.29
N THR B 143 -18.74 -8.08 3.04
CA THR B 143 -17.58 -8.46 2.26
C THR B 143 -16.38 -8.84 3.11
N CYS B 144 -16.49 -8.71 4.44
CA CYS B 144 -15.42 -9.17 5.30
C CYS B 144 -15.18 -10.65 5.07
N GLY B 145 -13.91 -11.06 5.20
CA GLY B 145 -13.51 -12.39 4.83
C GLY B 145 -13.08 -12.52 3.39
N SER B 146 -13.38 -11.53 2.55
CA SER B 146 -12.83 -11.50 1.19
C SER B 146 -11.33 -11.74 1.27
N VAL B 147 -10.82 -12.55 0.34
N VAL B 147 -10.82 -12.55 0.34
CA VAL B 147 -9.45 -13.03 0.39
CA VAL B 147 -9.46 -13.04 0.37
C VAL B 147 -8.62 -12.34 -0.68
C VAL B 147 -8.63 -12.31 -0.67
N GLY B 148 -7.37 -12.05 -0.35
CA GLY B 148 -6.41 -11.53 -1.29
C GLY B 148 -5.36 -12.60 -1.53
N TYR B 149 -4.87 -12.66 -2.77
CA TYR B 149 -3.97 -13.74 -3.14
C TYR B 149 -3.00 -13.24 -4.22
N VAL B 150 -1.93 -14.00 -4.40
CA VAL B 150 -0.99 -13.76 -5.49
C VAL B 150 -0.50 -15.11 -6.00
N LEU B 151 -0.26 -15.18 -7.31
CA LEU B 151 0.34 -16.36 -7.94
C LEU B 151 1.76 -16.01 -8.36
N GLU B 152 2.74 -16.74 -7.81
CA GLU B 152 4.15 -16.49 -8.09
C GLU B 152 4.86 -17.79 -8.40
N ASN B 153 5.52 -17.87 -9.55
CA ASN B 153 6.23 -19.06 -9.97
C ASN B 153 5.31 -20.26 -9.80
N GLY B 154 4.07 -20.08 -10.23
CA GLY B 154 3.04 -21.11 -10.20
C GLY B 154 2.42 -21.56 -8.88
N ILE B 155 2.70 -20.83 -7.79
CA ILE B 155 2.23 -21.15 -6.41
C ILE B 155 1.17 -20.16 -5.93
N LEU B 156 0.00 -20.64 -5.49
CA LEU B 156 -1.03 -19.75 -4.90
C LEU B 156 -0.51 -19.30 -3.53
N TYR B 157 -0.62 -18.01 -3.22
CA TYR B 157 -0.26 -17.49 -1.88
C TYR B 157 -1.46 -16.73 -1.35
N PHE B 158 -2.00 -17.10 -0.19
CA PHE B 158 -3.03 -16.34 0.48
C PHE B 158 -2.33 -15.29 1.33
N VAL B 159 -2.69 -14.02 1.13
CA VAL B 159 -1.97 -12.91 1.73
C VAL B 159 -2.87 -11.88 2.39
N TYR B 160 -4.19 -12.02 2.28
CA TYR B 160 -5.05 -10.97 2.80
C TYR B 160 -6.44 -11.52 3.10
N MET B 161 -7.02 -11.04 4.21
CA MET B 161 -8.41 -11.26 4.57
C MET B 161 -8.97 -9.94 5.08
N HIS B 162 -10.11 -9.52 4.52
CA HIS B 162 -10.63 -8.18 4.82
C HIS B 162 -11.36 -8.16 6.14
N HIS B 163 -11.14 -7.09 6.91
CA HIS B 163 -11.68 -6.96 8.25
C HIS B 163 -12.51 -5.70 8.45
N LEU B 164 -12.03 -4.55 8.00
CA LEU B 164 -12.74 -3.30 8.31
C LEU B 164 -12.29 -2.18 7.38
N GLU B 165 -12.99 -1.06 7.51
CA GLU B 165 -12.72 0.16 6.76
C GLU B 165 -12.54 1.31 7.73
N LEU B 166 -11.47 2.07 7.57
CA LEU B 166 -11.21 3.20 8.46
C LEU B 166 -12.12 4.37 8.11
N GLY B 167 -12.08 5.39 8.97
CA GLY B 167 -12.95 6.55 8.79
C GLY B 167 -12.66 7.32 7.51
N ASN B 168 -11.41 7.27 7.04
CA ASN B 168 -11.02 7.95 5.82
C ASN B 168 -11.27 7.14 4.57
N GLY B 169 -11.94 5.98 4.70
CA GLY B 169 -12.22 5.14 3.56
C GLY B 169 -11.20 4.06 3.28
N SER B 170 -10.03 4.12 3.92
CA SER B 170 -9.01 3.11 3.69
C SER B 170 -9.47 1.77 4.26
N HIS B 171 -9.08 0.69 3.57
CA HIS B 171 -9.54 -0.65 3.89
C HIS B 171 -8.41 -1.43 4.56
N VAL B 172 -8.72 -2.03 5.70
CA VAL B 172 -7.72 -2.73 6.53
C VAL B 172 -8.04 -4.22 6.56
N GLY B 173 -7.05 -5.07 6.45
CA GLY B 173 -7.23 -6.52 6.55
C GLY B 173 -6.04 -7.12 7.26
N SER B 174 -5.93 -8.43 7.28
CA SER B 174 -4.89 -9.15 7.99
C SER B 174 -4.22 -10.14 7.04
N ASN B 175 -3.17 -10.80 7.47
CA ASN B 175 -2.60 -11.93 6.71
C ASN B 175 -3.42 -13.13 7.19
N LEU B 176 -3.05 -14.36 6.83
CA LEU B 176 -3.82 -15.57 7.18
C LEU B 176 -3.28 -16.12 8.51
N GLU B 177 -2.37 -15.40 9.14
CA GLU B 177 -1.84 -15.73 10.48
C GLU B 177 -2.61 -14.88 11.49
N GLY B 178 -3.41 -13.92 11.02
CA GLY B 178 -4.21 -13.05 11.90
C GLY B 178 -3.43 -11.83 12.35
N GLU B 179 -2.36 -11.50 11.67
CA GLU B 179 -1.61 -10.27 11.99
C GLU B 179 -2.24 -9.18 11.10
N MET B 180 -2.97 -8.23 11.68
CA MET B 180 -3.51 -7.13 10.91
C MET B 180 -2.40 -6.29 10.28
N TYR B 181 -2.54 -6.03 8.98
CA TYR B 181 -1.63 -5.11 8.31
C TYR B 181 -1.73 -3.73 8.95
N GLY B 182 -0.58 -3.05 9.04
CA GLY B 182 -0.53 -1.74 9.63
C GLY B 182 -0.73 -1.69 11.13
N GLY B 183 -0.93 -2.83 11.79
CA GLY B 183 -1.11 -2.86 13.22
C GLY B 183 -2.46 -2.41 13.71
N TYR B 184 -3.42 -2.20 12.81
CA TYR B 184 -4.75 -1.78 13.22
C TYR B 184 -5.44 -2.89 14.00
N GLU B 185 -6.41 -2.49 14.81
CA GLU B 185 -7.17 -3.39 15.67
C GLU B 185 -8.59 -3.55 15.15
N ASP B 186 -9.14 -4.76 15.29
CA ASP B 186 -10.52 -5.03 14.86
C ASP B 186 -11.47 -4.54 15.95
N GLN B 187 -11.47 -3.23 16.15
CA GLN B 187 -12.31 -2.55 17.12
C GLN B 187 -12.95 -1.33 16.48
N PRO B 188 -14.12 -0.90 16.96
CA PRO B 188 -14.76 0.29 16.38
C PRO B 188 -14.16 1.61 16.86
N SER B 189 -12.96 1.56 17.43
CA SER B 189 -12.29 2.76 17.91
C SER B 189 -11.79 3.61 16.74
N MET B 190 -11.58 4.89 17.01
CA MET B 190 -11.11 5.81 15.97
C MET B 190 -9.63 5.56 15.76
N GLN B 191 -9.28 5.08 14.57
CA GLN B 191 -7.91 4.73 14.20
C GLN B 191 -7.52 5.52 12.97
N LEU B 192 -6.26 5.97 12.95
CA LEU B 192 -5.80 6.94 11.97
C LEU B 192 -4.73 6.32 11.08
N GLU B 193 -4.75 6.71 9.81
CA GLU B 193 -3.72 6.32 8.85
C GLU B 193 -2.76 7.48 8.67
N GLY B 194 -1.46 7.16 8.72
CA GLY B 194 -0.44 8.17 8.58
C GLY B 194 -0.27 8.64 7.15
N THR B 195 0.73 9.49 6.95
CA THR B 195 1.01 10.00 5.61
C THR B 195 1.38 8.85 4.68
N ASN B 196 0.73 8.81 3.52
CA ASN B 196 1.00 7.76 2.55
C ASN B 196 2.28 8.07 1.78
N VAL B 197 3.17 7.09 1.70
CA VAL B 197 4.44 7.21 1.00
C VAL B 197 4.32 6.50 -0.33
N MET B 198 4.50 7.25 -1.42
CA MET B 198 4.33 6.69 -2.76
C MET B 198 5.53 5.82 -3.13
N SER B 199 5.25 4.70 -3.80
CA SER B 199 6.28 3.74 -4.18
C SER B 199 7.04 4.27 -5.39
N SER B 200 8.31 4.64 -5.18
CA SER B 200 9.13 5.13 -6.29
C SER B 200 9.35 4.05 -7.33
N ASP B 201 9.54 2.80 -6.89
CA ASP B 201 9.72 1.70 -7.83
C ASP B 201 8.54 1.62 -8.81
N ASN B 202 7.32 1.78 -8.30
CA ASN B 202 6.15 1.67 -9.17
C ASN B 202 6.02 2.88 -10.09
N VAL B 203 6.39 4.06 -9.62
CA VAL B 203 6.30 5.25 -10.48
C VAL B 203 7.29 5.15 -11.63
N VAL B 204 8.48 4.62 -11.36
CA VAL B 204 9.45 4.39 -12.44
C VAL B 204 8.85 3.44 -13.47
N ALA B 205 8.32 2.30 -13.00
CA ALA B 205 7.69 1.36 -13.92
C ALA B 205 6.55 2.01 -14.69
N PHE B 206 5.78 2.87 -14.01
CA PHE B 206 4.68 3.57 -14.69
C PHE B 206 5.21 4.43 -15.84
N LEU B 207 6.30 5.15 -15.60
CA LEU B 207 6.86 5.99 -16.65
C LEU B 207 7.46 5.14 -17.78
N TYR B 208 8.09 4.02 -17.43
CA TYR B 208 8.56 3.10 -18.45
C TYR B 208 7.40 2.64 -19.34
N ALA B 209 6.26 2.32 -18.74
CA ALA B 209 5.11 1.89 -19.53
C ALA B 209 4.68 2.97 -20.51
N ALA B 210 4.65 4.24 -20.08
CA ALA B 210 4.29 5.32 -20.98
C ALA B 210 5.26 5.38 -22.16
N LEU B 211 6.56 5.27 -21.90
CA LEU B 211 7.54 5.29 -22.98
C LEU B 211 7.32 4.13 -23.94
N ILE B 212 7.11 2.93 -23.40
CA ILE B 212 6.88 1.77 -24.25
C ILE B 212 5.67 1.99 -25.15
N ASN B 213 4.63 2.64 -24.60
CA ASN B 213 3.44 2.91 -25.41
C ASN B 213 3.74 3.94 -26.50
N GLY B 214 4.51 4.98 -26.18
CA GLY B 214 4.88 5.97 -27.16
C GLY B 214 4.86 7.39 -26.63
N GLU B 215 4.47 7.55 -25.37
CA GLU B 215 4.41 8.87 -24.75
C GLU B 215 5.79 9.26 -24.26
N ARG B 216 6.32 10.36 -24.80
CA ARG B 216 7.70 10.76 -24.54
C ARG B 216 7.84 12.22 -24.14
N TRP B 217 6.72 12.95 -23.96
CA TRP B 217 6.80 14.39 -23.76
C TRP B 217 7.46 14.77 -22.44
N PHE B 218 7.46 13.88 -21.45
CA PHE B 218 7.96 14.22 -20.13
C PHE B 218 9.44 13.93 -19.95
N VAL B 219 10.08 13.33 -20.93
CA VAL B 219 11.48 12.90 -20.82
C VAL B 219 12.36 13.96 -21.44
N THR B 220 13.58 14.07 -20.92
CA THR B 220 14.56 15.03 -21.42
C THR B 220 15.92 14.35 -21.54
N ASN B 221 16.99 15.10 -21.29
CA ASN B 221 18.33 14.54 -21.22
C ASN B 221 18.87 14.47 -19.80
N ALA B 222 18.23 15.17 -18.86
CA ALA B 222 18.66 15.24 -17.45
C ALA B 222 18.57 13.88 -16.75
N SER B 223 19.45 13.64 -15.79
CA SER B 223 19.45 12.37 -15.01
C SER B 223 19.66 12.71 -13.54
N MET B 224 19.45 11.75 -12.64
CA MET B 224 19.64 11.95 -11.18
C MET B 224 20.05 10.62 -10.56
N SER B 225 21.09 10.63 -9.75
CA SER B 225 21.61 9.42 -9.07
C SER B 225 20.57 8.89 -8.13
N LEU B 226 20.62 7.60 -7.86
CA LEU B 226 19.69 6.99 -6.89
C LEU B 226 19.99 7.58 -5.50
N GLU B 227 21.19 8.07 -5.25
CA GLU B 227 21.57 8.64 -3.94
C GLU B 227 20.94 10.02 -3.80
N SER B 228 21.00 10.82 -4.86
CA SER B 228 20.42 12.18 -4.84
C SER B 228 18.89 12.06 -4.81
N TYR B 229 18.34 11.08 -5.52
CA TYR B 229 16.87 10.90 -5.61
C TYR B 229 16.35 10.37 -4.28
N ASN B 230 17.09 9.51 -3.60
CA ASN B 230 16.66 8.89 -2.31
C ASN B 230 16.66 9.97 -1.25
N ALA B 231 17.62 10.90 -1.29
CA ALA B 231 17.70 12.02 -0.33
C ALA B 231 16.45 12.88 -0.45
N TRP B 232 16.03 13.15 -1.68
CA TRP B 232 14.80 13.94 -1.93
C TRP B 232 13.58 13.13 -1.51
N ALA B 233 13.58 11.83 -1.75
CA ALA B 233 12.40 10.96 -1.51
C ALA B 233 12.08 10.91 -0.02
N LYS B 234 13.10 10.95 0.82
CA LYS B 234 12.92 10.88 2.30
C LYS B 234 12.23 12.14 2.82
N THR B 235 12.08 13.20 2.03
CA THR B 235 11.44 14.48 2.46
C THR B 235 10.23 14.79 1.61
N ASN B 236 9.94 14.02 0.57
CA ASN B 236 8.83 14.29 -0.37
C ASN B 236 7.79 13.16 -0.26
N SER B 237 7.90 12.31 0.74
CA SER B 237 6.94 11.19 0.98
C SER B 237 7.01 10.24 -0.22
N PHE B 238 8.21 9.83 -0.59
CA PHE B 238 8.44 8.84 -1.67
C PHE B 238 9.37 7.82 -1.07
N THR B 239 9.36 6.58 -1.56
CA THR B 239 10.23 5.52 -1.05
C THR B 239 11.61 5.71 -1.65
N GLU B 240 12.57 4.91 -1.20
CA GLU B 240 13.94 4.96 -1.73
C GLU B 240 14.12 3.79 -2.70
N ILE B 241 14.80 4.00 -3.82
CA ILE B 241 15.08 2.93 -4.81
C ILE B 241 16.29 2.13 -4.28
N VAL B 242 16.16 0.81 -4.22
CA VAL B 242 17.23 -0.08 -3.68
C VAL B 242 18.13 -0.55 -4.81
N SER B 243 17.61 -0.65 -6.05
CA SER B 243 18.36 -1.16 -7.21
C SER B 243 17.67 -0.82 -8.53
N THR B 244 18.42 -0.77 -9.62
CA THR B 244 17.91 -0.54 -10.98
C THR B 244 17.80 -1.86 -11.67
N ASP B 245 18.20 -2.94 -11.00
CA ASP B 245 18.25 -4.31 -11.60
C ASP B 245 16.85 -4.75 -12.01
N ALA B 246 15.81 -4.31 -11.30
CA ALA B 246 14.41 -4.68 -11.59
C ALA B 246 13.91 -3.98 -12.84
N PHE B 247 14.61 -2.94 -13.30
CA PHE B 247 14.24 -2.16 -14.51
C PHE B 247 15.15 -2.47 -15.68
N ASN B 248 16.00 -3.49 -15.58
CA ASN B 248 16.98 -3.84 -16.64
C ASN B 248 16.30 -4.02 -18.00
N MET B 249 15.27 -4.88 -18.08
CA MET B 249 14.56 -5.13 -19.36
C MET B 249 13.90 -3.84 -19.86
N LEU B 250 13.22 -3.12 -18.98
CA LEU B 250 12.50 -1.88 -19.38
C LEU B 250 13.53 -0.90 -19.96
N ALA B 251 14.64 -0.66 -19.27
CA ALA B 251 15.71 0.27 -19.70
C ALA B 251 16.33 -0.19 -21.02
N ALA B 252 16.57 -1.48 -21.17
CA ALA B 252 17.16 -2.07 -22.40
C ALA B 252 16.24 -1.83 -23.58
N LYS B 253 14.94 -2.06 -23.42
CA LYS B 253 13.97 -1.99 -24.53
C LYS B 253 13.59 -0.54 -24.85
N THR B 254 13.61 0.36 -23.89
CA THR B 254 13.22 1.78 -24.07
C THR B 254 14.45 2.56 -24.43
N GLY B 255 15.62 2.14 -23.95
CA GLY B 255 16.87 2.90 -24.14
C GLY B 255 16.97 4.03 -23.14
N TYR B 256 16.17 4.00 -22.06
CA TYR B 256 16.15 5.06 -21.03
C TYR B 256 16.63 4.49 -19.70
N SER B 257 17.55 5.19 -19.04
CA SER B 257 18.09 4.76 -17.74
C SER B 257 17.09 5.06 -16.62
N VAL B 258 17.17 4.31 -15.53
CA VAL B 258 16.32 4.54 -14.35
C VAL B 258 16.60 5.98 -13.87
N GLU B 259 17.86 6.41 -13.85
CA GLU B 259 18.26 7.74 -13.33
C GLU B 259 17.57 8.86 -14.10
N LYS B 260 17.40 8.71 -15.40
CA LYS B 260 16.71 9.71 -16.24
C LYS B 260 15.27 9.84 -15.75
N LEU B 261 14.64 8.72 -15.37
CA LEU B 261 13.23 8.70 -14.89
C LEU B 261 13.17 9.21 -13.44
N LEU B 262 14.24 9.02 -12.64
CA LEU B 262 14.29 9.53 -11.25
C LEU B 262 14.20 11.06 -11.32
N GLU B 263 14.81 11.64 -12.35
CA GLU B 263 14.74 13.09 -12.58
C GLU B 263 13.34 13.50 -13.04
N CYS B 264 12.72 12.69 -13.89
CA CYS B 264 11.35 12.98 -14.33
C CYS B 264 10.39 13.00 -13.16
N ILE B 265 10.69 12.23 -12.10
CA ILE B 265 9.77 12.15 -10.98
C ILE B 265 9.78 13.44 -10.19
N VAL B 266 10.96 13.91 -9.80
CA VAL B 266 11.05 15.14 -9.03
C VAL B 266 10.50 16.31 -9.82
N ARG B 267 10.73 16.32 -11.15
CA ARG B 267 10.21 17.40 -11.97
C ARG B 267 8.70 17.28 -12.15
N LEU B 268 8.20 16.07 -12.40
CA LEU B 268 6.77 15.87 -12.58
C LEU B 268 6.02 15.90 -11.26
N ASN B 269 6.72 15.73 -10.13
CA ASN B 269 6.08 15.80 -8.83
C ASN B 269 5.58 17.20 -8.49
N LYS B 270 5.92 18.20 -9.29
CA LYS B 270 5.50 19.57 -9.06
C LYS B 270 4.28 19.96 -9.88
N GLY B 271 3.85 19.10 -10.80
CA GLY B 271 2.68 19.38 -11.61
C GLY B 271 2.85 18.96 -13.05
N PHE B 272 1.88 18.20 -13.57
CA PHE B 272 1.91 17.82 -14.98
C PHE B 272 1.64 19.01 -15.90
N GLY B 273 1.23 20.15 -15.35
CA GLY B 273 0.91 21.30 -16.17
C GLY B 273 -0.25 21.04 -17.10
N GLY B 274 -1.32 20.46 -16.56
CA GLY B 274 -2.48 20.12 -17.36
C GLY B 274 -2.26 19.03 -18.37
N ARG B 275 -1.06 18.45 -18.44
CA ARG B 275 -0.75 17.40 -19.39
C ARG B 275 -1.14 16.05 -18.79
N THR B 276 -0.78 14.96 -19.45
CA THR B 276 -1.24 13.64 -19.05
C THR B 276 -0.28 12.57 -19.52
N ILE B 277 -0.04 11.58 -18.65
CA ILE B 277 0.76 10.40 -18.95
C ILE B 277 -0.16 9.20 -18.92
N LEU B 278 -0.34 8.54 -20.06
CA LEU B 278 -1.22 7.39 -20.17
C LEU B 278 -2.59 7.69 -19.54
N SER B 279 -3.09 8.89 -19.81
CA SER B 279 -4.39 9.40 -19.37
C SER B 279 -4.40 9.76 -17.89
N TYR B 280 -3.30 9.58 -17.17
CA TYR B 280 -3.23 9.97 -15.76
C TYR B 280 -2.77 11.41 -15.64
N GLY B 281 -3.37 12.14 -14.71
CA GLY B 281 -3.04 13.54 -14.48
C GLY B 281 -1.91 13.80 -13.51
N SER B 282 -1.52 12.78 -12.74
CA SER B 282 -0.43 12.90 -11.80
C SER B 282 0.34 11.58 -11.80
N LEU B 283 1.43 11.54 -11.05
CA LEU B 283 2.25 10.33 -10.99
C LEU B 283 1.44 9.19 -10.37
N CYS B 284 1.55 8.01 -10.99
CA CYS B 284 0.81 6.82 -10.57
C CYS B 284 1.80 5.80 -10.01
N ASP B 285 1.51 5.31 -8.81
CA ASP B 285 2.35 4.33 -8.15
C ASP B 285 1.62 3.01 -7.91
N GLU B 286 0.62 2.71 -8.73
CA GLU B 286 -0.18 1.51 -8.55
C GLU B 286 0.32 0.32 -9.35
N PHE B 287 1.24 0.52 -10.28
CA PHE B 287 1.76 -0.55 -11.13
C PHE B 287 3.20 -0.85 -10.76
N THR B 288 3.46 -2.11 -10.42
CA THR B 288 4.80 -2.56 -10.09
C THR B 288 5.61 -2.82 -11.35
N PRO B 289 6.94 -2.88 -11.23
CA PRO B 289 7.75 -3.24 -12.41
C PRO B 289 7.32 -4.55 -13.03
N THR B 290 6.97 -5.55 -12.20
CA THR B 290 6.50 -6.83 -12.71
C THR B 290 5.17 -6.68 -13.44
N GLU B 291 4.24 -5.91 -12.86
CA GLU B 291 2.96 -5.70 -13.50
C GLU B 291 3.13 -5.10 -14.90
N VAL B 292 3.99 -4.09 -15.02
CA VAL B 292 4.20 -3.45 -16.32
C VAL B 292 4.78 -4.44 -17.31
N ILE B 293 5.84 -5.14 -16.91
CA ILE B 293 6.48 -6.10 -17.82
C ILE B 293 5.48 -7.15 -18.28
N ARG B 294 4.60 -7.59 -17.37
CA ARG B 294 3.62 -8.61 -17.72
C ARG B 294 2.67 -8.13 -18.81
N GLN B 295 2.33 -6.84 -18.81
CA GLN B 295 1.38 -6.35 -19.79
C GLN B 295 2.04 -5.92 -21.10
N MET B 296 3.27 -5.41 -21.04
N MET B 296 3.26 -5.42 -21.03
CA MET B 296 3.92 -4.89 -22.22
CA MET B 296 3.94 -4.89 -22.21
C MET B 296 4.64 -5.96 -23.02
C MET B 296 4.64 -5.97 -23.02
N TYR B 297 5.13 -7.01 -22.38
CA TYR B 297 5.82 -8.09 -23.09
C TYR B 297 5.49 -9.43 -22.45
N GLY B 298 4.20 -9.70 -22.24
CA GLY B 298 3.76 -10.79 -21.38
C GLY B 298 4.83 -11.81 -21.03
N VAL B 299 5.63 -11.48 -20.02
CA VAL B 299 6.69 -12.33 -19.49
C VAL B 299 6.37 -12.66 -18.05
N ASN B 300 6.88 -13.80 -17.57
CA ASN B 300 6.70 -14.26 -16.19
C ASN B 300 5.38 -13.78 -15.61
N LEU B 301 4.27 -14.26 -16.16
CA LEU B 301 2.94 -13.86 -15.70
C LEU B 301 2.65 -14.29 -14.27
N GLN B 302 3.59 -14.94 -13.60
CA GLN B 302 3.43 -15.32 -12.20
C GLN B 302 4.77 -15.27 -11.48
N SER C 1 12.35 37.11 21.35
CA SER C 1 11.39 37.51 20.34
C SER C 1 9.96 37.20 20.79
N GLY C 2 9.82 36.28 21.72
CA GLY C 2 8.53 36.01 22.34
C GLY C 2 7.89 34.72 21.87
N LEU C 3 7.22 34.05 22.80
CA LEU C 3 6.46 32.83 22.52
C LEU C 3 5.04 33.01 23.02
N ARG C 4 4.07 32.78 22.14
CA ARG C 4 2.66 32.89 22.47
C ARG C 4 1.90 31.78 21.76
N LYS C 5 0.96 31.16 22.46
CA LYS C 5 0.06 30.22 21.81
C LYS C 5 -0.78 30.97 20.78
N MET C 6 -0.71 30.53 19.53
CA MET C 6 -1.33 31.26 18.44
C MET C 6 -2.31 30.38 17.66
N ALA C 7 -3.11 31.04 16.82
CA ALA C 7 -4.02 30.39 15.90
C ALA C 7 -3.75 30.90 14.48
N GLN C 8 -3.97 30.02 13.51
CA GLN C 8 -3.87 30.43 12.12
C GLN C 8 -5.08 31.30 11.75
N PRO C 9 -4.93 32.20 10.78
CA PRO C 9 -6.03 33.12 10.47
C PRO C 9 -7.31 32.36 10.13
N SER C 10 -8.44 32.92 10.56
CA SER C 10 -9.72 32.24 10.49
C SER C 10 -10.62 32.72 9.35
N GLY C 11 -10.18 33.70 8.57
CA GLY C 11 -11.05 34.27 7.55
C GLY C 11 -11.63 33.24 6.62
N ILE C 12 -10.87 32.19 6.30
CA ILE C 12 -11.34 31.18 5.37
C ILE C 12 -12.47 30.34 5.95
N VAL C 13 -12.57 30.27 7.28
CA VAL C 13 -13.54 29.40 7.94
C VAL C 13 -14.79 30.19 8.32
N GLU C 14 -14.61 31.45 8.69
CA GLU C 14 -15.72 32.25 9.18
C GLU C 14 -16.95 32.19 8.30
N PRO C 15 -16.85 32.24 6.96
CA PRO C 15 -18.07 32.27 6.14
C PRO C 15 -18.85 30.96 6.14
N CYS C 16 -18.34 29.90 6.78
CA CYS C 16 -19.03 28.62 6.83
C CYS C 16 -19.82 28.42 8.11
N ILE C 17 -19.76 29.35 9.06
CA ILE C 17 -20.44 29.20 10.34
C ILE C 17 -21.87 29.70 10.21
N VAL C 18 -22.82 28.90 10.67
CA VAL C 18 -24.24 29.24 10.65
C VAL C 18 -24.84 28.95 12.02
N ARG C 19 -25.96 29.61 12.29
CA ARG C 19 -26.74 29.35 13.49
C ARG C 19 -27.72 28.21 13.21
N VAL C 20 -27.72 27.19 14.07
CA VAL C 20 -28.62 26.05 13.95
C VAL C 20 -29.43 25.97 15.23
N ALA C 21 -30.76 26.05 15.10
CA ALA C 21 -31.67 25.98 16.23
C ALA C 21 -32.74 24.94 15.95
N TYR C 22 -33.05 24.14 16.97
CA TYR C 22 -34.13 23.16 16.90
C TYR C 22 -34.85 23.16 18.24
N GLY C 23 -36.12 23.53 18.24
CA GLY C 23 -36.87 23.64 19.47
C GLY C 23 -36.31 24.72 20.38
N SER C 24 -35.75 24.32 21.52
CA SER C 24 -35.11 25.26 22.43
C SER C 24 -33.59 25.16 22.38
N ASN C 25 -33.03 24.24 21.60
CA ASN C 25 -31.60 24.10 21.48
C ASN C 25 -31.10 25.03 20.37
N VAL C 26 -29.99 25.72 20.64
CA VAL C 26 -29.39 26.63 19.69
C VAL C 26 -27.89 26.43 19.74
N LEU C 27 -27.28 26.21 18.58
CA LEU C 27 -25.84 26.01 18.52
C LEU C 27 -25.36 26.41 17.13
N ASN C 28 -24.18 25.93 16.75
CA ASN C 28 -23.54 26.30 15.50
C ASN C 28 -23.50 25.12 14.54
N GLY C 29 -23.46 25.43 13.25
CA GLY C 29 -23.29 24.42 12.23
C GLY C 29 -22.25 24.85 11.21
N LEU C 30 -21.70 23.86 10.52
CA LEU C 30 -20.72 24.08 9.46
C LEU C 30 -21.45 23.97 8.12
N TRP C 31 -21.40 25.04 7.34
N TRP C 31 -21.53 25.09 7.42
CA TRP C 31 -22.25 25.23 6.15
CA TRP C 31 -22.26 25.20 6.16
C TRP C 31 -21.34 25.23 4.92
C TRP C 31 -21.25 25.15 5.01
N ILE C 32 -21.27 24.07 4.27
CA ILE C 32 -20.29 23.78 3.22
C ILE C 32 -21.03 23.03 2.12
N GLY C 33 -20.87 23.50 0.89
CA GLY C 33 -21.68 22.90 -0.17
C GLY C 33 -23.16 23.09 0.15
N ASP C 34 -23.94 22.07 -0.14
CA ASP C 34 -25.38 22.06 0.13
C ASP C 34 -25.70 21.35 1.44
N GLU C 35 -24.83 21.46 2.44
CA GLU C 35 -24.97 20.70 3.66
C GLU C 35 -24.55 21.53 4.88
N VAL C 36 -25.24 21.29 5.99
CA VAL C 36 -24.95 21.91 7.27
C VAL C 36 -24.69 20.78 8.26
N ILE C 37 -23.52 20.79 8.88
CA ILE C 37 -23.10 19.78 9.84
C ILE C 37 -23.11 20.39 11.23
N CYS C 38 -23.66 19.65 12.19
CA CYS C 38 -23.73 20.13 13.57
C CYS C 38 -23.84 18.93 14.49
N PRO C 39 -23.57 19.12 15.79
CA PRO C 39 -23.75 18.01 16.74
C PRO C 39 -25.20 17.53 16.74
N ARG C 40 -25.39 16.21 16.74
CA ARG C 40 -26.73 15.67 16.61
C ARG C 40 -27.56 15.87 17.87
N HIS C 41 -26.93 16.15 19.02
CA HIS C 41 -27.71 16.37 20.23
C HIS C 41 -28.54 17.64 20.15
N VAL C 42 -28.48 18.39 19.05
CA VAL C 42 -29.31 19.58 18.92
C VAL C 42 -30.79 19.22 18.84
N ILE C 43 -31.12 17.98 18.42
CA ILE C 43 -32.50 17.54 18.38
C ILE C 43 -32.92 16.80 19.65
N ALA C 44 -32.02 16.65 20.62
CA ALA C 44 -32.38 15.99 21.87
C ALA C 44 -33.40 16.84 22.63
N SER C 45 -34.38 16.16 23.21
CA SER C 45 -35.46 16.84 23.94
C SER C 45 -35.09 17.10 25.40
N ASP C 46 -34.24 16.26 25.98
CA ASP C 46 -33.85 16.42 27.38
C ASP C 46 -32.40 15.97 27.50
N THR C 47 -31.49 16.92 27.68
CA THR C 47 -30.07 16.62 27.78
C THR C 47 -29.63 16.32 29.21
N SER C 48 -30.57 16.11 30.13
CA SER C 48 -30.26 15.71 31.49
C SER C 48 -30.47 14.21 31.71
N ARG C 49 -31.07 13.53 30.74
CA ARG C 49 -31.30 12.09 30.81
C ARG C 49 -30.76 11.45 29.53
N VAL C 50 -30.60 10.13 29.57
CA VAL C 50 -30.08 9.40 28.42
C VAL C 50 -30.91 9.77 27.20
N ILE C 51 -30.28 9.76 26.02
CA ILE C 51 -30.91 10.21 24.78
C ILE C 51 -31.02 9.02 23.85
N ASN C 52 -32.20 8.85 23.25
CA ASN C 52 -32.43 7.81 22.25
C ASN C 52 -32.40 8.49 20.88
N TYR C 53 -31.22 8.51 20.28
CA TYR C 53 -31.04 9.22 19.02
C TYR C 53 -31.83 8.56 17.89
N ASP C 54 -31.99 7.23 17.92
CA ASP C 54 -32.83 6.57 16.93
C ASP C 54 -34.24 7.12 16.96
N ASN C 55 -34.81 7.28 18.15
CA ASN C 55 -36.18 7.79 18.25
C ASN C 55 -36.24 9.29 18.03
N GLU C 56 -35.21 10.02 18.43
CA GLU C 56 -35.19 11.46 18.19
C GLU C 56 -35.18 11.77 16.70
N LEU C 57 -34.39 11.03 15.91
CA LEU C 57 -34.38 11.26 14.47
C LEU C 57 -35.70 10.86 13.83
N SER C 58 -36.41 9.89 14.41
CA SER C 58 -37.67 9.46 13.81
C SER C 58 -38.77 10.49 14.04
N SER C 59 -38.74 11.17 15.18
CA SER C 59 -39.71 12.21 15.47
C SER C 59 -39.28 13.57 14.94
N VAL C 60 -38.16 13.65 14.22
CA VAL C 60 -37.63 14.93 13.79
C VAL C 60 -38.60 15.59 12.81
N ARG C 61 -38.77 16.90 12.95
CA ARG C 61 -39.61 17.71 12.08
C ARG C 61 -38.70 18.71 11.39
N LEU C 62 -38.41 18.45 10.10
CA LEU C 62 -37.46 19.27 9.37
C LEU C 62 -37.83 20.75 9.44
N HIS C 63 -39.13 21.06 9.49
CA HIS C 63 -39.55 22.45 9.57
C HIS C 63 -39.22 23.08 10.91
N ASN C 64 -38.93 22.28 11.93
CA ASN C 64 -38.57 22.82 13.23
C ASN C 64 -37.11 23.26 13.29
N PHE C 65 -36.31 22.93 12.28
CA PHE C 65 -34.96 23.48 12.19
C PHE C 65 -35.03 24.95 11.78
N SER C 66 -34.17 25.76 12.38
CA SER C 66 -33.99 27.16 11.97
C SER C 66 -32.50 27.38 11.73
N ILE C 67 -32.10 27.44 10.45
CA ILE C 67 -30.71 27.65 10.07
C ILE C 67 -30.61 28.98 9.33
N ALA C 68 -29.68 29.83 9.79
CA ALA C 68 -29.56 31.17 9.25
C ALA C 68 -28.10 31.61 9.27
N LYS C 69 -27.73 32.42 8.28
CA LYS C 69 -26.43 33.08 8.21
C LYS C 69 -26.71 34.55 7.93
N ASN C 70 -26.70 35.38 8.98
CA ASN C 70 -26.98 36.80 8.82
C ASN C 70 -28.39 36.98 8.27
N ASN C 71 -28.51 37.38 7.01
CA ASN C 71 -29.79 37.57 6.35
C ASN C 71 -30.12 36.42 5.39
N VAL C 72 -29.42 35.30 5.51
CA VAL C 72 -29.66 34.14 4.66
C VAL C 72 -30.21 33.02 5.53
N PHE C 73 -31.48 32.68 5.32
CA PHE C 73 -32.15 31.60 6.04
C PHE C 73 -32.17 30.36 5.15
N LEU C 74 -31.80 29.22 5.71
CA LEU C 74 -31.71 27.99 4.96
C LEU C 74 -32.83 27.03 5.36
N GLY C 75 -33.43 26.40 4.36
CA GLY C 75 -34.45 25.40 4.59
C GLY C 75 -33.84 24.00 4.55
N VAL C 76 -34.26 23.16 5.49
CA VAL C 76 -33.73 21.81 5.60
C VAL C 76 -34.49 20.89 4.67
N VAL C 77 -33.77 20.17 3.82
CA VAL C 77 -34.37 19.25 2.88
C VAL C 77 -34.40 17.82 3.44
N SER C 78 -33.36 17.44 4.19
CA SER C 78 -33.26 16.10 4.71
C SER C 78 -32.34 16.13 5.92
N ALA C 79 -32.41 15.07 6.72
CA ALA C 79 -31.62 14.97 7.95
C ALA C 79 -31.19 13.53 8.15
N LYS C 80 -29.92 13.33 8.48
CA LYS C 80 -29.38 12.01 8.73
C LYS C 80 -28.22 12.14 9.69
N TYR C 81 -27.92 11.04 10.38
CA TYR C 81 -26.76 10.99 11.27
C TYR C 81 -25.55 10.48 10.48
N LYS C 82 -24.43 11.19 10.59
CA LYS C 82 -23.13 10.66 10.20
C LYS C 82 -22.32 10.57 11.48
N GLY C 83 -22.31 9.40 12.11
CA GLY C 83 -21.69 9.28 13.42
C GLY C 83 -22.47 10.08 14.46
N VAL C 84 -21.77 10.93 15.19
CA VAL C 84 -22.41 11.72 16.24
C VAL C 84 -22.85 13.08 15.73
N ASN C 85 -22.72 13.31 14.43
CA ASN C 85 -23.11 14.57 13.82
C ASN C 85 -24.37 14.40 13.00
N LEU C 86 -25.24 15.41 13.02
CA LEU C 86 -26.35 15.49 12.09
C LEU C 86 -25.86 16.12 10.80
N VAL C 87 -26.20 15.50 9.67
CA VAL C 87 -25.91 16.03 8.36
C VAL C 87 -27.24 16.50 7.77
N LEU C 88 -27.40 17.81 7.63
CA LEU C 88 -28.64 18.39 7.16
C LEU C 88 -28.44 18.91 5.75
N LYS C 89 -29.06 18.25 4.78
CA LYS C 89 -29.11 18.79 3.43
C LYS C 89 -30.02 20.01 3.40
N VAL C 90 -29.52 21.11 2.84
CA VAL C 90 -30.25 22.36 2.79
C VAL C 90 -30.49 22.72 1.32
N ASN C 91 -31.37 23.70 1.12
CA ASN C 91 -31.84 24.04 -0.21
C ASN C 91 -30.92 25.01 -0.96
N GLN C 92 -29.79 25.38 -0.38
CA GLN C 92 -28.87 26.31 -1.01
C GLN C 92 -27.44 25.83 -0.79
N VAL C 93 -26.57 26.18 -1.74
CA VAL C 93 -25.14 25.91 -1.64
C VAL C 93 -24.45 27.15 -1.11
N ASN C 94 -23.53 26.96 -0.17
CA ASN C 94 -22.76 28.08 0.37
C ASN C 94 -21.88 28.67 -0.72
N PRO C 95 -22.13 29.91 -1.17
CA PRO C 95 -21.28 30.47 -2.23
C PRO C 95 -19.82 30.62 -1.82
N ASN C 96 -19.53 30.58 -0.52
CA ASN C 96 -18.19 30.76 0.01
C ASN C 96 -17.61 29.48 0.59
N THR C 97 -18.01 28.33 0.06
CA THR C 97 -17.42 27.07 0.48
C THR C 97 -15.96 27.06 0.07
N PRO C 98 -15.02 26.95 1.00
CA PRO C 98 -13.61 26.91 0.60
C PRO C 98 -13.17 25.51 0.19
N ALA C 99 -12.13 25.46 -0.65
CA ALA C 99 -11.45 24.20 -0.90
C ALA C 99 -11.00 23.63 0.43
N HIS C 100 -11.29 22.36 0.68
CA HIS C 100 -11.03 21.81 2.00
C HIS C 100 -10.92 20.30 1.94
N LYS C 101 -10.32 19.74 2.98
CA LYS C 101 -10.25 18.31 3.22
C LYS C 101 -10.60 18.03 4.67
N PHE C 102 -10.69 16.76 5.00
CA PHE C 102 -10.98 16.32 6.36
C PHE C 102 -9.85 15.44 6.86
N LYS C 103 -9.48 15.61 8.13
CA LYS C 103 -8.50 14.74 8.76
C LYS C 103 -8.68 14.83 10.27
N SER C 104 -8.10 13.86 10.96
CA SER C 104 -8.13 13.80 12.42
C SER C 104 -6.77 14.17 12.98
N VAL C 105 -6.78 14.89 14.08
CA VAL C 105 -5.56 15.17 14.83
C VAL C 105 -5.35 14.04 15.82
N LYS C 106 -4.09 13.77 16.15
CA LYS C 106 -3.73 12.77 17.15
C LYS C 106 -3.19 13.46 18.39
N PRO C 107 -3.09 12.74 19.50
CA PRO C 107 -2.57 13.37 20.73
C PRO C 107 -1.24 14.07 20.50
N GLY C 108 -1.09 15.24 21.13
CA GLY C 108 0.10 16.04 21.00
C GLY C 108 0.11 17.04 19.86
N GLU C 109 -0.80 16.89 18.89
CA GLU C 109 -0.87 17.79 17.75
C GLU C 109 -1.74 18.99 18.08
N SER C 110 -1.34 20.15 17.56
CA SER C 110 -2.06 21.40 17.79
C SER C 110 -2.97 21.71 16.60
N PHE C 111 -4.04 22.44 16.88
CA PHE C 111 -4.94 22.91 15.84
C PHE C 111 -5.65 24.15 16.37
N ASN C 112 -6.43 24.79 15.51
CA ASN C 112 -7.07 26.06 15.81
C ASN C 112 -8.56 25.84 16.07
N ILE C 113 -9.08 26.54 17.06
CA ILE C 113 -10.51 26.53 17.40
C ILE C 113 -11.10 27.86 17.01
N LEU C 114 -12.14 27.84 16.17
CA LEU C 114 -12.96 29.02 15.92
C LEU C 114 -14.19 28.91 16.83
N ALA C 115 -14.11 29.56 17.98
CA ALA C 115 -15.20 29.53 18.96
C ALA C 115 -16.37 30.39 18.47
N CYS C 116 -17.50 29.75 18.24
CA CYS C 116 -18.69 30.41 17.72
C CYS C 116 -19.82 30.34 18.76
N TYR C 117 -20.62 31.39 18.82
CA TYR C 117 -21.68 31.53 19.81
C TYR C 117 -23.01 31.70 19.08
N GLU C 118 -23.81 30.64 19.04
CA GLU C 118 -25.12 30.66 18.39
C GLU C 118 -25.02 31.20 16.97
N GLY C 119 -24.05 30.64 16.22
CA GLY C 119 -23.88 30.97 14.83
C GLY C 119 -22.98 32.16 14.56
N CYS C 120 -22.54 32.86 15.60
N CYS C 120 -22.52 32.86 15.59
CA CYS C 120 -21.69 34.05 15.41
CA CYS C 120 -21.69 34.05 15.41
C CYS C 120 -20.25 33.73 15.80
C CYS C 120 -20.26 33.74 15.79
N PRO C 121 -19.33 33.73 14.85
CA PRO C 121 -17.90 33.55 15.21
C PRO C 121 -17.46 34.62 16.19
N GLY C 122 -16.94 34.18 17.33
CA GLY C 122 -16.64 35.11 18.41
C GLY C 122 -15.16 35.26 18.70
N SER C 123 -14.40 34.17 18.58
CA SER C 123 -12.98 34.21 18.88
C SER C 123 -12.31 33.01 18.24
N VAL C 124 -10.98 33.06 18.21
CA VAL C 124 -10.15 32.01 17.62
C VAL C 124 -8.92 31.86 18.48
N TYR C 125 -8.55 30.61 18.77
CA TYR C 125 -7.40 30.33 19.61
C TYR C 125 -6.87 28.94 19.29
N GLY C 126 -5.59 28.74 19.61
CA GLY C 126 -4.96 27.45 19.39
C GLY C 126 -5.08 26.54 20.60
N VAL C 127 -5.14 25.24 20.33
CA VAL C 127 -5.25 24.22 21.35
C VAL C 127 -4.32 23.07 20.98
N ASN C 128 -4.27 22.07 21.85
CA ASN C 128 -3.44 20.88 21.64
C ASN C 128 -4.21 19.65 22.12
N MET C 129 -4.23 18.61 21.30
CA MET C 129 -4.96 17.39 21.64
C MET C 129 -4.25 16.64 22.75
N ARG C 130 -5.00 16.30 23.79
CA ARG C 130 -4.44 15.58 24.94
C ARG C 130 -4.50 14.07 24.69
N SER C 131 -3.80 13.33 25.55
CA SER C 131 -3.65 11.89 25.34
C SER C 131 -5.00 11.19 25.37
N GLN C 132 -5.92 11.63 26.22
CA GLN C 132 -7.21 10.98 26.37
C GLN C 132 -8.24 11.47 25.35
N GLY C 133 -7.80 12.18 24.31
CA GLY C 133 -8.72 12.61 23.28
C GLY C 133 -9.51 13.86 23.59
N THR C 134 -9.09 14.63 24.60
CA THR C 134 -9.76 15.85 24.99
C THR C 134 -8.87 17.04 24.70
N ILE C 135 -9.47 18.23 24.76
CA ILE C 135 -8.73 19.49 24.69
C ILE C 135 -9.17 20.34 25.87
N LYS C 136 -8.27 21.22 26.31
CA LYS C 136 -8.57 22.17 27.38
C LYS C 136 -8.83 23.51 26.71
N GLY C 137 -10.08 23.73 26.32
CA GLY C 137 -10.45 24.97 25.67
C GLY C 137 -11.28 25.86 26.56
N SER C 138 -12.15 26.66 25.95
CA SER C 138 -13.05 27.56 26.68
C SER C 138 -14.37 27.54 25.92
N PHE C 139 -15.23 26.59 26.27
CA PHE C 139 -16.52 26.42 25.65
C PHE C 139 -17.60 26.62 26.71
N ILE C 140 -18.67 27.32 26.32
CA ILE C 140 -19.79 27.56 27.22
C ILE C 140 -21.07 27.22 26.46
N ALA C 141 -22.21 27.53 27.06
CA ALA C 141 -23.48 27.31 26.39
C ALA C 141 -23.49 28.01 25.03
N GLY C 142 -24.05 27.34 24.03
CA GLY C 142 -24.17 27.90 22.71
C GLY C 142 -22.96 27.79 21.82
N THR C 143 -21.87 27.20 22.29
CA THR C 143 -20.65 27.07 21.49
C THR C 143 -20.51 25.73 20.80
N CYS C 144 -21.40 24.78 21.06
CA CYS C 144 -21.36 23.52 20.33
C CYS C 144 -21.48 23.80 18.84
N GLY C 145 -20.79 22.97 18.05
CA GLY C 145 -20.66 23.22 16.63
C GLY C 145 -19.46 24.06 16.25
N SER C 146 -18.82 24.73 17.22
CA SER C 146 -17.55 25.37 16.95
C SER C 146 -16.63 24.37 16.26
N VAL C 147 -15.93 24.83 15.23
N VAL C 147 -15.92 24.84 15.24
CA VAL C 147 -15.11 23.96 14.40
CA VAL C 147 -15.11 23.98 14.38
C VAL C 147 -13.65 24.18 14.70
C VAL C 147 -13.64 24.18 14.72
N GLY C 148 -12.87 23.10 14.67
CA GLY C 148 -11.43 23.16 14.76
C GLY C 148 -10.86 22.91 13.36
N TYR C 149 -9.76 23.59 13.06
CA TYR C 149 -9.19 23.53 11.72
C TYR C 149 -7.68 23.70 11.78
N VAL C 150 -7.03 23.30 10.70
CA VAL C 150 -5.59 23.52 10.53
C VAL C 150 -5.32 23.80 9.06
N LEU C 151 -4.36 24.69 8.80
CA LEU C 151 -3.89 24.99 7.46
C LEU C 151 -2.49 24.41 7.30
N GLU C 152 -2.33 23.50 6.35
CA GLU C 152 -1.06 22.84 6.08
C GLU C 152 -0.78 22.87 4.59
N ASN C 153 0.36 23.44 4.21
CA ASN C 153 0.75 23.54 2.81
C ASN C 153 -0.38 24.12 1.97
N GLY C 154 -1.01 25.17 2.49
CA GLY C 154 -2.07 25.85 1.77
C GLY C 154 -3.35 25.05 1.64
N ILE C 155 -3.54 24.03 2.46
CA ILE C 155 -4.74 23.20 2.44
C ILE C 155 -5.48 23.38 3.75
N LEU C 156 -6.77 23.71 3.67
CA LEU C 156 -7.60 23.80 4.85
C LEU C 156 -8.12 22.43 5.24
N TYR C 157 -7.90 22.03 6.49
CA TYR C 157 -8.41 20.80 7.04
C TYR C 157 -9.39 21.09 8.17
N PHE C 158 -10.60 20.55 8.07
CA PHE C 158 -11.53 20.52 9.19
C PHE C 158 -11.24 19.27 10.02
N VAL C 159 -11.02 19.45 11.32
CA VAL C 159 -10.54 18.36 12.16
C VAL C 159 -11.30 18.22 13.47
N TYR C 160 -12.23 19.13 13.78
CA TYR C 160 -12.87 19.10 15.09
C TYR C 160 -14.20 19.81 15.06
N MET C 161 -15.19 19.25 15.75
CA MET C 161 -16.46 19.90 16.00
C MET C 161 -16.82 19.65 17.47
N HIS C 162 -17.13 20.71 18.21
CA HIS C 162 -17.28 20.60 19.64
C HIS C 162 -18.66 20.08 20.04
N HIS C 163 -18.69 19.19 21.03
CA HIS C 163 -19.92 18.52 21.43
C HIS C 163 -20.27 18.72 22.89
N LEU C 164 -19.31 18.58 23.81
CA LEU C 164 -19.68 18.60 25.23
C LEU C 164 -18.45 18.85 26.09
N GLU C 165 -18.72 19.02 27.39
CA GLU C 165 -17.70 19.23 28.40
C GLU C 165 -17.89 18.21 29.51
N LEU C 166 -16.81 17.53 29.89
CA LEU C 166 -16.86 16.52 30.93
C LEU C 166 -16.92 17.17 32.32
N GLY C 167 -17.14 16.33 33.33
CA GLY C 167 -17.27 16.83 34.68
C GLY C 167 -16.02 17.50 35.20
N ASN C 168 -14.85 17.09 34.71
CA ASN C 168 -13.59 17.67 35.13
C ASN C 168 -13.19 18.89 34.32
N GLY C 169 -14.07 19.39 33.46
CA GLY C 169 -13.78 20.55 32.64
C GLY C 169 -13.20 20.27 31.29
N SER C 170 -12.78 19.04 31.02
CA SER C 170 -12.22 18.70 29.71
C SER C 170 -13.30 18.77 28.64
N HIS C 171 -12.91 19.19 27.45
CA HIS C 171 -13.84 19.43 26.34
C HIS C 171 -13.72 18.32 25.32
N VAL C 172 -14.87 17.81 24.88
CA VAL C 172 -14.96 16.67 23.99
C VAL C 172 -15.62 17.08 22.68
N GLY C 173 -15.06 16.61 21.57
CA GLY C 173 -15.61 16.85 20.26
C GLY C 173 -15.32 15.68 19.34
N SER C 174 -15.70 15.85 18.08
CA SER C 174 -15.56 14.80 17.08
C SER C 174 -14.77 15.35 15.89
N ASN C 175 -14.26 14.44 15.06
CA ASN C 175 -13.79 14.83 13.74
C ASN C 175 -15.00 15.06 12.85
N LEU C 176 -14.76 15.44 11.60
CA LEU C 176 -15.85 15.75 10.70
C LEU C 176 -16.47 14.50 10.08
N GLU C 177 -15.89 13.33 10.31
CA GLU C 177 -16.53 12.07 9.96
C GLU C 177 -17.56 11.64 10.99
N GLY C 178 -17.61 12.29 12.15
CA GLY C 178 -18.53 11.93 13.21
C GLY C 178 -17.99 10.97 14.24
N GLU C 179 -16.69 10.73 14.26
CA GLU C 179 -16.07 9.90 15.29
C GLU C 179 -15.61 10.80 16.42
N MET C 180 -16.19 10.61 17.61
CA MET C 180 -15.79 11.38 18.78
C MET C 180 -14.35 11.08 19.17
N TYR C 181 -13.56 12.12 19.38
CA TYR C 181 -12.22 11.94 19.91
C TYR C 181 -12.30 11.29 21.28
N GLY C 182 -11.34 10.42 21.57
CA GLY C 182 -11.29 9.74 22.85
C GLY C 182 -12.35 8.69 23.07
N GLY C 183 -13.23 8.45 22.11
CA GLY C 183 -14.26 7.44 22.23
C GLY C 183 -15.42 7.78 23.12
N TYR C 184 -15.51 9.04 23.59
CA TYR C 184 -16.63 9.43 24.42
C TYR C 184 -17.93 9.38 23.62
N GLU C 185 -19.03 9.26 24.34
CA GLU C 185 -20.36 9.17 23.76
C GLU C 185 -21.07 10.50 23.94
N ASP C 186 -21.87 10.90 22.94
CA ASP C 186 -22.62 12.14 23.00
C ASP C 186 -23.88 11.92 23.84
N GLN C 187 -23.66 11.63 25.11
CA GLN C 187 -24.69 11.39 26.10
C GLN C 187 -24.37 12.16 27.37
N PRO C 188 -25.38 12.50 28.17
CA PRO C 188 -25.12 13.24 29.41
C PRO C 188 -24.55 12.37 30.53
N SER C 189 -23.96 11.23 30.20
CA SER C 189 -23.42 10.35 31.22
C SER C 189 -22.17 10.94 31.86
N MET C 190 -21.91 10.52 33.10
CA MET C 190 -20.77 11.00 33.88
C MET C 190 -19.52 10.22 33.46
N GLN C 191 -19.05 10.53 32.26
CA GLN C 191 -17.92 9.82 31.69
C GLN C 191 -16.62 10.30 32.31
N LEU C 192 -15.64 9.39 32.36
CA LEU C 192 -14.39 9.62 33.05
C LEU C 192 -13.25 9.80 32.06
N GLU C 193 -12.33 10.70 32.39
CA GLU C 193 -11.10 10.89 31.64
C GLU C 193 -9.98 10.21 32.39
N GLY C 194 -9.15 9.46 31.68
CA GLY C 194 -8.06 8.76 32.31
C GLY C 194 -6.93 9.71 32.68
N THR C 195 -5.84 9.12 33.17
CA THR C 195 -4.67 9.93 33.53
C THR C 195 -4.12 10.62 32.30
N ASN C 196 -3.89 11.93 32.42
CA ASN C 196 -3.34 12.71 31.31
C ASN C 196 -1.85 12.43 31.18
N VAL C 197 -1.42 12.10 29.97
CA VAL C 197 -0.03 11.80 29.68
C VAL C 197 0.56 13.00 28.94
N MET C 198 1.55 13.64 29.54
CA MET C 198 2.15 14.83 28.93
C MET C 198 3.00 14.45 27.73
N SER C 199 2.91 15.26 26.68
CA SER C 199 3.70 15.05 25.47
C SER C 199 5.15 15.44 25.73
N SER C 200 6.04 14.46 25.78
CA SER C 200 7.45 14.76 26.01
C SER C 200 8.02 15.59 24.85
N ASP C 201 7.63 15.27 23.61
CA ASP C 201 8.10 16.05 22.47
C ASP C 201 7.74 17.52 22.62
N ASN C 202 6.51 17.80 23.05
CA ASN C 202 6.08 19.18 23.18
C ASN C 202 6.75 19.88 24.34
N VAL C 203 7.02 19.16 25.43
CA VAL C 203 7.70 19.77 26.57
C VAL C 203 9.13 20.13 26.18
N VAL C 204 9.78 19.27 25.40
CA VAL C 204 11.11 19.58 24.91
C VAL C 204 11.09 20.87 24.08
N ALA C 205 10.16 20.95 23.13
CA ALA C 205 10.04 22.16 22.33
C ALA C 205 9.77 23.36 23.22
N PHE C 206 8.95 23.18 24.26
CA PHE C 206 8.69 24.27 25.20
C PHE C 206 9.96 24.74 25.87
N LEU C 207 10.81 23.82 26.30
CA LEU C 207 12.07 24.20 26.93
C LEU C 207 13.03 24.80 25.91
N TYR C 208 13.06 24.26 24.69
CA TYR C 208 13.86 24.87 23.63
C TYR C 208 13.44 26.33 23.43
N ALA C 209 12.14 26.58 23.40
CA ALA C 209 11.64 27.95 23.22
C ALA C 209 12.12 28.86 24.34
N ALA C 210 12.10 28.38 25.59
CA ALA C 210 12.56 29.19 26.70
C ALA C 210 14.01 29.63 26.49
N LEU C 211 14.87 28.70 26.07
CA LEU C 211 16.27 29.05 25.83
C LEU C 211 16.37 30.10 24.74
N ILE C 212 15.65 29.90 23.63
CA ILE C 212 15.67 30.87 22.55
C ILE C 212 15.22 32.24 23.03
N ASN C 213 14.20 32.27 23.90
CA ASN C 213 13.72 33.55 24.40
C ASN C 213 14.73 34.20 25.34
N GLY C 214 15.35 33.41 26.22
CA GLY C 214 16.37 33.91 27.10
C GLY C 214 16.31 33.37 28.52
N GLU C 215 15.29 32.57 28.81
CA GLU C 215 15.12 31.97 30.11
C GLU C 215 15.95 30.69 30.19
N ARG C 216 16.94 30.68 31.07
CA ARG C 216 17.85 29.54 31.15
C ARG C 216 18.13 29.11 32.59
N TRP C 217 17.39 29.63 33.57
CA TRP C 217 17.70 29.32 34.96
C TRP C 217 17.66 27.83 35.25
N PHE C 218 16.93 27.06 34.46
CA PHE C 218 16.72 25.64 34.70
C PHE C 218 17.77 24.76 34.03
N VAL C 219 18.74 25.34 33.34
CA VAL C 219 19.65 24.57 32.50
C VAL C 219 20.90 24.18 33.26
N THR C 220 21.43 23.02 32.91
CA THR C 220 22.69 22.53 33.44
C THR C 220 23.40 21.75 32.35
N ASN C 221 24.70 21.50 32.56
CA ASN C 221 25.44 20.64 31.66
C ASN C 221 24.99 19.18 31.74
N ALA C 222 24.21 18.82 32.76
CA ALA C 222 23.76 17.45 32.92
C ALA C 222 22.93 17.00 31.73
N SER C 223 22.94 15.71 31.48
CA SER C 223 22.19 15.13 30.34
C SER C 223 21.61 13.79 30.81
N MET C 224 20.61 13.29 30.11
CA MET C 224 20.03 11.97 30.41
C MET C 224 19.79 11.26 29.09
N SER C 225 20.07 9.96 29.01
CA SER C 225 19.89 9.19 27.78
C SER C 225 18.43 9.17 27.42
N LEU C 226 18.13 8.99 26.15
CA LEU C 226 16.73 8.88 25.72
C LEU C 226 16.15 7.63 26.37
N GLU C 227 16.96 6.57 26.49
CA GLU C 227 16.50 5.28 27.05
C GLU C 227 16.16 5.46 28.52
N SER C 228 16.96 6.22 29.25
CA SER C 228 16.75 6.42 30.69
C SER C 228 15.56 7.37 30.91
N TYR C 229 15.44 8.42 30.10
CA TYR C 229 14.32 9.38 30.21
C TYR C 229 13.02 8.64 29.97
N ASN C 230 13.02 7.76 28.98
CA ASN C 230 11.80 7.05 28.58
C ASN C 230 11.35 6.12 29.71
N ALA C 231 12.27 5.48 30.42
CA ALA C 231 11.89 4.63 31.54
C ALA C 231 11.24 5.45 32.65
N TRP C 232 11.73 6.65 32.90
CA TRP C 232 11.11 7.51 33.90
C TRP C 232 9.72 7.97 33.45
N ALA C 233 9.51 8.12 32.14
CA ALA C 233 8.24 8.63 31.64
C ALA C 233 7.16 7.56 31.60
N LYS C 234 7.54 6.29 31.65
CA LYS C 234 6.53 5.23 31.69
C LYS C 234 5.82 5.17 33.04
N THR C 235 6.35 5.84 34.06
CA THR C 235 5.79 5.83 35.40
C THR C 235 5.40 7.20 35.92
N ASN C 236 5.78 8.28 35.23
CA ASN C 236 5.42 9.64 35.61
C ASN C 236 4.42 10.27 34.65
N SER C 237 3.77 9.46 33.82
CA SER C 237 2.76 9.92 32.88
C SER C 237 3.33 10.93 31.89
N PHE C 238 4.41 10.52 31.22
CA PHE C 238 5.00 11.26 30.12
C PHE C 238 5.09 10.31 28.92
N THR C 239 4.99 10.86 27.72
CA THR C 239 5.11 10.04 26.54
C THR C 239 6.58 9.63 26.34
N GLU C 240 6.77 8.61 25.50
CA GLU C 240 8.10 8.11 25.18
C GLU C 240 8.61 8.83 23.93
N ILE C 241 9.83 9.33 24.00
CA ILE C 241 10.43 9.97 22.82
C ILE C 241 10.82 8.88 21.84
N VAL C 242 10.22 8.92 20.64
CA VAL C 242 10.49 7.92 19.63
C VAL C 242 11.58 8.33 18.65
N SER C 243 11.85 9.63 18.52
CA SER C 243 12.84 10.09 17.56
C SER C 243 13.21 11.53 17.90
N THR C 244 14.47 11.86 17.67
CA THR C 244 14.99 13.20 17.86
C THR C 244 14.99 14.04 16.59
N ASP C 245 14.48 13.51 15.47
CA ASP C 245 14.59 14.27 14.23
C ASP C 245 13.67 15.49 14.19
N ALA C 246 12.86 15.72 15.22
CA ALA C 246 12.03 16.90 15.29
C ALA C 246 12.73 18.08 15.97
N PHE C 247 13.87 17.84 16.60
CA PHE C 247 14.61 18.86 17.31
C PHE C 247 15.98 19.14 16.72
N ASN C 248 16.28 18.58 15.53
CA ASN C 248 17.58 18.81 14.92
C ASN C 248 17.84 20.29 14.72
N MET C 249 16.85 21.01 14.16
CA MET C 249 17.01 22.44 13.94
C MET C 249 17.08 23.20 15.27
N LEU C 250 16.16 22.89 16.19
CA LEU C 250 16.15 23.58 17.48
C LEU C 250 17.46 23.37 18.22
N ALA C 251 17.99 22.14 18.20
CA ALA C 251 19.26 21.89 18.87
C ALA C 251 20.40 22.61 18.18
N ALA C 252 20.35 22.71 16.85
CA ALA C 252 21.43 23.37 16.12
C ALA C 252 21.44 24.87 16.41
N LYS C 253 20.27 25.48 16.59
CA LYS C 253 20.22 26.92 16.78
C LYS C 253 20.47 27.33 18.22
N THR C 254 20.07 26.51 19.19
CA THR C 254 20.34 26.80 20.60
C THR C 254 21.63 26.17 21.10
N GLY C 255 22.17 25.20 20.36
CA GLY C 255 23.34 24.44 20.78
C GLY C 255 23.12 23.62 22.03
N TYR C 256 21.93 23.02 22.18
CA TYR C 256 21.64 22.11 23.27
C TYR C 256 21.07 20.83 22.68
N SER C 257 21.55 19.70 23.16
CA SER C 257 21.06 18.41 22.70
C SER C 257 19.79 18.04 23.46
N VAL C 258 18.97 17.19 22.84
CA VAL C 258 17.74 16.75 23.49
C VAL C 258 18.05 16.13 24.84
N GLU C 259 19.16 15.40 24.94
CA GLU C 259 19.48 14.71 26.19
C GLU C 259 19.64 15.69 27.35
N LYS C 260 20.21 16.87 27.09
CA LYS C 260 20.30 17.88 28.12
C LYS C 260 18.93 18.29 28.62
N LEU C 261 17.99 18.54 27.69
CA LEU C 261 16.66 18.98 28.09
C LEU C 261 15.85 17.84 28.71
N LEU C 262 16.12 16.60 28.30
CA LEU C 262 15.45 15.45 28.92
C LEU C 262 15.76 15.38 30.41
N GLU C 263 17.00 15.69 30.79
CA GLU C 263 17.34 15.75 32.21
C GLU C 263 16.63 16.91 32.89
N CYS C 264 16.51 18.04 32.19
CA CYS C 264 15.80 19.19 32.77
C CYS C 264 14.35 18.86 33.07
N ILE C 265 13.75 17.92 32.34
CA ILE C 265 12.34 17.63 32.52
C ILE C 265 12.12 16.87 33.84
N VAL C 266 12.87 15.79 34.05
CA VAL C 266 12.69 15.00 35.25
C VAL C 266 12.96 15.85 36.49
N ARG C 267 13.95 16.74 36.41
CA ARG C 267 14.25 17.60 37.55
C ARG C 267 13.16 18.66 37.72
N LEU C 268 12.71 19.27 36.62
CA LEU C 268 11.68 20.29 36.71
C LEU C 268 10.31 19.68 36.96
N ASN C 269 10.14 18.38 36.71
CA ASN C 269 8.87 17.73 37.00
C ASN C 269 8.59 17.63 38.49
N LYS C 270 9.56 17.96 39.34
CA LYS C 270 9.42 17.88 40.78
C LYS C 270 9.04 19.22 41.39
N GLY C 271 8.98 20.28 40.60
CA GLY C 271 8.59 21.57 41.09
C GLY C 271 9.44 22.71 40.55
N PHE C 272 8.79 23.73 40.00
CA PHE C 272 9.48 24.93 39.56
C PHE C 272 10.05 25.74 40.72
N GLY C 273 9.60 25.47 41.94
CA GLY C 273 10.16 26.14 43.11
C GLY C 273 9.94 27.64 43.11
N GLY C 274 8.74 28.09 42.75
CA GLY C 274 8.42 29.48 42.67
C GLY C 274 8.87 30.15 41.38
N ARG C 275 9.95 29.68 40.78
CA ARG C 275 10.35 30.16 39.47
C ARG C 275 9.26 29.83 38.44
N THR C 276 9.28 30.55 37.33
CA THR C 276 8.34 30.36 36.24
C THR C 276 9.11 30.34 34.92
N ILE C 277 8.68 29.47 34.01
CA ILE C 277 9.28 29.36 32.68
C ILE C 277 8.28 29.89 31.67
N LEU C 278 8.64 30.98 30.99
CA LEU C 278 7.77 31.62 30.02
C LEU C 278 6.39 31.88 30.62
N SER C 279 6.39 32.38 31.87
CA SER C 279 5.17 32.74 32.57
C SER C 279 4.39 31.52 33.06
N TYR C 280 4.82 30.33 32.66
CA TYR C 280 4.19 29.10 33.11
C TYR C 280 4.82 28.65 34.42
N GLY C 281 3.97 28.28 35.39
CA GLY C 281 4.42 27.74 36.65
C GLY C 281 4.63 26.25 36.66
N SER C 282 4.34 25.58 35.54
CA SER C 282 4.53 24.15 35.42
C SER C 282 4.91 23.85 33.98
N LEU C 283 5.40 22.64 33.74
CA LEU C 283 5.79 22.24 32.40
C LEU C 283 4.59 22.29 31.46
N CYS C 284 4.81 22.85 30.28
CA CYS C 284 3.76 23.03 29.27
C CYS C 284 4.04 22.14 28.08
N ASP C 285 3.03 21.36 27.67
CA ASP C 285 3.14 20.45 26.54
C ASP C 285 2.17 20.84 25.43
N GLU C 286 1.80 22.12 25.35
CA GLU C 286 0.83 22.58 24.37
C GLU C 286 1.48 23.08 23.08
N PHE C 287 2.79 23.22 23.03
CA PHE C 287 3.51 23.70 21.86
C PHE C 287 4.26 22.54 21.21
N THR C 288 4.00 22.29 19.94
CA THR C 288 4.73 21.26 19.21
C THR C 288 6.09 21.81 18.76
N PRO C 289 7.03 20.91 18.45
CA PRO C 289 8.30 21.38 17.89
C PRO C 289 8.12 22.26 16.66
N THR C 290 7.16 21.91 15.80
CA THR C 290 6.89 22.71 14.62
C THR C 290 6.39 24.10 14.99
N GLU C 291 5.48 24.19 15.96
CA GLU C 291 4.97 25.48 16.39
C GLU C 291 6.09 26.40 16.81
N VAL C 292 7.03 25.89 17.62
CA VAL C 292 8.12 26.71 18.11
C VAL C 292 9.00 27.18 16.95
N ILE C 293 9.42 26.25 16.10
CA ILE C 293 10.30 26.62 15.00
C ILE C 293 9.65 27.68 14.12
N ARG C 294 8.36 27.53 13.84
CA ARG C 294 7.66 28.49 12.99
C ARG C 294 7.59 29.86 13.64
N GLN C 295 7.47 29.91 14.95
CA GLN C 295 7.31 31.18 15.66
C GLN C 295 8.63 31.84 15.99
N MET C 296 9.69 31.06 16.19
CA MET C 296 10.98 31.64 16.56
C MET C 296 11.84 31.97 15.35
N TYR C 297 11.70 31.23 14.26
CA TYR C 297 12.54 31.46 13.08
C TYR C 297 11.72 31.27 11.80
N GLY C 298 10.58 31.94 11.72
CA GLY C 298 9.60 31.70 10.67
C GLY C 298 10.04 30.80 9.53
N VAL C 299 9.86 29.49 9.71
CA VAL C 299 10.24 28.52 8.70
C VAL C 299 9.18 28.41 7.62
N GLN C 302 2.45 26.62 5.28
CA GLN C 302 1.92 26.47 6.62
C GLN C 302 1.94 25.01 7.06
N SER D 1 46.02 9.07 -3.24
CA SER D 1 46.58 7.77 -3.58
C SER D 1 46.45 6.80 -2.41
N GLY D 2 46.64 5.51 -2.69
CA GLY D 2 46.64 4.51 -1.65
C GLY D 2 45.37 3.67 -1.69
N LEU D 3 45.52 2.38 -1.39
CA LEU D 3 44.39 1.45 -1.31
C LEU D 3 44.39 0.77 0.04
N ARG D 4 43.28 0.85 0.75
CA ARG D 4 43.11 0.23 2.07
C ARG D 4 41.70 -0.31 2.19
N LYS D 5 41.57 -1.49 2.78
CA LYS D 5 40.26 -2.01 3.14
C LYS D 5 39.66 -1.12 4.22
N MET D 6 38.46 -0.59 3.96
CA MET D 6 37.84 0.38 4.86
C MET D 6 36.44 -0.09 5.26
N ALA D 7 35.89 0.61 6.26
CA ALA D 7 34.52 0.41 6.71
C ALA D 7 33.76 1.72 6.62
N GLN D 8 32.46 1.62 6.32
CA GLN D 8 31.62 2.80 6.31
C GLN D 8 31.32 3.25 7.74
N PRO D 9 31.05 4.54 7.95
CA PRO D 9 30.87 5.05 9.32
C PRO D 9 29.80 4.25 10.07
N SER D 10 30.05 4.03 11.36
CA SER D 10 29.23 3.15 12.17
C SER D 10 28.26 3.89 13.09
N GLY D 11 28.30 5.22 13.09
CA GLY D 11 27.50 5.97 14.05
C GLY D 11 26.03 5.61 14.01
N ILE D 12 25.50 5.31 12.82
CA ILE D 12 24.08 5.03 12.72
C ILE D 12 23.72 3.69 13.34
N VAL D 13 24.66 2.77 13.48
CA VAL D 13 24.38 1.43 13.95
C VAL D 13 24.64 1.31 15.44
N GLU D 14 25.67 2.02 15.91
CA GLU D 14 26.09 1.88 17.30
C GLU D 14 24.96 1.96 18.31
N PRO D 15 23.99 2.88 18.20
CA PRO D 15 22.96 2.99 19.24
C PRO D 15 22.00 1.80 19.30
N CYS D 16 22.09 0.85 18.37
CA CYS D 16 21.20 -0.30 18.35
C CYS D 16 21.78 -1.53 19.05
N ILE D 17 23.00 -1.45 19.53
CA ILE D 17 23.67 -2.59 20.15
C ILE D 17 23.31 -2.64 21.64
N VAL D 18 22.93 -3.82 22.11
CA VAL D 18 22.59 -4.03 23.51
C VAL D 18 23.30 -5.28 24.01
N ARG D 19 23.49 -5.34 25.32
CA ARG D 19 24.04 -6.55 25.94
C ARG D 19 22.91 -7.54 26.17
N VAL D 20 23.05 -8.78 25.67
CA VAL D 20 21.98 -9.81 25.79
C VAL D 20 22.56 -11.00 26.57
N ALA D 21 22.11 -11.21 27.81
CA ALA D 21 22.67 -12.26 28.68
C ALA D 21 21.59 -13.20 29.20
N TYR D 22 21.64 -14.46 28.81
CA TYR D 22 20.69 -15.49 29.30
C TYR D 22 21.44 -16.37 30.27
N GLY D 23 21.15 -16.24 31.55
CA GLY D 23 21.86 -17.01 32.59
C GLY D 23 23.31 -16.61 32.68
N SER D 24 24.22 -17.46 32.23
CA SER D 24 25.68 -17.20 32.28
C SER D 24 26.18 -16.89 30.87
N ASN D 25 25.37 -17.18 29.84
CA ASN D 25 25.74 -16.87 28.43
C ASN D 25 25.60 -15.36 28.21
N VAL D 26 26.60 -14.74 27.58
CA VAL D 26 26.59 -13.26 27.35
C VAL D 26 27.06 -12.95 25.91
N LEU D 27 26.26 -12.21 25.17
CA LEU D 27 26.60 -11.77 23.81
C LEU D 27 25.89 -10.45 23.51
N ASN D 28 25.77 -10.10 22.23
CA ASN D 28 25.21 -8.83 21.79
C ASN D 28 23.88 -9.07 21.08
N GLY D 29 23.02 -8.05 21.12
CA GLY D 29 21.76 -8.09 20.40
C GLY D 29 21.52 -6.80 19.64
N LEU D 30 20.68 -6.91 18.61
CA LEU D 30 20.32 -5.77 17.77
C LEU D 30 18.94 -5.28 18.19
N TRP D 31 18.87 -4.06 18.72
CA TRP D 31 17.65 -3.49 19.26
C TRP D 31 17.09 -2.50 18.25
N ILE D 32 16.15 -2.96 17.44
CA ILE D 32 15.44 -2.12 16.47
C ILE D 32 13.96 -2.11 16.87
N GLY D 33 13.42 -0.90 17.02
CA GLY D 33 12.02 -0.75 17.47
C GLY D 33 11.83 -1.37 18.82
N ASP D 34 10.68 -1.98 19.08
CA ASP D 34 10.41 -2.67 20.38
C ASP D 34 10.75 -4.15 20.24
N GLU D 35 11.84 -4.49 19.57
CA GLU D 35 12.28 -5.89 19.37
C GLU D 35 13.82 -5.95 19.46
N VAL D 36 14.37 -6.99 20.09
CA VAL D 36 15.84 -7.16 20.24
C VAL D 36 16.19 -8.52 19.64
N ILE D 37 16.81 -8.53 18.47
CA ILE D 37 17.25 -9.78 17.81
C ILE D 37 18.59 -10.16 18.45
N CYS D 38 18.98 -11.42 18.46
CA CYS D 38 20.25 -11.91 18.94
C CYS D 38 20.41 -13.37 18.55
N PRO D 39 21.63 -13.90 18.57
CA PRO D 39 21.86 -15.32 18.27
C PRO D 39 21.13 -16.26 19.23
N HIS D 41 21.31 -19.10 20.60
CA HIS D 41 22.22 -20.02 21.34
C HIS D 41 22.55 -19.45 22.72
N VAL D 42 22.07 -18.25 23.03
CA VAL D 42 22.30 -17.62 24.36
C VAL D 42 21.39 -18.35 25.37
N ILE D 43 20.37 -19.04 24.88
CA ILE D 43 19.40 -19.74 25.78
C ILE D 43 19.89 -21.17 26.00
N ALA D 44 20.82 -21.66 25.19
CA ALA D 44 21.41 -23.01 25.32
C ALA D 44 22.09 -23.17 26.69
N SER D 45 22.22 -24.40 27.18
CA SER D 45 22.80 -24.69 28.52
C SER D 45 24.22 -25.25 28.42
N ASP D 46 24.53 -26.03 27.40
CA ASP D 46 25.89 -26.63 27.23
C ASP D 46 26.23 -26.68 25.74
N THR D 47 27.31 -26.04 25.31
CA THR D 47 27.69 -25.92 23.89
C THR D 47 28.62 -27.04 23.48
N SER D 48 28.59 -28.19 24.17
CA SER D 48 29.39 -29.38 23.79
C SER D 48 28.51 -30.36 23.03
N VAL D 50 25.52 -31.39 21.23
CA VAL D 50 24.44 -31.00 20.34
C VAL D 50 23.30 -30.36 21.13
N ILE D 51 22.61 -29.41 20.50
CA ILE D 51 21.56 -28.63 21.15
C ILE D 51 20.24 -28.91 20.45
N ASN D 52 19.20 -29.10 21.24
CA ASN D 52 17.83 -29.27 20.75
C ASN D 52 17.11 -27.94 20.91
N TYR D 53 17.12 -27.12 19.85
CA TYR D 53 16.56 -25.77 19.97
C TYR D 53 15.09 -25.83 20.36
N ASP D 54 14.36 -26.81 19.84
CA ASP D 54 13.01 -27.06 20.33
C ASP D 54 13.05 -27.42 21.81
N ASN D 55 13.99 -28.29 22.19
CA ASN D 55 14.10 -28.79 23.56
C ASN D 55 14.81 -27.75 24.44
N GLU D 56 14.06 -26.72 24.79
N GLU D 56 14.04 -26.73 24.81
CA GLU D 56 14.45 -25.74 25.80
CA GLU D 56 14.44 -25.72 25.77
C GLU D 56 13.20 -25.34 26.57
C GLU D 56 13.20 -25.33 26.55
N LEU D 57 13.36 -25.11 27.87
CA LEU D 57 12.23 -24.84 28.74
C LEU D 57 11.33 -23.74 28.15
N SER D 58 10.10 -24.10 27.83
CA SER D 58 9.16 -23.15 27.23
C SER D 58 8.62 -22.20 28.30
N VAL D 60 12.11 -21.37 29.73
CA VAL D 60 12.13 -20.01 29.22
C VAL D 60 11.65 -19.07 30.30
N ARG D 61 12.56 -18.23 30.81
CA ARG D 61 12.24 -17.26 31.85
C ARG D 61 12.48 -15.86 31.29
N LEU D 62 11.40 -15.19 30.88
CA LEU D 62 11.53 -13.81 30.42
C LEU D 62 12.15 -12.93 31.50
N HIS D 63 11.85 -13.20 32.77
CA HIS D 63 12.44 -12.44 33.85
C HIS D 63 13.91 -12.77 34.05
N ASN D 64 14.36 -13.94 33.56
CA ASN D 64 15.76 -14.33 33.66
C ASN D 64 16.62 -13.73 32.56
N PHE D 65 16.03 -13.09 31.56
CA PHE D 65 16.79 -12.40 30.54
C PHE D 65 17.39 -11.12 31.13
N SER D 66 18.59 -10.78 30.69
CA SER D 66 19.24 -9.51 31.05
C SER D 66 19.57 -8.78 29.76
N ILE D 67 18.75 -7.80 29.42
CA ILE D 67 18.92 -6.96 28.23
C ILE D 67 19.23 -5.56 28.72
N ALA D 68 20.29 -4.97 28.20
CA ALA D 68 20.73 -3.69 28.73
C ALA D 68 21.30 -2.79 27.64
N LYS D 69 21.08 -1.49 27.83
CA LYS D 69 21.67 -0.41 27.03
C LYS D 69 22.21 0.54 28.08
N ASN D 70 23.48 0.35 28.44
CA ASN D 70 24.19 1.09 29.48
C ASN D 70 23.28 1.67 30.56
N ASN D 71 23.18 0.96 31.68
CA ASN D 71 22.45 1.32 32.88
C ASN D 71 20.95 1.49 32.67
N VAL D 72 20.44 1.13 31.50
CA VAL D 72 19.01 1.08 31.24
C VAL D 72 18.71 -0.36 30.84
N PHE D 73 17.99 -1.08 31.69
CA PHE D 73 17.64 -2.46 31.42
C PHE D 73 16.23 -2.54 30.86
N LEU D 74 16.07 -3.35 29.82
CA LEU D 74 14.80 -3.49 29.13
C LEU D 74 14.17 -4.81 29.54
N GLY D 75 12.86 -4.78 29.76
CA GLY D 75 12.12 -5.98 30.15
C GLY D 75 11.57 -6.71 28.95
N VAL D 76 11.67 -8.04 28.99
CA VAL D 76 11.21 -8.86 27.88
C VAL D 76 9.72 -9.11 28.03
N VAL D 77 8.97 -8.78 26.99
CA VAL D 77 7.52 -8.99 26.97
C VAL D 77 7.15 -10.29 26.29
N SER D 78 7.89 -10.68 25.26
CA SER D 78 7.60 -11.88 24.50
C SER D 78 8.88 -12.35 23.82
N ALA D 79 8.89 -13.62 23.44
CA ALA D 79 10.06 -14.22 22.83
C ALA D 79 9.65 -15.29 21.83
N LYS D 80 10.33 -15.31 20.69
CA LYS D 80 10.11 -16.31 19.67
C LYS D 80 11.39 -16.51 18.88
N TYR D 81 11.54 -17.69 18.29
CA TYR D 81 12.67 -17.99 17.42
C TYR D 81 12.27 -17.62 15.99
N LYS D 82 13.11 -16.82 15.34
CA LYS D 82 13.01 -16.54 13.91
C LYS D 82 14.26 -17.11 13.23
N GLY D 83 14.14 -18.31 12.70
CA GLY D 83 15.32 -18.98 12.16
C GLY D 83 16.30 -19.29 13.27
N VAL D 84 17.56 -18.86 13.10
CA VAL D 84 18.56 -19.13 14.11
C VAL D 84 18.69 -18.01 15.12
N ASN D 85 17.85 -16.98 15.04
CA ASN D 85 17.89 -15.85 15.95
C ASN D 85 16.65 -15.86 16.84
N LEU D 86 16.84 -15.46 18.10
CA LEU D 86 15.73 -15.21 19.01
C LEU D 86 15.25 -13.77 18.80
N VAL D 87 13.95 -13.59 18.64
CA VAL D 87 13.34 -12.27 18.51
C VAL D 87 12.56 -12.01 19.79
N LEU D 88 13.07 -11.09 20.62
CA LEU D 88 12.50 -10.79 21.92
C LEU D 88 11.86 -9.41 21.90
N LYS D 89 10.54 -9.38 22.01
CA LYS D 89 9.83 -8.11 22.21
C LYS D 89 10.15 -7.56 23.59
N VAL D 90 10.49 -6.28 23.65
CA VAL D 90 10.88 -5.62 24.89
C VAL D 90 9.86 -4.53 25.21
N ASN D 91 9.93 -4.03 26.44
CA ASN D 91 8.96 -3.08 26.94
C ASN D 91 9.27 -1.63 26.56
N GLN D 92 10.19 -1.43 25.61
CA GLN D 92 10.61 -0.09 25.23
C GLN D 92 11.08 -0.09 23.78
N VAL D 93 10.71 0.96 23.06
CA VAL D 93 11.14 1.16 21.69
C VAL D 93 12.46 1.90 21.70
N ASN D 94 13.39 1.47 20.85
CA ASN D 94 14.69 2.12 20.73
C ASN D 94 14.48 3.54 20.21
N PRO D 95 14.74 4.57 21.01
CA PRO D 95 14.54 5.94 20.52
C PRO D 95 15.44 6.29 19.35
N ASN D 96 16.50 5.52 19.11
CA ASN D 96 17.45 5.78 18.04
C ASN D 96 17.38 4.73 16.93
N THR D 97 16.20 4.18 16.68
CA THR D 97 16.04 3.23 15.59
C THR D 97 16.25 3.94 14.27
N PRO D 98 17.24 3.56 13.46
CA PRO D 98 17.43 4.22 12.16
C PRO D 98 16.57 3.62 11.06
N ALA D 99 16.28 4.45 10.06
CA ALA D 99 15.68 3.94 8.84
C ALA D 99 16.57 2.85 8.26
N HIS D 100 15.98 1.71 7.93
CA HIS D 100 16.78 0.57 7.55
C HIS D 100 15.96 -0.42 6.74
N LYS D 101 16.68 -1.30 6.05
CA LYS D 101 16.11 -2.45 5.35
C LYS D 101 16.96 -3.67 5.67
N PHE D 102 16.50 -4.83 5.21
CA PHE D 102 17.19 -6.10 5.40
C PHE D 102 17.50 -6.69 4.03
N LYS D 103 18.69 -7.29 3.91
CA LYS D 103 19.05 -7.98 2.68
C LYS D 103 20.18 -8.95 2.99
N SER D 104 20.40 -9.87 2.05
CA SER D 104 21.48 -10.86 2.14
C SER D 104 22.61 -10.44 1.21
N VAL D 105 23.83 -10.64 1.66
CA VAL D 105 25.00 -10.40 0.80
C VAL D 105 25.26 -11.66 -0.01
N LYS D 106 25.82 -11.47 -1.20
CA LYS D 106 26.16 -12.57 -2.08
C LYS D 106 27.67 -12.75 -2.13
N PRO D 107 28.14 -13.90 -2.62
CA PRO D 107 29.60 -14.12 -2.70
C PRO D 107 30.28 -12.97 -3.44
N GLY D 108 31.45 -12.55 -2.92
CA GLY D 108 32.21 -11.48 -3.50
C GLY D 108 31.84 -10.09 -3.04
N GLU D 109 30.70 -9.92 -2.38
CA GLU D 109 30.26 -8.62 -1.94
C GLU D 109 30.87 -8.26 -0.58
N SER D 110 31.19 -6.99 -0.42
CA SER D 110 31.80 -6.48 0.81
C SER D 110 30.73 -5.85 1.69
N PHE D 111 30.98 -5.87 3.00
CA PHE D 111 30.11 -5.19 3.96
C PHE D 111 30.95 -4.89 5.20
N ASN D 112 30.33 -4.17 6.14
CA ASN D 112 31.02 -3.68 7.32
C ASN D 112 30.60 -4.49 8.55
N ILE D 113 31.56 -4.78 9.42
CA ILE D 113 31.30 -5.46 10.68
C ILE D 113 31.53 -4.47 11.81
N LEU D 114 30.51 -4.28 12.65
CA LEU D 114 30.65 -3.55 13.90
C LEU D 114 30.91 -4.58 14.99
N ALA D 115 32.19 -4.81 15.30
CA ALA D 115 32.56 -5.82 16.29
C ALA D 115 32.20 -5.30 17.68
N CYS D 116 31.28 -6.00 18.35
CA CYS D 116 30.81 -5.62 19.67
C CYS D 116 31.15 -6.71 20.67
N TYR D 117 31.46 -6.30 21.89
CA TYR D 117 31.91 -7.21 22.95
C TYR D 117 30.95 -7.06 24.13
N GLU D 118 30.04 -8.01 24.27
CA GLU D 118 29.06 -8.03 25.35
C GLU D 118 28.29 -6.71 25.44
N GLY D 119 27.77 -6.28 24.29
CA GLY D 119 26.92 -5.11 24.22
C GLY D 119 27.63 -3.79 24.02
N CYS D 120 28.97 -3.78 24.04
CA CYS D 120 29.72 -2.55 23.87
C CYS D 120 30.34 -2.51 22.48
N PRO D 121 29.90 -1.63 21.58
CA PRO D 121 30.58 -1.49 20.29
C PRO D 121 32.07 -1.23 20.48
N GLY D 122 32.91 -2.08 19.89
CA GLY D 122 34.33 -2.03 20.15
C GLY D 122 35.19 -1.61 18.97
N SER D 123 34.82 -2.05 17.77
CA SER D 123 35.61 -1.76 16.59
C SER D 123 34.75 -1.97 15.36
N VAL D 124 35.26 -1.51 14.23
CA VAL D 124 34.58 -1.60 12.94
C VAL D 124 35.61 -1.87 11.86
N TYR D 125 35.30 -2.79 10.97
CA TYR D 125 36.22 -3.15 9.90
C TYR D 125 35.44 -3.74 8.74
N GLY D 126 36.03 -3.64 7.55
CA GLY D 126 35.41 -4.16 6.36
C GLY D 126 35.79 -5.61 6.10
N VAL D 127 34.86 -6.37 5.54
CA VAL D 127 35.04 -7.78 5.23
C VAL D 127 34.46 -8.05 3.84
N ASN D 128 34.60 -9.29 3.40
CA ASN D 128 34.09 -9.72 2.10
C ASN D 128 33.52 -11.12 2.23
N MET D 129 32.33 -11.32 1.68
CA MET D 129 31.68 -12.62 1.73
C MET D 129 32.38 -13.60 0.79
N ARG D 130 32.74 -14.76 1.32
CA ARG D 130 33.40 -15.80 0.54
C ARG D 130 32.36 -16.70 -0.16
N SER D 131 32.85 -17.52 -1.09
CA SER D 131 31.96 -18.35 -1.88
C SER D 131 31.16 -19.31 -1.01
N GLN D 132 31.78 -19.84 0.04
CA GLN D 132 31.15 -20.84 0.89
C GLN D 132 30.31 -20.21 2.00
N GLY D 133 30.00 -18.92 1.89
CA GLY D 133 29.13 -18.29 2.87
C GLY D 133 29.82 -17.88 4.15
N THR D 134 31.14 -17.83 4.16
CA THR D 134 31.91 -17.45 5.34
C THR D 134 32.62 -16.12 5.09
N ILE D 135 33.13 -15.54 6.17
CA ILE D 135 33.98 -14.35 6.11
C ILE D 135 35.23 -14.63 6.94
N LYS D 136 36.32 -13.97 6.58
CA LYS D 136 37.57 -14.05 7.31
C LYS D 136 37.68 -12.77 8.14
N GLY D 137 37.05 -12.79 9.32
CA GLY D 137 37.05 -11.63 10.19
C GLY D 137 37.90 -11.80 11.43
N SER D 138 37.49 -11.16 12.52
CA SER D 138 38.21 -11.24 13.80
C SER D 138 37.16 -11.27 14.92
N PHE D 139 36.71 -12.47 15.26
CA PHE D 139 35.71 -12.67 16.31
C PHE D 139 36.29 -13.52 17.43
N ILE D 140 35.95 -13.19 18.66
CA ILE D 140 36.37 -13.95 19.83
C ILE D 140 35.14 -14.20 20.71
N ALA D 141 35.36 -14.77 21.89
CA ALA D 141 34.25 -15.00 22.80
C ALA D 141 33.52 -13.69 23.11
N GLY D 142 32.20 -13.77 23.18
CA GLY D 142 31.38 -12.62 23.51
C GLY D 142 31.04 -11.71 22.36
N THR D 143 31.50 -12.00 21.15
CA THR D 143 31.24 -11.15 19.99
C THR D 143 30.08 -11.63 19.15
N CYS D 144 29.48 -12.78 19.48
CA CYS D 144 28.28 -13.20 18.77
C CYS D 144 27.20 -12.13 18.92
N GLY D 145 26.39 -11.99 17.87
CA GLY D 145 25.45 -10.89 17.79
C GLY D 145 26.01 -9.64 17.15
N SER D 146 27.33 -9.55 16.99
CA SER D 146 27.92 -8.47 16.20
C SER D 146 27.23 -8.39 14.85
N VAL D 147 26.83 -7.18 14.48
CA VAL D 147 26.02 -6.97 13.29
C VAL D 147 26.91 -6.53 12.14
N GLY D 148 26.62 -7.05 10.95
CA GLY D 148 27.21 -6.56 9.72
C GLY D 148 26.21 -5.67 8.99
N TYR D 149 26.72 -4.64 8.33
CA TYR D 149 25.84 -3.67 7.69
C TYR D 149 26.52 -3.12 6.44
N VAL D 150 25.69 -2.53 5.57
CA VAL D 150 26.18 -1.84 4.40
C VAL D 150 25.25 -0.66 4.12
N LEU D 151 25.83 0.45 3.69
CA LEU D 151 25.10 1.65 3.29
C LEU D 151 25.21 1.81 1.78
N GLU D 152 24.07 1.83 1.09
CA GLU D 152 24.03 1.99 -0.35
C GLU D 152 23.02 3.07 -0.70
N ASN D 153 23.48 4.11 -1.38
CA ASN D 153 22.63 5.22 -1.81
C ASN D 153 21.75 5.72 -0.67
N GLY D 154 22.38 5.89 0.50
CA GLY D 154 21.66 6.39 1.65
C GLY D 154 20.69 5.43 2.28
N ILE D 155 20.82 4.13 2.03
CA ILE D 155 19.96 3.11 2.62
C ILE D 155 20.84 2.24 3.51
N LEU D 156 20.46 2.12 4.78
CA LEU D 156 21.13 1.22 5.71
C LEU D 156 20.55 -0.18 5.58
N TYR D 157 21.42 -1.17 5.36
CA TYR D 157 21.02 -2.57 5.33
C TYR D 157 21.70 -3.32 6.47
N PHE D 158 20.90 -3.99 7.31
CA PHE D 158 21.41 -4.99 8.23
C PHE D 158 21.45 -6.31 7.48
N VAL D 159 22.62 -6.95 7.42
CA VAL D 159 22.81 -8.11 6.56
C VAL D 159 23.53 -9.27 7.25
N TYR D 160 23.97 -9.11 8.49
CA TYR D 160 24.79 -10.15 9.10
C TYR D 160 24.71 -10.07 10.62
N MET D 161 24.67 -11.24 11.25
CA MET D 161 24.80 -11.38 12.69
C MET D 161 25.70 -12.56 12.96
N HIS D 162 26.74 -12.37 13.78
CA HIS D 162 27.75 -13.39 13.95
C HIS D 162 27.28 -14.47 14.91
N HIS D 163 27.58 -15.73 14.58
CA HIS D 163 27.11 -16.87 15.35
C HIS D 163 28.22 -17.78 15.82
N LEU D 164 29.18 -18.12 14.96
CA LEU D 164 30.19 -19.09 15.34
C LEU D 164 31.38 -18.99 14.38
N GLU D 165 32.44 -19.73 14.73
CA GLU D 165 33.66 -19.80 13.96
C GLU D 165 33.99 -21.26 13.69
N LEU D 166 34.30 -21.58 12.44
CA LEU D 166 34.61 -22.95 12.06
C LEU D 166 36.03 -23.31 12.48
N GLY D 167 36.36 -24.60 12.34
CA GLY D 167 37.66 -25.09 12.78
C GLY D 167 38.82 -24.51 12.00
N ASN D 168 38.59 -24.13 10.74
CA ASN D 168 39.63 -23.56 9.91
C ASN D 168 39.79 -22.06 10.10
N GLY D 169 39.08 -21.48 11.07
CA GLY D 169 39.13 -20.05 11.34
C GLY D 169 38.10 -19.24 10.60
N SER D 170 37.43 -19.82 9.62
CA SER D 170 36.37 -19.12 8.89
C SER D 170 35.20 -18.85 9.81
N HIS D 171 34.62 -17.66 9.68
CA HIS D 171 33.53 -17.19 10.56
C HIS D 171 32.19 -17.42 9.86
N VAL D 172 31.15 -17.72 10.63
CA VAL D 172 29.81 -18.02 10.08
C VAL D 172 28.83 -17.14 10.87
N GLY D 173 27.80 -16.61 10.23
CA GLY D 173 26.78 -15.78 10.88
C GLY D 173 25.55 -15.86 10.04
N SER D 174 24.46 -15.13 10.32
CA SER D 174 23.22 -15.31 9.57
C SER D 174 22.79 -13.94 9.08
N ASN D 175 21.84 -13.92 8.16
CA ASN D 175 21.16 -12.67 7.85
C ASN D 175 20.18 -12.34 8.99
N LEU D 176 19.48 -11.21 8.86
CA LEU D 176 18.58 -10.78 9.93
C LEU D 176 17.23 -11.46 9.88
N GLU D 177 16.94 -12.23 8.82
CA GLU D 177 15.79 -13.11 8.79
C GLU D 177 16.03 -14.41 9.53
N GLY D 178 17.26 -14.67 9.95
CA GLY D 178 17.60 -15.89 10.67
C GLY D 178 18.09 -17.02 9.80
N GLU D 179 18.44 -16.76 8.55
CA GLU D 179 19.00 -17.77 7.66
C GLU D 179 20.52 -17.75 7.76
N MET D 180 21.10 -18.84 8.26
CA MET D 180 22.55 -18.92 8.35
C MET D 180 23.16 -18.91 6.96
N TYR D 181 24.15 -18.04 6.76
CA TYR D 181 24.86 -18.02 5.48
C TYR D 181 25.54 -19.36 5.25
N GLY D 182 25.55 -19.80 3.99
CA GLY D 182 26.17 -21.05 3.63
C GLY D 182 25.45 -22.29 4.12
N GLY D 183 24.34 -22.14 4.84
CA GLY D 183 23.59 -23.28 5.32
C GLY D 183 24.19 -23.99 6.50
N TYR D 184 25.24 -23.43 7.11
CA TYR D 184 25.86 -24.06 8.27
C TYR D 184 24.86 -24.12 9.43
N GLU D 185 25.12 -25.04 10.37
CA GLU D 185 24.26 -25.23 11.52
C GLU D 185 24.92 -24.67 12.77
N ASP D 186 24.10 -24.06 13.63
CA ASP D 186 24.57 -23.49 14.90
C ASP D 186 24.62 -24.59 15.97
N GLN D 187 25.49 -25.55 15.75
CA GLN D 187 25.72 -26.68 16.63
C GLN D 187 27.21 -26.89 16.80
N PRO D 188 27.64 -27.51 17.90
CA PRO D 188 29.08 -27.75 18.10
C PRO D 188 29.61 -28.87 17.22
N SER D 189 28.86 -29.24 16.19
CA SER D 189 29.28 -30.28 15.27
C SER D 189 30.40 -29.77 14.36
N MET D 190 31.21 -30.71 13.86
CA MET D 190 32.34 -30.37 13.00
C MET D 190 31.86 -30.14 11.57
N GLN D 191 31.13 -29.03 11.39
CA GLN D 191 30.77 -28.60 10.04
C GLN D 191 32.04 -28.22 9.28
N LEU D 192 32.10 -28.62 8.01
CA LEU D 192 33.28 -28.45 7.18
C LEU D 192 33.02 -27.43 6.08
N GLU D 193 34.04 -26.65 5.75
CA GLU D 193 33.98 -25.68 4.66
C GLU D 193 34.68 -26.23 3.43
N GLY D 194 34.03 -26.12 2.28
CA GLY D 194 34.58 -26.59 1.02
C GLY D 194 35.63 -25.66 0.46
N THR D 195 36.06 -25.97 -0.76
CA THR D 195 37.04 -25.15 -1.44
C THR D 195 36.48 -23.76 -1.69
N ASN D 196 37.25 -22.74 -1.29
CA ASN D 196 36.85 -21.35 -1.49
C ASN D 196 37.12 -20.93 -2.92
N VAL D 197 36.13 -20.30 -3.54
CA VAL D 197 36.23 -19.84 -4.93
C VAL D 197 36.50 -18.34 -4.91
N MET D 198 37.72 -17.96 -5.29
CA MET D 198 38.10 -16.55 -5.31
C MET D 198 37.31 -15.82 -6.40
N SER D 199 36.86 -14.61 -6.07
CA SER D 199 36.07 -13.82 -7.00
C SER D 199 37.02 -13.14 -8.00
N SER D 200 37.01 -13.63 -9.24
CA SER D 200 37.83 -13.02 -10.28
C SER D 200 37.37 -11.59 -10.56
N ASP D 201 36.06 -11.36 -10.51
CA ASP D 201 35.52 -10.01 -10.71
C ASP D 201 36.17 -9.04 -9.74
N ASN D 202 36.31 -9.44 -8.48
CA ASN D 202 36.95 -8.58 -7.48
C ASN D 202 38.46 -8.52 -7.68
N VAL D 203 39.06 -9.63 -8.14
CA VAL D 203 40.49 -9.66 -8.36
C VAL D 203 40.89 -8.71 -9.49
N VAL D 204 40.04 -8.57 -10.50
CA VAL D 204 40.34 -7.63 -11.58
C VAL D 204 40.51 -6.22 -11.02
N ALA D 205 39.55 -5.78 -10.20
CA ALA D 205 39.66 -4.46 -9.59
C ALA D 205 40.95 -4.34 -8.76
N PHE D 206 41.32 -5.41 -8.06
CA PHE D 206 42.54 -5.38 -7.25
C PHE D 206 43.75 -5.06 -8.10
N LEU D 207 43.87 -5.68 -9.28
CA LEU D 207 45.02 -5.41 -10.14
C LEU D 207 44.96 -4.02 -10.73
N TYR D 208 43.76 -3.55 -11.13
CA TYR D 208 43.62 -2.18 -11.60
C TYR D 208 44.05 -1.18 -10.53
N ALA D 209 43.63 -1.40 -9.29
CA ALA D 209 43.96 -0.48 -8.20
C ALA D 209 45.47 -0.37 -8.01
N ALA D 210 46.19 -1.50 -8.04
CA ALA D 210 47.63 -1.44 -7.88
C ALA D 210 48.27 -0.55 -8.94
N LEU D 211 47.83 -0.70 -10.19
CA LEU D 211 48.38 0.12 -11.28
C LEU D 211 48.11 1.60 -11.04
N ILE D 212 46.88 1.95 -10.62
CA ILE D 212 46.55 3.34 -10.37
C ILE D 212 47.51 3.93 -9.34
N ASN D 213 47.85 3.16 -8.30
CA ASN D 213 48.77 3.65 -7.30
C ASN D 213 50.18 3.79 -7.88
N GLY D 214 50.60 2.82 -8.69
CA GLY D 214 51.90 2.86 -9.33
C GLY D 214 52.55 1.51 -9.37
N GLU D 215 51.89 0.50 -8.80
CA GLU D 215 52.41 -0.85 -8.78
C GLU D 215 52.07 -1.58 -10.07
N TRP D 217 53.33 -2.69 -12.61
CA TRP D 217 54.68 -3.03 -13.05
C TRP D 217 54.76 -4.50 -13.43
N PHE D 218 53.89 -5.31 -12.86
CA PHE D 218 53.90 -6.76 -13.05
C PHE D 218 53.05 -7.21 -14.22
N VAL D 219 52.40 -6.29 -14.93
CA VAL D 219 51.45 -6.64 -15.99
C VAL D 219 52.17 -6.71 -17.32
N ALA D 222 50.34 -8.89 -23.23
CA ALA D 222 49.67 -10.19 -23.28
C ALA D 222 48.19 -10.02 -22.92
N SER D 223 47.34 -10.93 -23.40
CA SER D 223 45.92 -10.87 -23.10
C SER D 223 45.36 -12.29 -23.07
N MET D 224 44.16 -12.41 -22.49
CA MET D 224 43.46 -13.69 -22.37
C MET D 224 41.98 -13.44 -22.57
N SER D 225 41.35 -14.25 -23.42
CA SER D 225 39.93 -14.07 -23.72
C SER D 225 39.09 -14.30 -22.46
N LEU D 226 37.91 -13.67 -22.44
CA LEU D 226 37.06 -13.79 -21.26
C LEU D 226 36.28 -15.11 -21.26
N GLU D 227 35.85 -15.57 -22.43
CA GLU D 227 35.19 -16.87 -22.49
C GLU D 227 36.17 -18.00 -22.20
N SER D 228 37.37 -17.91 -22.77
CA SER D 228 38.39 -18.93 -22.52
C SER D 228 38.90 -18.86 -21.09
N TYR D 229 39.17 -17.65 -20.60
CA TYR D 229 39.65 -17.50 -19.23
C TYR D 229 38.63 -18.01 -18.23
N ASN D 230 37.34 -17.69 -18.44
CA ASN D 230 36.33 -18.14 -17.50
C ASN D 230 36.29 -19.65 -17.41
N ALA D 231 36.42 -20.33 -18.55
CA ALA D 231 36.46 -21.79 -18.53
C ALA D 231 37.76 -22.31 -17.94
N TRP D 232 38.88 -21.67 -18.28
CA TRP D 232 40.18 -22.07 -17.73
C TRP D 232 40.23 -21.75 -16.24
N ALA D 233 40.70 -22.72 -15.45
CA ALA D 233 40.76 -22.61 -13.99
C ALA D 233 39.38 -22.70 -13.35
N LYS D 234 38.31 -22.69 -14.13
CA LYS D 234 36.96 -22.72 -13.59
C LYS D 234 36.62 -24.01 -12.85
N THR D 235 37.46 -25.05 -12.96
CA THR D 235 37.16 -26.32 -12.30
C THR D 235 38.27 -26.66 -11.30
N SER D 237 40.11 -22.51 -7.93
CA SER D 237 39.24 -22.07 -9.02
C SER D 237 38.98 -20.58 -8.92
N PHE D 238 38.40 -20.02 -9.98
CA PHE D 238 37.95 -18.63 -10.02
C PHE D 238 36.49 -18.58 -10.43
N THR D 239 35.79 -17.55 -9.96
CA THR D 239 34.40 -17.37 -10.33
C THR D 239 34.30 -16.99 -11.80
N GLU D 240 33.09 -17.10 -12.34
CA GLU D 240 32.86 -16.77 -13.74
C GLU D 240 32.44 -15.32 -13.87
N ILE D 241 33.14 -14.59 -14.75
CA ILE D 241 32.78 -13.21 -15.06
C ILE D 241 31.59 -13.23 -16.00
N VAL D 242 30.49 -12.58 -15.60
CA VAL D 242 29.29 -12.59 -16.42
C VAL D 242 29.26 -11.46 -17.44
N SER D 243 30.03 -10.40 -17.22
CA SER D 243 30.04 -9.26 -18.12
C SER D 243 31.24 -8.38 -17.79
N THR D 244 31.79 -7.75 -18.83
CA THR D 244 32.87 -6.78 -18.66
C THR D 244 32.33 -5.37 -18.48
N ASP D 245 31.01 -5.19 -18.52
CA ASP D 245 30.40 -3.87 -18.39
C ASP D 245 30.44 -3.40 -16.94
N ALA D 246 31.64 -3.34 -16.36
CA ALA D 246 31.78 -2.84 -15.00
C ALA D 246 33.21 -2.40 -14.71
N PHE D 247 34.14 -2.71 -15.62
CA PHE D 247 35.53 -2.32 -15.49
C PHE D 247 35.93 -1.32 -16.56
N ASN D 248 34.95 -0.78 -17.31
CA ASN D 248 35.25 0.17 -18.36
C ASN D 248 36.04 1.36 -17.84
N MET D 249 35.60 1.92 -16.69
CA MET D 249 36.31 3.06 -16.12
C MET D 249 37.72 2.68 -15.71
N LEU D 250 37.86 1.56 -15.01
CA LEU D 250 39.17 1.09 -14.58
C LEU D 250 40.05 0.79 -15.79
N ALA D 252 39.54 2.09 -18.97
CA ALA D 252 39.58 3.40 -19.60
C ALA D 252 40.75 4.22 -19.08
N LYS D 253 40.85 4.32 -17.76
CA LYS D 253 41.93 5.09 -17.13
C LYS D 253 43.20 4.26 -17.05
N GLY D 255 46.06 2.77 -19.03
CA GLY D 255 44.94 2.05 -19.60
C GLY D 255 45.30 0.63 -20.02
N TYR D 256 44.72 -0.34 -19.34
CA TYR D 256 44.90 -1.75 -19.63
C TYR D 256 43.54 -2.42 -19.78
N SER D 257 43.43 -3.31 -20.75
CA SER D 257 42.17 -4.00 -20.99
C SER D 257 42.00 -5.16 -20.01
N VAL D 258 40.74 -5.54 -19.79
CA VAL D 258 40.46 -6.64 -18.87
C VAL D 258 41.19 -7.90 -19.30
N GLU D 259 41.28 -8.15 -20.60
CA GLU D 259 41.94 -9.35 -21.09
C GLU D 259 43.42 -9.37 -20.68
N LYS D 260 44.07 -8.20 -20.71
CA LYS D 260 45.45 -8.12 -20.22
C LYS D 260 45.54 -8.53 -18.76
N LEU D 261 44.64 -8.01 -17.92
CA LEU D 261 44.67 -8.34 -16.51
C LEU D 261 44.23 -9.77 -16.26
N LEU D 262 43.33 -10.29 -17.11
CA LEU D 262 42.96 -11.69 -17.01
C LEU D 262 44.15 -12.59 -17.25
N GLU D 263 45.02 -12.23 -18.19
CA GLU D 263 46.26 -12.98 -18.39
C GLU D 263 47.20 -12.81 -17.21
N CYS D 264 47.29 -11.58 -16.68
CA CYS D 264 48.14 -11.34 -15.52
C CYS D 264 47.68 -12.17 -14.34
N ILE D 265 46.38 -12.46 -14.26
CA ILE D 265 45.84 -13.23 -13.15
C ILE D 265 46.20 -14.71 -13.29
N VAL D 266 45.97 -15.27 -14.49
CA VAL D 266 46.25 -16.69 -14.70
C VAL D 266 47.71 -17.00 -14.44
N ARG D 267 48.60 -16.10 -14.83
CA ARG D 267 50.03 -16.31 -14.59
C ARG D 267 50.37 -16.11 -13.12
N LEU D 268 49.78 -15.09 -12.49
CA LEU D 268 50.06 -14.76 -11.09
C LEU D 268 49.46 -15.75 -10.10
N ASN D 269 48.57 -16.64 -10.53
CA ASN D 269 47.98 -17.59 -9.59
C ASN D 269 49.01 -18.54 -8.98
N LYS D 270 50.23 -18.57 -9.49
CA LYS D 270 51.27 -19.44 -8.95
C LYS D 270 52.21 -18.67 -8.04
N THR D 276 56.09 -7.00 -3.64
CA THR D 276 54.79 -7.62 -3.43
C THR D 276 53.70 -6.70 -3.98
N ILE D 277 52.67 -7.30 -4.60
CA ILE D 277 51.56 -6.51 -5.11
C ILE D 277 50.96 -5.73 -3.95
N LEU D 278 51.28 -4.43 -3.89
CA LEU D 278 50.78 -3.54 -2.83
C LEU D 278 50.92 -4.17 -1.46
N SER D 279 52.07 -4.79 -1.20
CA SER D 279 52.35 -5.39 0.10
C SER D 279 51.54 -6.67 0.31
N LEU D 283 47.43 -12.87 -4.41
CA LEU D 283 46.33 -12.22 -5.11
C LEU D 283 45.16 -12.01 -4.15
N CYS D 284 44.58 -10.81 -4.18
CA CYS D 284 43.51 -10.43 -3.27
C CYS D 284 42.20 -10.25 -4.04
N ASP D 285 41.14 -10.88 -3.54
CA ASP D 285 39.81 -10.78 -4.12
C ASP D 285 38.84 -10.14 -3.14
N GLU D 286 39.36 -9.34 -2.21
CA GLU D 286 38.56 -8.74 -1.15
C GLU D 286 38.03 -7.35 -1.51
N PHE D 287 38.50 -6.76 -2.61
CA PHE D 287 38.07 -5.43 -3.03
C PHE D 287 37.16 -5.56 -4.24
N THR D 288 35.95 -5.04 -4.13
CA THR D 288 35.01 -5.05 -5.24
C THR D 288 35.32 -3.93 -6.22
N PRO D 289 34.83 -4.03 -7.45
CA PRO D 289 35.02 -2.90 -8.39
C PRO D 289 34.51 -1.58 -7.84
N THR D 290 33.36 -1.59 -7.16
CA THR D 290 32.83 -0.36 -6.59
C THR D 290 33.73 0.17 -5.48
N GLU D 291 34.19 -0.72 -4.60
CA GLU D 291 35.06 -0.30 -3.50
C GLU D 291 36.30 0.41 -4.04
N VAL D 292 36.94 -0.16 -5.06
CA VAL D 292 38.16 0.42 -5.59
C VAL D 292 37.86 1.79 -6.19
N ILE D 293 36.86 1.87 -7.06
CA ILE D 293 36.55 3.12 -7.74
C ILE D 293 36.22 4.21 -6.73
N ARG D 294 35.50 3.87 -5.66
CA ARG D 294 35.07 4.89 -4.71
C ARG D 294 36.25 5.49 -3.95
N GLN D 295 37.25 4.69 -3.60
CA GLN D 295 38.37 5.22 -2.82
C GLN D 295 39.52 5.74 -3.67
N MET D 296 39.59 5.35 -4.94
CA MET D 296 40.53 5.98 -5.86
C MET D 296 39.95 7.24 -6.50
N TYR D 297 38.61 7.36 -6.54
CA TYR D 297 37.91 8.38 -7.32
C TYR D 297 36.51 8.58 -6.75
N GLY D 298 36.42 9.00 -5.48
CA GLY D 298 35.16 8.94 -4.76
C GLY D 298 34.10 9.96 -5.10
N VAL D 299 33.23 9.61 -6.03
CA VAL D 299 32.12 10.47 -6.43
C VAL D 299 30.81 9.81 -6.03
N GLN D 302 28.28 4.17 -0.80
CA GLN D 302 26.88 4.43 -1.11
C GLN D 302 26.62 4.26 -2.61
C7 YDL E . -2.86 -5.94 -30.53
C2 YDL E . -3.15 -10.86 -31.81
C9 YDL E . -2.90 -9.05 -34.67
C13 YDL E . -3.03 -6.16 -35.84
C18 YDL E . -4.26 -3.64 -37.50
C5 YDL E . -0.97 -7.14 -31.32
C12 YDL E . -3.77 -9.66 -36.86
C6 YDL E . -0.58 -5.64 -30.95
C10 YDL E . -2.93 -7.55 -37.79
C4 YDL E . -2.30 -7.14 -31.50
C8 YDL E . -3.79 -8.72 -35.95
C11 YDL E . -3.57 -8.89 -38.20
C16 YDL E . -0.20 -5.56 -35.90
C17 YDL E . -0.67 -3.16 -36.52
C20 YDL E . -1.25 -3.99 -34.21
C19 YDL E . -6.29 -2.66 -38.19
C3 YDL E . -3.04 -8.48 -31.13
C1 YDL E . -2.74 -9.45 -32.24
C14 YDL E . -2.47 -4.88 -36.47
C21 YDL E . -4.86 -8.64 -38.87
C15 YDL E . -1.17 -4.37 -35.75
N5 YDL E . -2.45 -11.55 -31.05
N1 YDL E . -1.87 -5.01 -30.45
N3 YDL E . -3.23 -7.34 -36.56
N2 YDL E . -3.52 -9.16 -33.47
N4 YDL E . -3.55 -3.89 -36.39
O1 YDL E . -3.96 -5.91 -30.00
O2 YDL E . -1.74 -9.17 -34.78
O3 YDL E . -3.32 -6.13 -34.73
O4 YDL E . -4.32 -4.44 -38.34
O5 YDL E . -5.01 -2.46 -37.61
F1 YDL E . -5.67 -7.92 -38.03
F2 YDL E . -4.65 -7.93 -40.04
F3 YDL E . -5.43 -9.86 -39.16
H5 YDL E . -0.48 -7.46 -32.23
H4 YDL E . -0.72 -7.82 -30.49
H15 YDL E . -4.73 -10.22 -36.87
H14 YDL E . -2.91 -10.34 -36.68
H6 YDL E . 0.18 -5.62 -30.16
H7 YDL E . -0.22 -5.11 -31.85
H11 YDL E . -3.33 -6.75 -38.40
H12 YDL E . -1.87 -7.60 -37.91
H3 YDL E . -2.46 -6.93 -32.55
H9 YDL E . -4.84 -8.64 -35.70
H13 YDL E . -2.92 -9.45 -38.85
H18 YDL E . 0.81 -5.22 -35.70
H17 YDL E . -0.26 -5.95 -36.92
H19 YDL E . -0.48 -6.34 -35.20
H21 YDL E . 0.23 -2.77 -36.05
H22 YDL E . -1.44 -2.39 -36.53
H20 YDL E . -0.45 -3.45 -37.55
H29 YDL E . -0.23 -3.81 -33.83
H27 YDL E . -1.70 -4.82 -33.64
H28 YDL E . -1.85 -3.09 -34.08
H24 YDL E . -6.85 -1.76 -38.11
H25 YDL E . -6.80 -3.45 -37.68
H26 YDL E . -6.17 -2.92 -39.23
H1 YDL E . -2.66 -8.86 -30.18
H2 YDL E . -4.10 -8.32 -31.05
H30 YDL E . -1.66 -9.38 -32.45
H16 YDL E . -2.17 -5.07 -37.48
H8 YDL E . -1.78 -4.27 -29.76
H10 YDL E . -4.50 -9.06 -33.40
H23 YDL E . -3.74 -3.40 -35.53
H32 YDL E . -1.59 -11.18 -30.71
C7 YDL F . -16.12 -1.91 5.07
C2 YDL F . -17.10 -6.46 7.09
C9 YDL F . -16.72 -4.35 9.73
C13 YDL F . -15.77 -1.53 10.58
C18 YDL F . -13.97 0.78 12.02
C5 YDL F . -18.13 -2.37 6.24
C12 YDL F . -16.08 -4.94 11.99
C6 YDL F . -18.16 -0.90 5.60
C10 YDL F . -16.29 -2.58 12.65
C4 YDL F . -16.83 -2.70 6.30
C8 YDL F . -15.76 -4.16 10.99
C11 YDL F . -16.07 -3.99 13.24
C16 YDL F . -17.61 1.76 11.01
C17 YDL F . -16.44 1.31 8.88
C20 YDL F . -18.07 -0.45 9.62
C19 YDL F . -12.19 1.49 13.27
C3 YDL F . -16.56 -4.25 6.14
C1 YDL F . -17.07 -4.95 7.37
C14 YDL F . -15.97 -0.08 11.01
C21 YDL F . -14.78 -4.04 13.94
C15 YDL F . -17.01 0.63 10.10
N5 YDL F . -18.03 -7.01 6.49
N1 YDL F . -16.84 -0.77 4.89
N3 YDL F . -15.92 -2.62 11.43
N2 YDL F . -16.20 -4.78 8.55
N4 YDL F . -14.67 0.59 10.91
O1 YDL F . -15.14 -2.27 4.46
O2 YDL F . -17.88 -4.12 9.84
O3 YDL F . -15.47 -1.69 9.47
O4 YDL F . -14.19 0.10 12.95
O5 YDL F . -12.94 1.71 12.10
F1 YDL F . -14.60 -5.33 14.39
F2 YDL F . -13.79 -3.68 13.06
F3 YDL F . -14.81 -3.17 15.01
H5 YDL F . -18.57 -2.36 7.24
H4 YDL F . -18.66 -3.07 5.60
H15 YDL F . -15.32 -5.73 12.11
H14 YDL F . -17.09 -5.37 11.85
H6 YDL F . -18.99 -0.81 4.89
H7 YDL F . -18.24 -0.14 6.39
H11 YDL F . -15.68 -1.86 13.19
H12 YDL F . -17.33 -2.31 12.71
H3 YDL F . -16.48 -2.38 7.27
H9 YDL F . -14.75 -4.41 10.77
H13 YDL F . -16.87 -4.26 13.90
H18 YDL F . -18.36 2.31 10.44
H17 YDL F . -16.81 2.42 11.31
H19 YDL F . -18.07 1.31 11.89
H21 YDL F . -15.61 0.71 8.48
H22 YDL F . -16.07 2.30 9.15
H20 YDL F . -17.21 1.41 8.12
H29 YDL F . -17.63 -1.05 8.81
H27 YDL F . -18.97 0.06 9.24
H28 YDL F . -18.35 -1.10 10.46
H24 YDL F . -11.83 0.48 13.30
H25 YDL F . -12.81 1.66 14.13
H26 YDL F . -11.36 2.16 13.30
H1 YDL F . -17.07 -4.63 5.26
H2 YDL F . -15.48 -4.42 6.05
H30 YDL F . -18.07 -4.53 7.59
H16 YDL F . -16.33 -0.04 12.03
H8 YDL F . -16.82 -0.18 4.06
H10 YDL F . -15.23 -4.96 8.48
H23 YDL F . -14.32 0.91 10.01
H32 YDL F . -18.83 -6.47 6.17
C7 YDL G . -19.65 23.08 27.39
C2 YDL G . -22.83 22.89 23.40
C9 YDL G . -23.79 20.39 25.53
C13 YDL G . -22.94 18.79 28.04
C18 YDL G . -21.85 16.25 29.66
C5 YDL G . -21.94 23.70 27.51
C12 YDL G . -24.94 18.31 24.98
C6 YDL G . -21.18 24.00 28.89
C10 YDL G . -24.90 17.64 27.35
C4 YDL G . -21.18 22.80 26.87
C8 YDL G . -23.87 18.80 25.56
C11 YDL G . -25.47 17.23 25.98
C16 YDL G . -24.01 20.63 30.08
C17 YDL G . -23.11 19.26 31.87
C20 YDL G . -21.47 20.40 30.18
C19 YDL G . -20.59 14.34 29.20
C3 YDL G . -21.25 22.93 25.30
C1 YDL G . -22.61 22.46 24.85
C14 YDL G . -22.94 18.40 29.51
C21 YDL G . -24.95 15.90 25.61
C15 YDL G . -22.85 19.65 30.43
N5 YDL G . -23.30 23.99 23.10
N1 YDL G . -19.74 23.58 28.65
N3 YDL G . -23.87 18.36 27.11
N2 YDL G . -22.75 20.99 24.89
N4 YDL G . -21.73 17.58 29.66
O1 YDL G . -18.64 22.88 26.74
O2 YDL G . -24.61 21.02 26.10
O3 YDL G . -22.08 19.45 27.62
O4 YDL G . -22.80 15.78 29.18
O5 YDL G . -20.82 15.42 30.09
F1 YDL G . -23.58 15.94 25.60
F2 YDL G . -25.38 14.97 26.55
F3 YDL G . -25.45 15.58 24.38
H5 YDL G . -22.92 23.27 27.71
H4 YDL G . -22.01 24.61 26.92
H15 YDL G . -24.68 17.85 24.01
H14 YDL G . -25.70 19.11 24.84
H6 YDL G . -21.23 25.08 29.12
H7 YDL G . -21.62 23.40 29.71
H11 YDL G . -24.61 16.77 27.90
H12 YDL G . -25.62 18.21 27.89
H3 YDL G . -21.52 21.81 27.16
H9 YDL G . -23.06 18.35 25.00
H13 YDL G . -26.53 17.24 25.99
H18 YDL G . -23.74 21.23 29.21
H17 YDL G . -24.19 21.29 30.94
H19 YDL G . -24.91 20.06 29.86
H21 YDL G . -22.42 19.80 32.52
H22 YDL G . -22.94 18.19 31.98
H20 YDL G . -24.14 19.50 32.13
H29 YDL G . -21.34 20.57 29.10
H27 YDL G . -20.65 19.77 30.55
H28 YDL G . -21.47 21.36 30.70
H24 YDL G . -19.64 13.89 29.42
H25 YDL G . -20.59 14.70 28.19
H26 YDL G . -21.36 13.60 29.31
H1 YDL G . -21.10 23.97 25.01
H2 YDL G . -20.48 22.31 24.85
H30 YDL G . -23.36 22.91 25.54
H16 YDL G . -23.85 17.87 29.80
H8 YDL G . -19.22 23.28 29.46
H10 YDL G . -22.06 20.43 24.43
H23 YDL G . -20.81 18.02 29.76
H32 YDL G . -23.56 24.64 23.83
C7 YDL H . 34.10 -17.40 17.62
C2 YDL H . 29.84 -15.96 20.10
C9 YDL H . 29.75 -19.37 19.66
C13 YDL H . 31.27 -21.51 18.25
C18 YDL H . 32.28 -24.41 16.46
C5 YDL H . 33.76 -17.77 19.94
C12 YDL H . 27.88 -20.94 19.64
C6 YDL H . 35.21 -18.30 19.48
C10 YDL H . 29.57 -22.68 19.48
C4 YDL H . 33.03 -17.70 18.82
C8 YDL H . 28.89 -20.51 18.95
C11 YDL H . 28.06 -22.49 19.70
C16 YDL H . 34.71 -23.46 18.82
C17 YDL H . 34.38 -21.31 17.76
C20 YDL H . 33.88 -21.53 20.21
C19 YDL H . 32.56 -26.06 14.73
C3 YDL H . 31.90 -16.59 18.89
C1 YDL H . 30.78 -17.13 19.74
C14 YDL H . 32.31 -22.64 18.27
C21 YDL H . 27.38 -23.22 18.64
C15 YDL H . 33.75 -22.24 18.79
N5 YDL H . 29.90 -15.35 21.17
N1 YDL H . 35.28 -17.98 18.01
N3 YDL H . 30.02 -21.66 18.84
N2 YDL H . 29.96 -18.17 19.07
N4 YDL H . 32.65 -23.20 16.93
O1 YDL H . 33.88 -16.80 16.59
O2 YDL H . 30.23 -19.61 20.72
O3 YDL H . 31.55 -20.51 17.75
O4 YDL H . 31.31 -24.94 16.82
O5 YDL H . 33.13 -25.03 15.52
F1 YDL H . 27.59 -24.58 18.80
F2 YDL H . 26.03 -22.94 18.71
F3 YDL H . 27.90 -22.84 17.42
H5 YDL H . 33.31 -18.49 20.63
H4 YDL H . 33.85 -16.79 20.39
H15 YDL H . 26.92 -20.69 19.12
H14 YDL H . 27.89 -20.50 20.66
H6 YDL H . 36.00 -17.76 20.03
H7 YDL H . 35.29 -19.39 19.64
H11 YDL H . 29.73 -23.56 18.89
H12 YDL H . 30.06 -22.76 20.42
H3 YDL H . 32.54 -18.65 18.65
H9 YDL H . 28.41 -20.22 18.03
H13 YDL H . 27.70 -22.79 20.66
H18 YDL H . 34.66 -23.93 19.81
H17 YDL H . 35.73 -23.14 18.61
H19 YDL H . 34.39 -24.19 18.07
H21 YDL H . 35.17 -20.72 18.22
H22 YDL H . 33.62 -20.65 17.36
H20 YDL H . 34.80 -21.92 16.95
H29 YDL H . 34.90 -21.66 20.60
H27 YDL H . 33.15 -21.97 20.91
H28 YDL H . 33.67 -20.46 20.11
H24 YDL H . 33.31 -26.50 14.11
H25 YDL H . 31.79 -25.65 14.12
H26 YDL H . 32.13 -26.81 15.37
H1 YDL H . 32.31 -15.68 19.32
H2 YDL H . 31.54 -16.38 17.88
H30 YDL H . 31.24 -17.57 20.63
H16 YDL H . 31.78 -23.34 18.91
H8 YDL H . 35.87 -18.57 17.44
H10 YDL H . 29.57 -17.98 18.17
H23 YDL H . 33.23 -22.62 16.32
H32 YDL H . 30.57 -15.61 21.87
#